data_1HQ8
# 
_entry.id   1HQ8 
# 
_audit_conform.dict_name       mmcif_pdbx.dic 
_audit_conform.dict_version    5.397 
_audit_conform.dict_location   http://mmcif.pdb.org/dictionaries/ascii/mmcif_pdbx.dic 
# 
loop_
_database_2.database_id 
_database_2.database_code 
_database_2.pdbx_database_accession 
_database_2.pdbx_DOI 
PDB   1HQ8         pdb_00001hq8 10.2210/pdb1hq8/pdb 
RCSB  RCSB012511   ?            ?                   
WWPDB D_1000012511 ?            ?                   
# 
loop_
_pdbx_audit_revision_history.ordinal 
_pdbx_audit_revision_history.data_content_type 
_pdbx_audit_revision_history.major_revision 
_pdbx_audit_revision_history.minor_revision 
_pdbx_audit_revision_history.revision_date 
1 'Structure model' 1 0 2001-03-07 
2 'Structure model' 1 1 2008-04-27 
3 'Structure model' 1 2 2011-07-13 
4 'Structure model' 1 3 2024-10-16 
# 
_pdbx_audit_revision_details.ordinal             1 
_pdbx_audit_revision_details.revision_ordinal    1 
_pdbx_audit_revision_details.data_content_type   'Structure model' 
_pdbx_audit_revision_details.provider            repository 
_pdbx_audit_revision_details.type                'Initial release' 
_pdbx_audit_revision_details.description         ? 
_pdbx_audit_revision_details.details             ? 
# 
loop_
_pdbx_audit_revision_group.ordinal 
_pdbx_audit_revision_group.revision_ordinal 
_pdbx_audit_revision_group.data_content_type 
_pdbx_audit_revision_group.group 
1 2 'Structure model' 'Version format compliance' 
2 3 'Structure model' 'Version format compliance' 
3 4 'Structure model' 'Data collection'           
4 4 'Structure model' 'Database references'       
5 4 'Structure model' 'Structure summary'         
# 
loop_
_pdbx_audit_revision_category.ordinal 
_pdbx_audit_revision_category.revision_ordinal 
_pdbx_audit_revision_category.data_content_type 
_pdbx_audit_revision_category.category 
1 4 'Structure model' chem_comp_atom            
2 4 'Structure model' chem_comp_bond            
3 4 'Structure model' database_2                
4 4 'Structure model' pdbx_entry_details        
5 4 'Structure model' pdbx_modification_feature 
# 
loop_
_pdbx_audit_revision_item.ordinal 
_pdbx_audit_revision_item.revision_ordinal 
_pdbx_audit_revision_item.data_content_type 
_pdbx_audit_revision_item.item 
1 4 'Structure model' '_database_2.pdbx_DOI'                
2 4 'Structure model' '_database_2.pdbx_database_accession' 
# 
_pdbx_database_status.status_code                     REL 
_pdbx_database_status.entry_id                        1HQ8 
_pdbx_database_status.recvd_initial_deposition_date   2000-12-14 
_pdbx_database_status.deposit_site                    RCSB 
_pdbx_database_status.process_site                    RCSB 
_pdbx_database_status.status_code_sf                  REL 
_pdbx_database_status.SG_entry                        . 
_pdbx_database_status.pdb_format_compatible           Y 
_pdbx_database_status.status_code_mr                  ? 
_pdbx_database_status.status_code_cs                  ? 
_pdbx_database_status.status_code_nmr_data            ? 
_pdbx_database_status.methods_development_category    ? 
# 
loop_
_audit_author.name 
_audit_author.pdbx_ordinal 
'Wolan, D.W.'   1 
'Teyton, L.'    2 
'Rudolph, M.G.' 3 
'Villmow, B.'   4 
'Bauer, S.'     5 
'Busch, D.H.'   6 
'Wilson, I.A.'  7 
# 
_citation.id                        primary 
_citation.title                     'Crystal structure of the murine NK cell-activating receptor NKG2D at 1.95 A.' 
_citation.journal_abbrev            Nat.Immunol. 
_citation.journal_volume            2 
_citation.page_first                248 
_citation.page_last                 254 
_citation.year                      2001 
_citation.journal_id_ASTM           ? 
_citation.country                   UK 
_citation.journal_id_ISSN           1529-2908 
_citation.journal_id_CSD            ? 
_citation.book_publisher            ? 
_citation.pdbx_database_id_PubMed   11224525 
_citation.pdbx_database_id_DOI      10.1038/85311 
# 
loop_
_citation_author.citation_id 
_citation_author.name 
_citation_author.ordinal 
_citation_author.identifier_ORCID 
primary 'Wolan, D.W.'   1 ? 
primary 'Teyton, L.'    2 ? 
primary 'Rudolph, M.G.' 3 ? 
primary 'Villmow, B.'   4 ? 
primary 'Bauer, S.'     5 ? 
primary 'Busch, D.H.'   6 ? 
primary 'Wilson, I.A.'  7 ? 
# 
loop_
_entity.id 
_entity.type 
_entity.src_method 
_entity.pdbx_description 
_entity.formula_weight 
_entity.pdbx_number_of_molecules 
_entity.pdbx_ec 
_entity.pdbx_mutation 
_entity.pdbx_fragment 
_entity.details 
1 polymer man NKG2-D 14114.836 1  ? ? 'EXTRACELLULAR DOMAIN' ? 
2 water   nat water  18.015    77 ? ? ?                      ? 
# 
_entity_poly.entity_id                      1 
_entity_poly.type                           'polypeptide(L)' 
_entity_poly.nstd_linkage                   no 
_entity_poly.nstd_monomer                   no 
_entity_poly.pdbx_seq_one_letter_code       
;GYCGPCPNNWICHRNNCYQFFNEEKTWNQSQASCLSQNSSLLKIYSKEEQDFLKLVKSYHWMGLVQIPANGSWQWEDGSS
LSYNQLTLVEIPKGSCAVYGSSFKAYTEDCANLNTYICMKRAV
;
_entity_poly.pdbx_seq_one_letter_code_can   
;GYCGPCPNNWICHRNNCYQFFNEEKTWNQSQASCLSQNSSLLKIYSKEEQDFLKLVKSYHWMGLVQIPANGSWQWEDGSS
LSYNQLTLVEIPKGSCAVYGSSFKAYTEDCANLNTYICMKRAV
;
_entity_poly.pdbx_strand_id                 A 
_entity_poly.pdbx_target_identifier         ? 
# 
_pdbx_entity_nonpoly.entity_id   2 
_pdbx_entity_nonpoly.name        water 
_pdbx_entity_nonpoly.comp_id     HOH 
# 
loop_
_entity_poly_seq.entity_id 
_entity_poly_seq.num 
_entity_poly_seq.mon_id 
_entity_poly_seq.hetero 
1 1   GLY n 
1 2   TYR n 
1 3   CYS n 
1 4   GLY n 
1 5   PRO n 
1 6   CYS n 
1 7   PRO n 
1 8   ASN n 
1 9   ASN n 
1 10  TRP n 
1 11  ILE n 
1 12  CYS n 
1 13  HIS n 
1 14  ARG n 
1 15  ASN n 
1 16  ASN n 
1 17  CYS n 
1 18  TYR n 
1 19  GLN n 
1 20  PHE n 
1 21  PHE n 
1 22  ASN n 
1 23  GLU n 
1 24  GLU n 
1 25  LYS n 
1 26  THR n 
1 27  TRP n 
1 28  ASN n 
1 29  GLN n 
1 30  SER n 
1 31  GLN n 
1 32  ALA n 
1 33  SER n 
1 34  CYS n 
1 35  LEU n 
1 36  SER n 
1 37  GLN n 
1 38  ASN n 
1 39  SER n 
1 40  SER n 
1 41  LEU n 
1 42  LEU n 
1 43  LYS n 
1 44  ILE n 
1 45  TYR n 
1 46  SER n 
1 47  LYS n 
1 48  GLU n 
1 49  GLU n 
1 50  GLN n 
1 51  ASP n 
1 52  PHE n 
1 53  LEU n 
1 54  LYS n 
1 55  LEU n 
1 56  VAL n 
1 57  LYS n 
1 58  SER n 
1 59  TYR n 
1 60  HIS n 
1 61  TRP n 
1 62  MET n 
1 63  GLY n 
1 64  LEU n 
1 65  VAL n 
1 66  GLN n 
1 67  ILE n 
1 68  PRO n 
1 69  ALA n 
1 70  ASN n 
1 71  GLY n 
1 72  SER n 
1 73  TRP n 
1 74  GLN n 
1 75  TRP n 
1 76  GLU n 
1 77  ASP n 
1 78  GLY n 
1 79  SER n 
1 80  SER n 
1 81  LEU n 
1 82  SER n 
1 83  TYR n 
1 84  ASN n 
1 85  GLN n 
1 86  LEU n 
1 87  THR n 
1 88  LEU n 
1 89  VAL n 
1 90  GLU n 
1 91  ILE n 
1 92  PRO n 
1 93  LYS n 
1 94  GLY n 
1 95  SER n 
1 96  CYS n 
1 97  ALA n 
1 98  VAL n 
1 99  TYR n 
1 100 GLY n 
1 101 SER n 
1 102 SER n 
1 103 PHE n 
1 104 LYS n 
1 105 ALA n 
1 106 TYR n 
1 107 THR n 
1 108 GLU n 
1 109 ASP n 
1 110 CYS n 
1 111 ALA n 
1 112 ASN n 
1 113 LEU n 
1 114 ASN n 
1 115 THR n 
1 116 TYR n 
1 117 ILE n 
1 118 CYS n 
1 119 MET n 
1 120 LYS n 
1 121 ARG n 
1 122 ALA n 
1 123 VAL n 
# 
_entity_src_gen.entity_id                          1 
_entity_src_gen.pdbx_src_id                        1 
_entity_src_gen.pdbx_alt_source_flag               sample 
_entity_src_gen.pdbx_seq_type                      ? 
_entity_src_gen.pdbx_beg_seq_num                   ? 
_entity_src_gen.pdbx_end_seq_num                   ? 
_entity_src_gen.gene_src_common_name               'house mouse' 
_entity_src_gen.gene_src_genus                     Mus 
_entity_src_gen.pdbx_gene_src_gene                 ? 
_entity_src_gen.gene_src_species                   ? 
_entity_src_gen.gene_src_strain                    ? 
_entity_src_gen.gene_src_tissue                    ? 
_entity_src_gen.gene_src_tissue_fraction           ? 
_entity_src_gen.gene_src_details                   ? 
_entity_src_gen.pdbx_gene_src_fragment             ? 
_entity_src_gen.pdbx_gene_src_scientific_name      'Mus musculus' 
_entity_src_gen.pdbx_gene_src_ncbi_taxonomy_id     10090 
_entity_src_gen.pdbx_gene_src_variant              ? 
_entity_src_gen.pdbx_gene_src_cell_line            ? 
_entity_src_gen.pdbx_gene_src_atcc                 ? 
_entity_src_gen.pdbx_gene_src_organ                ? 
_entity_src_gen.pdbx_gene_src_organelle            ? 
_entity_src_gen.pdbx_gene_src_cell                 ? 
_entity_src_gen.pdbx_gene_src_cellular_location    ? 
_entity_src_gen.host_org_common_name               ? 
_entity_src_gen.pdbx_host_org_scientific_name      'Escherichia coli' 
_entity_src_gen.pdbx_host_org_ncbi_taxonomy_id     562 
_entity_src_gen.host_org_genus                     Escherichia 
_entity_src_gen.pdbx_host_org_gene                 ? 
_entity_src_gen.pdbx_host_org_organ                ? 
_entity_src_gen.host_org_species                   ? 
_entity_src_gen.pdbx_host_org_tissue               ? 
_entity_src_gen.pdbx_host_org_tissue_fraction      ? 
_entity_src_gen.pdbx_host_org_strain               ? 
_entity_src_gen.pdbx_host_org_variant              ? 
_entity_src_gen.pdbx_host_org_cell_line            ? 
_entity_src_gen.pdbx_host_org_atcc                 ? 
_entity_src_gen.pdbx_host_org_culture_collection   ? 
_entity_src_gen.pdbx_host_org_cell                 ? 
_entity_src_gen.pdbx_host_org_organelle            ? 
_entity_src_gen.pdbx_host_org_cellular_location    ? 
_entity_src_gen.pdbx_host_org_vector_type          ? 
_entity_src_gen.pdbx_host_org_vector               ? 
_entity_src_gen.host_org_details                   ? 
_entity_src_gen.expression_system_id               ? 
_entity_src_gen.plasmid_name                       ? 
_entity_src_gen.plasmid_details                    ? 
_entity_src_gen.pdbx_description                   ? 
# 
loop_
_chem_comp.id 
_chem_comp.type 
_chem_comp.mon_nstd_flag 
_chem_comp.name 
_chem_comp.pdbx_synonyms 
_chem_comp.formula 
_chem_comp.formula_weight 
ALA 'L-peptide linking' y ALANINE         ? 'C3 H7 N O2'     89.093  
ARG 'L-peptide linking' y ARGININE        ? 'C6 H15 N4 O2 1' 175.209 
ASN 'L-peptide linking' y ASPARAGINE      ? 'C4 H8 N2 O3'    132.118 
ASP 'L-peptide linking' y 'ASPARTIC ACID' ? 'C4 H7 N O4'     133.103 
CYS 'L-peptide linking' y CYSTEINE        ? 'C3 H7 N O2 S'   121.158 
GLN 'L-peptide linking' y GLUTAMINE       ? 'C5 H10 N2 O3'   146.144 
GLU 'L-peptide linking' y 'GLUTAMIC ACID' ? 'C5 H9 N O4'     147.129 
GLY 'peptide linking'   y GLYCINE         ? 'C2 H5 N O2'     75.067  
HIS 'L-peptide linking' y HISTIDINE       ? 'C6 H10 N3 O2 1' 156.162 
HOH non-polymer         . WATER           ? 'H2 O'           18.015  
ILE 'L-peptide linking' y ISOLEUCINE      ? 'C6 H13 N O2'    131.173 
LEU 'L-peptide linking' y LEUCINE         ? 'C6 H13 N O2'    131.173 
LYS 'L-peptide linking' y LYSINE          ? 'C6 H15 N2 O2 1' 147.195 
MET 'L-peptide linking' y METHIONINE      ? 'C5 H11 N O2 S'  149.211 
PHE 'L-peptide linking' y PHENYLALANINE   ? 'C9 H11 N O2'    165.189 
PRO 'L-peptide linking' y PROLINE         ? 'C5 H9 N O2'     115.130 
SER 'L-peptide linking' y SERINE          ? 'C3 H7 N O3'     105.093 
THR 'L-peptide linking' y THREONINE       ? 'C4 H9 N O3'     119.119 
TRP 'L-peptide linking' y TRYPTOPHAN      ? 'C11 H12 N2 O2'  204.225 
TYR 'L-peptide linking' y TYROSINE        ? 'C9 H11 N O3'    181.189 
VAL 'L-peptide linking' y VALINE          ? 'C5 H11 N O2'    117.146 
# 
loop_
_pdbx_poly_seq_scheme.asym_id 
_pdbx_poly_seq_scheme.entity_id 
_pdbx_poly_seq_scheme.seq_id 
_pdbx_poly_seq_scheme.mon_id 
_pdbx_poly_seq_scheme.ndb_seq_num 
_pdbx_poly_seq_scheme.pdb_seq_num 
_pdbx_poly_seq_scheme.auth_seq_num 
_pdbx_poly_seq_scheme.pdb_mon_id 
_pdbx_poly_seq_scheme.auth_mon_id 
_pdbx_poly_seq_scheme.pdb_strand_id 
_pdbx_poly_seq_scheme.pdb_ins_code 
_pdbx_poly_seq_scheme.hetero 
A 1 1   GLY 1   110 110 GLY GLY A . n 
A 1 2   TYR 2   111 111 TYR TYR A . n 
A 1 3   CYS 3   112 112 CYS CYS A . n 
A 1 4   GLY 4   113 113 GLY GLY A . n 
A 1 5   PRO 5   114 114 PRO CPR A . n 
A 1 6   CYS 6   115 115 CYS CYS A . n 
A 1 7   PRO 7   116 116 PRO PRO A . n 
A 1 8   ASN 8   117 117 ASN ASN A . n 
A 1 9   ASN 9   118 118 ASN ASN A . n 
A 1 10  TRP 10  119 119 TRP TRP A . n 
A 1 11  ILE 11  120 120 ILE ILE A . n 
A 1 12  CYS 12  121 121 CYS CYS A . n 
A 1 13  HIS 13  122 122 HIS HIS A . n 
A 1 14  ARG 14  123 123 ARG ARG A . n 
A 1 15  ASN 15  124 124 ASN ASN A . n 
A 1 16  ASN 16  125 125 ASN ASN A . n 
A 1 17  CYS 17  126 126 CYS CYS A . n 
A 1 18  TYR 18  127 127 TYR TYR A . n 
A 1 19  GLN 19  128 128 GLN GLN A . n 
A 1 20  PHE 20  129 129 PHE PHE A . n 
A 1 21  PHE 21  130 130 PHE PHE A . n 
A 1 22  ASN 22  131 131 ASN ASN A . n 
A 1 23  GLU 23  132 132 GLU GLU A . n 
A 1 24  GLU 24  133 133 GLU GLU A . n 
A 1 25  LYS 25  134 134 LYS LYS A . n 
A 1 26  THR 26  135 135 THR THR A . n 
A 1 27  TRP 27  136 136 TRP TRP A . n 
A 1 28  ASN 28  137 137 ASN ASN A . n 
A 1 29  GLN 29  138 138 GLN GLN A . n 
A 1 30  SER 30  139 139 SER SER A . n 
A 1 31  GLN 31  140 140 GLN GLN A . n 
A 1 32  ALA 32  141 141 ALA ALA A . n 
A 1 33  SER 33  142 142 SER SER A . n 
A 1 34  CYS 34  143 143 CYS CYS A . n 
A 1 35  LEU 35  144 144 LEU LEU A . n 
A 1 36  SER 36  145 145 SER SER A . n 
A 1 37  GLN 37  146 146 GLN GLN A . n 
A 1 38  ASN 38  147 147 ASN ASN A . n 
A 1 39  SER 39  148 148 SER SER A . n 
A 1 40  SER 40  149 149 SER SER A . n 
A 1 41  LEU 41  150 150 LEU LEU A . n 
A 1 42  LEU 42  151 151 LEU LEU A . n 
A 1 43  LYS 43  152 152 LYS LYS A . n 
A 1 44  ILE 44  153 153 ILE ILE A . n 
A 1 45  TYR 45  154 154 TYR TYR A . n 
A 1 46  SER 46  155 155 SER SER A . n 
A 1 47  LYS 47  156 156 LYS LYS A . n 
A 1 48  GLU 48  157 157 GLU GLU A . n 
A 1 49  GLU 49  158 158 GLU GLU A . n 
A 1 50  GLN 50  159 159 GLN GLN A . n 
A 1 51  ASP 51  160 160 ASP ASP A . n 
A 1 52  PHE 52  161 161 PHE PHE A . n 
A 1 53  LEU 53  162 162 LEU LEU A . n 
A 1 54  LYS 54  163 163 LYS LYS A . n 
A 1 55  LEU 55  164 164 LEU LEU A . n 
A 1 56  VAL 56  165 165 VAL VAL A . n 
A 1 57  LYS 57  166 166 LYS LYS A . n 
A 1 58  SER 58  167 167 SER SER A . n 
A 1 59  TYR 59  168 168 TYR TYR A . n 
A 1 60  HIS 60  169 169 HIS HIS A . n 
A 1 61  TRP 61  170 170 TRP TRP A . n 
A 1 62  MET 62  171 171 MET MET A . n 
A 1 63  GLY 63  172 172 GLY GLY A . n 
A 1 64  LEU 64  173 173 LEU LEU A . n 
A 1 65  VAL 65  174 174 VAL VAL A . n 
A 1 66  GLN 66  175 175 GLN GLN A . n 
A 1 67  ILE 67  176 176 ILE ALA A . n 
A 1 68  PRO 68  177 177 PRO PRO A . n 
A 1 69  ALA 69  178 178 ALA ALA A . n 
A 1 70  ASN 70  179 179 ASN ASN A . n 
A 1 71  GLY 71  180 180 GLY GLY A . n 
A 1 72  SER 72  181 181 SER SER A . n 
A 1 73  TRP 73  182 182 TRP TRP A . n 
A 1 74  GLN 74  183 183 GLN GLN A . n 
A 1 75  TRP 75  184 184 TRP TRP A . n 
A 1 76  GLU 76  185 185 GLU GLU A . n 
A 1 77  ASP 77  186 186 ASP ASP A . n 
A 1 78  GLY 78  187 187 GLY GLY A . n 
A 1 79  SER 79  188 188 SER SER A . n 
A 1 80  SER 80  189 189 SER SER A . n 
A 1 81  LEU 81  190 190 LEU LEU A . n 
A 1 82  SER 82  191 191 SER SER A . n 
A 1 83  TYR 83  192 192 TYR TYR A . n 
A 1 84  ASN 84  193 193 ASN ASN A . n 
A 1 85  GLN 85  194 194 GLN GLN A . n 
A 1 86  LEU 86  195 195 LEU LEU A . n 
A 1 87  THR 87  196 196 THR THR A . n 
A 1 88  LEU 88  197 197 LEU LEU A . n 
A 1 89  VAL 89  198 198 VAL VAL A . n 
A 1 90  GLU 90  199 199 GLU GLU A . n 
A 1 91  ILE 91  200 200 ILE ILE A . n 
A 1 92  PRO 92  201 201 PRO PRO A . n 
A 1 93  LYS 93  202 202 LYS LYS A . n 
A 1 94  GLY 94  203 203 GLY GLY A . n 
A 1 95  SER 95  204 204 SER SER A . n 
A 1 96  CYS 96  205 205 CYS CYS A . n 
A 1 97  ALA 97  206 206 ALA ALA A . n 
A 1 98  VAL 98  207 207 VAL VAL A . n 
A 1 99  TYR 99  208 208 TYR TYR A . n 
A 1 100 GLY 100 209 209 GLY GLY A . n 
A 1 101 SER 101 210 210 SER SER A . n 
A 1 102 SER 102 211 211 SER SER A . n 
A 1 103 PHE 103 212 212 PHE PHE A . n 
A 1 104 LYS 104 213 213 LYS LYS A . n 
A 1 105 ALA 105 214 214 ALA ALA A . n 
A 1 106 TYR 106 215 215 TYR TYR A . n 
A 1 107 THR 107 216 216 THR THR A . n 
A 1 108 GLU 108 217 217 GLU GLU A . n 
A 1 109 ASP 109 218 218 ASP ASP A . n 
A 1 110 CYS 110 219 219 CYS CYS A . n 
A 1 111 ALA 111 220 220 ALA ALA A . n 
A 1 112 ASN 112 221 221 ASN ASN A . n 
A 1 113 LEU 113 222 222 LEU LEU A . n 
A 1 114 ASN 114 223 223 ASN ASN A . n 
A 1 115 THR 115 224 224 THR THR A . n 
A 1 116 TYR 116 225 225 TYR TYR A . n 
A 1 117 ILE 117 226 226 ILE ILE A . n 
A 1 118 CYS 118 227 227 CYS CYS A . n 
A 1 119 MET 119 228 228 MET MET A . n 
A 1 120 LYS 120 229 229 LYS LYS A . n 
A 1 121 ARG 121 230 230 ARG ARG A . n 
A 1 122 ALA 122 231 231 ALA ALA A . n 
A 1 123 VAL 123 232 232 VAL VAL A . n 
# 
loop_
_pdbx_nonpoly_scheme.asym_id 
_pdbx_nonpoly_scheme.entity_id 
_pdbx_nonpoly_scheme.mon_id 
_pdbx_nonpoly_scheme.ndb_seq_num 
_pdbx_nonpoly_scheme.pdb_seq_num 
_pdbx_nonpoly_scheme.auth_seq_num 
_pdbx_nonpoly_scheme.pdb_mon_id 
_pdbx_nonpoly_scheme.auth_mon_id 
_pdbx_nonpoly_scheme.pdb_strand_id 
_pdbx_nonpoly_scheme.pdb_ins_code 
B 2 HOH 1  1  1  HOH HOH A . 
B 2 HOH 2  2  2  HOH HOH A . 
B 2 HOH 3  3  3  HOH HOH A . 
B 2 HOH 4  4  4  HOH HOH A . 
B 2 HOH 5  5  5  HOH HOH A . 
B 2 HOH 6  6  6  HOH HOH A . 
B 2 HOH 7  7  7  HOH HOH A . 
B 2 HOH 8  8  8  HOH HOH A . 
B 2 HOH 9  9  9  HOH HOH A . 
B 2 HOH 10 10 10 HOH HOH A . 
B 2 HOH 11 11 11 HOH HOH A . 
B 2 HOH 12 12 12 HOH HOH A . 
B 2 HOH 13 13 13 HOH HOH A . 
B 2 HOH 14 14 14 HOH HOH A . 
B 2 HOH 15 15 15 HOH HOH A . 
B 2 HOH 16 16 16 HOH HOH A . 
B 2 HOH 17 17 17 HOH HOH A . 
B 2 HOH 18 18 18 HOH HOH A . 
B 2 HOH 19 19 19 HOH HOH A . 
B 2 HOH 20 20 20 HOH HOH A . 
B 2 HOH 21 21 21 HOH HOH A . 
B 2 HOH 22 22 22 HOH HOH A . 
B 2 HOH 23 23 23 HOH HOH A . 
B 2 HOH 24 24 24 HOH HOH A . 
B 2 HOH 25 25 25 HOH HOH A . 
B 2 HOH 26 26 26 HOH HOH A . 
B 2 HOH 27 27 27 HOH HOH A . 
B 2 HOH 28 28 28 HOH HOH A . 
B 2 HOH 29 29 29 HOH HOH A . 
B 2 HOH 30 30 30 HOH HOH A . 
B 2 HOH 31 31 31 HOH HOH A . 
B 2 HOH 32 32 32 HOH HOH A . 
B 2 HOH 33 33 33 HOH HOH A . 
B 2 HOH 34 34 34 HOH HOH A . 
B 2 HOH 35 35 35 HOH HOH A . 
B 2 HOH 36 36 36 HOH HOH A . 
B 2 HOH 37 37 37 HOH HOH A . 
B 2 HOH 38 38 38 HOH HOH A . 
B 2 HOH 39 39 39 HOH HOH A . 
B 2 HOH 40 40 40 HOH HOH A . 
B 2 HOH 41 41 41 HOH HOH A . 
B 2 HOH 42 42 42 HOH HOH A . 
B 2 HOH 43 43 43 HOH HOH A . 
B 2 HOH 44 44 44 HOH HOH A . 
B 2 HOH 45 45 45 HOH HOH A . 
B 2 HOH 46 46 46 HOH HOH A . 
B 2 HOH 47 47 47 HOH HOH A . 
B 2 HOH 48 48 48 HOH HOH A . 
B 2 HOH 49 49 49 HOH HOH A . 
B 2 HOH 50 50 50 HOH HOH A . 
B 2 HOH 51 51 51 HOH HOH A . 
B 2 HOH 52 52 52 HOH HOH A . 
B 2 HOH 53 53 53 HOH HOH A . 
B 2 HOH 54 54 54 HOH HOH A . 
B 2 HOH 55 55 55 HOH HOH A . 
B 2 HOH 56 56 56 HOH HOH A . 
B 2 HOH 57 57 57 HOH HOH A . 
B 2 HOH 58 58 58 HOH HOH A . 
B 2 HOH 59 59 59 HOH HOH A . 
B 2 HOH 60 60 60 HOH HOH A . 
B 2 HOH 61 61 61 HOH HOH A . 
B 2 HOH 62 62 62 HOH HOH A . 
B 2 HOH 63 63 63 HOH HOH A . 
B 2 HOH 64 64 64 HOH HOH A . 
B 2 HOH 65 65 65 HOH HOH A . 
B 2 HOH 66 66 66 HOH HOH A . 
B 2 HOH 67 67 67 HOH HOH A . 
B 2 HOH 68 68 68 HOH HOH A . 
B 2 HOH 69 69 69 HOH HOH A . 
B 2 HOH 70 70 70 HOH HOH A . 
B 2 HOH 71 71 71 HOH HOH A . 
B 2 HOH 72 72 72 HOH HOH A . 
B 2 HOH 73 73 73 HOH HOH A . 
B 2 HOH 74 74 74 HOH HOH A . 
B 2 HOH 75 75 75 HOH HOH A . 
B 2 HOH 76 76 76 HOH HOH A . 
B 2 HOH 77 77 77 HOH HOH A . 
# 
loop_
_pdbx_unobs_or_zero_occ_atoms.id 
_pdbx_unobs_or_zero_occ_atoms.PDB_model_num 
_pdbx_unobs_or_zero_occ_atoms.polymer_flag 
_pdbx_unobs_or_zero_occ_atoms.occupancy_flag 
_pdbx_unobs_or_zero_occ_atoms.auth_asym_id 
_pdbx_unobs_or_zero_occ_atoms.auth_comp_id 
_pdbx_unobs_or_zero_occ_atoms.auth_seq_id 
_pdbx_unobs_or_zero_occ_atoms.PDB_ins_code 
_pdbx_unobs_or_zero_occ_atoms.auth_atom_id 
_pdbx_unobs_or_zero_occ_atoms.label_alt_id 
_pdbx_unobs_or_zero_occ_atoms.label_asym_id 
_pdbx_unobs_or_zero_occ_atoms.label_comp_id 
_pdbx_unobs_or_zero_occ_atoms.label_seq_id 
_pdbx_unobs_or_zero_occ_atoms.label_atom_id 
1 1 Y 1 A ILE 176 ? CG1 ? A ILE 67 CG1 
2 1 Y 1 A ILE 176 ? CG2 ? A ILE 67 CG2 
3 1 Y 1 A ILE 176 ? CD1 ? A ILE 67 CD1 
# 
loop_
_software.name 
_software.classification 
_software.version 
_software.citation_id 
_software.pdbx_ordinal 
DENZO     'data reduction' .   ? 1 
SCALEPACK 'data scaling'   .   ? 2 
AMoRE     phasing          .   ? 3 
CNS       refinement       1.0 ? 4 
# 
_cell.entry_id           1HQ8 
_cell.length_a           49.860 
_cell.length_b           85.190 
_cell.length_c           87.580 
_cell.angle_alpha        90.00 
_cell.angle_beta         90.00 
_cell.angle_gamma        90.00 
_cell.Z_PDB              8 
_cell.pdbx_unique_axis   ? 
# 
_symmetry.entry_id                         1HQ8 
_symmetry.space_group_name_H-M             'I 21 21 21' 
_symmetry.pdbx_full_space_group_name_H-M   ? 
_symmetry.cell_setting                     ? 
_symmetry.Int_Tables_number                24 
# 
_exptl.entry_id          1HQ8 
_exptl.method            'X-RAY DIFFRACTION' 
_exptl.crystals_number   1 
# 
_exptl_crystal.id                    1 
_exptl_crystal.density_meas          ? 
_exptl_crystal.density_Matthews      3.29 
_exptl_crystal.density_percent_sol   62.65 
_exptl_crystal.description           ? 
# 
_exptl_crystal_grow.crystal_id      1 
_exptl_crystal_grow.method          'VAPOR DIFFUSION, SITTING DROP' 
_exptl_crystal_grow.temp            295 
_exptl_crystal_grow.temp_details    ? 
_exptl_crystal_grow.pH              6.5 
_exptl_crystal_grow.pdbx_details    'NaCl, Na-Cit., PEG400, pH 6.5, VAPOR DIFFUSION, SITTING DROP, temperature 295K' 
_exptl_crystal_grow.pdbx_pH_range   ? 
# 
_diffrn.id                     1 
_diffrn.ambient_temp           93 
_diffrn.ambient_temp_details   ? 
_diffrn.crystal_id             1 
# 
_diffrn_detector.diffrn_id              1 
_diffrn_detector.detector               CCD 
_diffrn_detector.type                   'ADSC QUANTUM 4' 
_diffrn_detector.pdbx_collection_date   ? 
_diffrn_detector.details                ? 
# 
_diffrn_radiation.diffrn_id                        1 
_diffrn_radiation.wavelength_id                    1 
_diffrn_radiation.pdbx_monochromatic_or_laue_m_l   M 
_diffrn_radiation.monochromator                    ? 
_diffrn_radiation.pdbx_diffrn_protocol             'SINGLE WAVELENGTH' 
_diffrn_radiation.pdbx_scattering_type             x-ray 
# 
_diffrn_radiation_wavelength.id           1 
_diffrn_radiation_wavelength.wavelength   . 
_diffrn_radiation_wavelength.wt           1.0 
# 
_diffrn_source.diffrn_id                   1 
_diffrn_source.source                      SYNCHROTRON 
_diffrn_source.type                        'SSRL BEAMLINE BL9-2' 
_diffrn_source.pdbx_synchrotron_site       SSRL 
_diffrn_source.pdbx_synchrotron_beamline   BL9-2 
_diffrn_source.pdbx_wavelength             ? 
_diffrn_source.pdbx_wavelength_list        ? 
# 
_reflns.entry_id                     1HQ8 
_reflns.observed_criterion_sigma_I   ? 
_reflns.observed_criterion_sigma_F   ? 
_reflns.d_resolution_low             30 
_reflns.d_resolution_high            1.95 
_reflns.number_obs                   ? 
_reflns.number_all                   13874 
_reflns.percent_possible_obs         98.7 
_reflns.pdbx_Rmerge_I_obs            0.084 
_reflns.pdbx_Rsym_value              ? 
_reflns.pdbx_netI_over_sigmaI        17.9 
_reflns.B_iso_Wilson_estimate        21.4 
_reflns.pdbx_redundancy              3.9 
_reflns.R_free_details               ? 
_reflns.limit_h_max                  ? 
_reflns.limit_h_min                  ? 
_reflns.limit_k_max                  ? 
_reflns.limit_k_min                  ? 
_reflns.limit_l_max                  ? 
_reflns.limit_l_min                  ? 
_reflns.observed_criterion_F_max     ? 
_reflns.observed_criterion_F_min     ? 
_reflns.pdbx_diffrn_id               1 
_reflns.pdbx_ordinal                 1 
# 
_reflns_shell.d_res_high             1.95 
_reflns_shell.d_res_low              2.02 
_reflns_shell.percent_possible_all   97.7 
_reflns_shell.Rmerge_I_obs           0.775 
_reflns_shell.pdbx_Rsym_value        ? 
_reflns_shell.meanI_over_sigI_obs    2.4 
_reflns_shell.pdbx_redundancy        3.4 
_reflns_shell.percent_possible_obs   ? 
_reflns_shell.number_unique_all      1361 
_reflns_shell.pdbx_diffrn_id         ? 
_reflns_shell.pdbx_ordinal           1 
# 
_refine.entry_id                                 1HQ8 
_refine.ls_number_reflns_obs                     13099 
_refine.ls_number_reflns_all                     ? 
_refine.pdbx_ls_sigma_I                          0 
_refine.pdbx_ls_sigma_F                          0 
_refine.pdbx_data_cutoff_high_absF               6848118.87 
_refine.pdbx_data_cutoff_low_absF                0.00 
_refine.ls_d_res_low                             27.62 
_refine.ls_d_res_high                            1.95 
_refine.ls_percent_reflns_obs                    93.7 
_refine.ls_R_factor_obs                          0.215 
_refine.ls_R_factor_all                          ? 
_refine.ls_R_factor_R_work                       0.215 
_refine.ls_R_factor_R_free                       0.227 
_refine.ls_R_factor_R_free_error                 0.006 
_refine.ls_R_factor_R_free_error_details         ? 
_refine.ls_percent_reflns_R_free                 10.2 
_refine.ls_number_reflns_R_free                  1340 
_refine.ls_number_parameters                     ? 
_refine.ls_number_restraints                     ? 
_refine.occupancy_min                            ? 
_refine.occupancy_max                            ? 
_refine.B_iso_mean                               31.2 
_refine.aniso_B[1][1]                            0.08 
_refine.aniso_B[2][2]                            -6.16 
_refine.aniso_B[3][3]                            6.07 
_refine.aniso_B[1][2]                            0.00 
_refine.aniso_B[1][3]                            0.00 
_refine.aniso_B[2][3]                            0.00 
_refine.solvent_model_details                    'FLAT MODEL' 
_refine.solvent_model_param_ksol                 0.380 
_refine.solvent_model_param_bsol                 43.44 
_refine.pdbx_ls_cross_valid_method               THROUGHOUT 
_refine.details                                  ? 
_refine.pdbx_starting_model                      ? 
_refine.pdbx_method_to_determine_struct          'MOLECULAR REPLACEMENT' 
_refine.pdbx_isotropic_thermal_model             RESTRAINED 
_refine.pdbx_stereochemistry_target_values       'Engh & Huber' 
_refine.pdbx_stereochem_target_val_spec_case     ? 
_refine.pdbx_R_Free_selection_details            RANDOM 
_refine.pdbx_overall_ESU_R_Free                  ? 
_refine.overall_SU_B                             ? 
_refine.ls_redundancy_reflns_obs                 ? 
_refine.B_iso_min                                ? 
_refine.B_iso_max                                ? 
_refine.overall_SU_ML                            ? 
_refine.pdbx_overall_ESU_R                       ? 
_refine.pdbx_data_cutoff_high_rms_absF           ? 
_refine.correlation_coeff_Fo_to_Fc               ? 
_refine.correlation_coeff_Fo_to_Fc_free          ? 
_refine.overall_SU_R_Cruickshank_DPI             ? 
_refine.overall_SU_R_free                        ? 
_refine.pdbx_refine_id                           'X-RAY DIFFRACTION' 
_refine.pdbx_diffrn_id                           1 
_refine.pdbx_TLS_residual_ADP_flag               ? 
_refine.pdbx_solvent_vdw_probe_radii             ? 
_refine.pdbx_solvent_ion_probe_radii             ? 
_refine.pdbx_solvent_shrinkage_radii             ? 
_refine.pdbx_overall_phase_error                 ? 
_refine.pdbx_overall_SU_R_free_Cruickshank_DPI   ? 
_refine.pdbx_overall_SU_R_Blow_DPI               ? 
_refine.pdbx_overall_SU_R_free_Blow_DPI          ? 
# 
_refine_analyze.entry_id                        1HQ8 
_refine_analyze.Luzzati_coordinate_error_obs    0.25 
_refine_analyze.Luzzati_sigma_a_obs             0.26 
_refine_analyze.Luzzati_d_res_low_obs           5.00 
_refine_analyze.Luzzati_coordinate_error_free   0.26 
_refine_analyze.Luzzati_sigma_a_free            0.31 
_refine_analyze.Luzzati_d_res_low_free          ? 
_refine_analyze.number_disordered_residues      ? 
_refine_analyze.occupancy_sum_hydrogen          ? 
_refine_analyze.occupancy_sum_non_hydrogen      ? 
_refine_analyze.pdbx_Luzzati_d_res_high_obs     ? 
_refine_analyze.pdbx_refine_id                  'X-RAY DIFFRACTION' 
# 
_refine_hist.pdbx_refine_id                   'X-RAY DIFFRACTION' 
_refine_hist.cycle_id                         LAST 
_refine_hist.pdbx_number_atoms_protein        986 
_refine_hist.pdbx_number_atoms_nucleic_acid   0 
_refine_hist.pdbx_number_atoms_ligand         0 
_refine_hist.number_atoms_solvent             77 
_refine_hist.number_atoms_total               1063 
_refine_hist.d_res_high                       1.95 
_refine_hist.d_res_low                        27.62 
# 
loop_
_refine_ls_restr.type 
_refine_ls_restr.dev_ideal 
_refine_ls_restr.dev_ideal_target 
_refine_ls_restr.weight 
_refine_ls_restr.number 
_refine_ls_restr.pdbx_refine_id 
_refine_ls_restr.pdbx_restraint_function 
c_bond_d           0.007 ?    ? ? 'X-RAY DIFFRACTION' ? 
c_angle_deg        1.4   ?    ? ? 'X-RAY DIFFRACTION' ? 
c_dihedral_angle_d 24.5  ?    ? ? 'X-RAY DIFFRACTION' ? 
c_improper_angle_d 0.74  ?    ? ? 'X-RAY DIFFRACTION' ? 
c_mcbond_it        1.47  1.50 ? ? 'X-RAY DIFFRACTION' ? 
c_mcangle_it       2.13  2.00 ? ? 'X-RAY DIFFRACTION' ? 
c_scbond_it        1.84  2.00 ? ? 'X-RAY DIFFRACTION' ? 
c_scangle_it       2.65  2.50 ? ? 'X-RAY DIFFRACTION' ? 
# 
_refine_ls_shell.pdbx_total_number_of_bins_used   6 
_refine_ls_shell.d_res_high                       1.95 
_refine_ls_shell.d_res_low                        2.07 
_refine_ls_shell.number_reflns_R_work             1762 
_refine_ls_shell.R_factor_R_work                  0.293 
_refine_ls_shell.percent_reflns_obs               85 
_refine_ls_shell.R_factor_R_free                  0.326 
_refine_ls_shell.R_factor_R_free_error            0.024 
_refine_ls_shell.percent_reflns_R_free            9.6 
_refine_ls_shell.number_reflns_R_free             188 
_refine_ls_shell.number_reflns_obs                ? 
_refine_ls_shell.redundancy_reflns_obs            ? 
_refine_ls_shell.number_reflns_all                ? 
_refine_ls_shell.pdbx_refine_id                   'X-RAY DIFFRACTION' 
_refine_ls_shell.R_factor_all                     ? 
# 
loop_
_pdbx_xplor_file.serial_no 
_pdbx_xplor_file.param_file 
_pdbx_xplor_file.topol_file 
_pdbx_xplor_file.pdbx_refine_id 
1 PROTEIN_REP.PARAM PROTEIN.TOP 'X-RAY DIFFRACTION' 
2 WATER_REP.PARAM   WATER.TOP   'X-RAY DIFFRACTION' 
# 
_struct.entry_id                  1HQ8 
_struct.title                     'CRYSTAL STRUCTURE OF THE MURINE NK CELL-ACTIVATING RECEPTOR NKG2D AT 1.95 A' 
_struct.pdbx_model_details        ? 
_struct.pdbx_CASP_flag            ? 
_struct.pdbx_model_type_details   ? 
# 
_struct_keywords.entry_id        1HQ8 
_struct_keywords.pdbx_keywords   APOPTOSIS 
_struct_keywords.text            'homodimer, cis-proline, APOPTOSIS' 
# 
loop_
_struct_asym.id 
_struct_asym.pdbx_blank_PDB_chainid_flag 
_struct_asym.pdbx_modified 
_struct_asym.entity_id 
_struct_asym.details 
A N N 1 ? 
B N N 2 ? 
# 
_struct_ref.id                         1 
_struct_ref.db_name                    UNP 
_struct_ref.db_code                    NKG2D_MOUSE 
_struct_ref.entity_id                  1 
_struct_ref.pdbx_seq_one_letter_code   
;GYCGPCPNNWICHRNNCYQFFNEEKTWNQSQASCLSQNSSLLKIYSKEEQDFLKLVKSYHWMGLVQIPANGSWQWEDGSS
LSYNQLTLVEIPKGSCAVYGSSFKAYTEDCANLNTYICMKRAV
;
_struct_ref.pdbx_align_begin           110 
_struct_ref.pdbx_db_accession          O54709 
_struct_ref.pdbx_db_isoform            ? 
# 
_struct_ref_seq.align_id                      1 
_struct_ref_seq.ref_id                        1 
_struct_ref_seq.pdbx_PDB_id_code              1HQ8 
_struct_ref_seq.pdbx_strand_id                A 
_struct_ref_seq.seq_align_beg                 1 
_struct_ref_seq.pdbx_seq_align_beg_ins_code   ? 
_struct_ref_seq.seq_align_end                 123 
_struct_ref_seq.pdbx_seq_align_end_ins_code   ? 
_struct_ref_seq.pdbx_db_accession             O54709 
_struct_ref_seq.db_align_beg                  110 
_struct_ref_seq.pdbx_db_align_beg_ins_code    ? 
_struct_ref_seq.db_align_end                  232 
_struct_ref_seq.pdbx_db_align_end_ins_code    ? 
_struct_ref_seq.pdbx_auth_seq_align_beg       110 
_struct_ref_seq.pdbx_auth_seq_align_end       232 
# 
_pdbx_struct_assembly.id                   1 
_pdbx_struct_assembly.details              author_defined_assembly 
_pdbx_struct_assembly.method_details       ? 
_pdbx_struct_assembly.oligomeric_details   dimeric 
_pdbx_struct_assembly.oligomeric_count     2 
# 
_pdbx_struct_assembly_gen.assembly_id       1 
_pdbx_struct_assembly_gen.oper_expression   1,2 
_pdbx_struct_assembly_gen.asym_id_list      A,B 
# 
loop_
_pdbx_struct_oper_list.id 
_pdbx_struct_oper_list.type 
_pdbx_struct_oper_list.name 
_pdbx_struct_oper_list.symmetry_operation 
_pdbx_struct_oper_list.matrix[1][1] 
_pdbx_struct_oper_list.matrix[1][2] 
_pdbx_struct_oper_list.matrix[1][3] 
_pdbx_struct_oper_list.vector[1] 
_pdbx_struct_oper_list.matrix[2][1] 
_pdbx_struct_oper_list.matrix[2][2] 
_pdbx_struct_oper_list.matrix[2][3] 
_pdbx_struct_oper_list.vector[2] 
_pdbx_struct_oper_list.matrix[3][1] 
_pdbx_struct_oper_list.matrix[3][2] 
_pdbx_struct_oper_list.matrix[3][3] 
_pdbx_struct_oper_list.vector[3] 
1 'identity operation'         1_555 x,y,z       1.0000000000  0.0000000000  0.0000000000 0.0000000000  0.0000000000  1.0000000000 0.0000000000  0.0000000000  0.0000000000 0.0000000000  1.0000000000  0.0000000000   
2 'crystal symmetry operation' 6_555 -x,-y+1/2,z -0.3378679773 -0.9376277193 0.0818504121 -3.2821103140 -0.9376277193 0.3277499197 -0.1159062130 -4.6509989791 0.0818504121 -0.1159062130 -0.9898819424 -26.7282126918 
# 
_struct_biol.id                    1 
_struct_biol.details               
;The second part of the biological assembly is generated 
by the two fold axis: -x, 1/2-y, z
;
_struct_biol.pdbx_parent_biol_id   ? 
# 
loop_
_struct_conf.conf_type_id 
_struct_conf.id 
_struct_conf.pdbx_PDB_helix_id 
_struct_conf.beg_label_comp_id 
_struct_conf.beg_label_asym_id 
_struct_conf.beg_label_seq_id 
_struct_conf.pdbx_beg_PDB_ins_code 
_struct_conf.end_label_comp_id 
_struct_conf.end_label_asym_id 
_struct_conf.end_label_seq_id 
_struct_conf.pdbx_end_PDB_ins_code 
_struct_conf.beg_auth_comp_id 
_struct_conf.beg_auth_asym_id 
_struct_conf.beg_auth_seq_id 
_struct_conf.end_auth_comp_id 
_struct_conf.end_auth_asym_id 
_struct_conf.end_auth_seq_id 
_struct_conf.pdbx_PDB_helix_class 
_struct_conf.details 
_struct_conf.pdbx_PDB_helix_length 
HELX_P HELX_P1 1 THR A 26 ? SER A 36 ? THR A 135 SER A 145 1 ? 11 
HELX_P HELX_P2 2 GLN A 50 ? VAL A 56 ? GLN A 159 VAL A 165 5 ? 7  
# 
_struct_conf_type.id          HELX_P 
_struct_conf_type.criteria    ? 
_struct_conf_type.reference   ? 
# 
loop_
_struct_conn.id 
_struct_conn.conn_type_id 
_struct_conn.pdbx_leaving_atom_flag 
_struct_conn.pdbx_PDB_id 
_struct_conn.ptnr1_label_asym_id 
_struct_conn.ptnr1_label_comp_id 
_struct_conn.ptnr1_label_seq_id 
_struct_conn.ptnr1_label_atom_id 
_struct_conn.pdbx_ptnr1_label_alt_id 
_struct_conn.pdbx_ptnr1_PDB_ins_code 
_struct_conn.pdbx_ptnr1_standard_comp_id 
_struct_conn.ptnr1_symmetry 
_struct_conn.ptnr2_label_asym_id 
_struct_conn.ptnr2_label_comp_id 
_struct_conn.ptnr2_label_seq_id 
_struct_conn.ptnr2_label_atom_id 
_struct_conn.pdbx_ptnr2_label_alt_id 
_struct_conn.pdbx_ptnr2_PDB_ins_code 
_struct_conn.ptnr1_auth_asym_id 
_struct_conn.ptnr1_auth_comp_id 
_struct_conn.ptnr1_auth_seq_id 
_struct_conn.ptnr2_auth_asym_id 
_struct_conn.ptnr2_auth_comp_id 
_struct_conn.ptnr2_auth_seq_id 
_struct_conn.ptnr2_symmetry 
_struct_conn.pdbx_ptnr3_label_atom_id 
_struct_conn.pdbx_ptnr3_label_seq_id 
_struct_conn.pdbx_ptnr3_label_comp_id 
_struct_conn.pdbx_ptnr3_label_asym_id 
_struct_conn.pdbx_ptnr3_label_alt_id 
_struct_conn.pdbx_ptnr3_PDB_ins_code 
_struct_conn.details 
_struct_conn.pdbx_dist_value 
_struct_conn.pdbx_value_order 
_struct_conn.pdbx_role 
disulf1 disulf ? ? A CYS 3  SG ? ? ? 1_555 A CYS 12  SG ? ? A CYS 112 A CYS 121 1_555 ? ? ? ? ? ? ? 2.022 ? ? 
disulf2 disulf ? ? A CYS 6  SG ? ? ? 1_555 A CYS 17  SG ? ? A CYS 115 A CYS 126 1_555 ? ? ? ? ? ? ? 2.028 ? ? 
disulf3 disulf ? ? A CYS 34 SG ? ? ? 1_555 A CYS 118 SG ? ? A CYS 143 A CYS 227 1_555 ? ? ? ? ? ? ? 2.030 ? ? 
disulf4 disulf ? ? A CYS 96 SG ? ? ? 1_555 A CYS 110 SG ? ? A CYS 205 A CYS 219 1_555 ? ? ? ? ? ? ? 2.033 ? ? 
# 
_struct_conn_type.id          disulf 
_struct_conn_type.criteria    ? 
_struct_conn_type.reference   ? 
# 
loop_
_pdbx_modification_feature.ordinal 
_pdbx_modification_feature.label_comp_id 
_pdbx_modification_feature.label_asym_id 
_pdbx_modification_feature.label_seq_id 
_pdbx_modification_feature.label_alt_id 
_pdbx_modification_feature.modified_residue_label_comp_id 
_pdbx_modification_feature.modified_residue_label_asym_id 
_pdbx_modification_feature.modified_residue_label_seq_id 
_pdbx_modification_feature.modified_residue_label_alt_id 
_pdbx_modification_feature.auth_comp_id 
_pdbx_modification_feature.auth_asym_id 
_pdbx_modification_feature.auth_seq_id 
_pdbx_modification_feature.PDB_ins_code 
_pdbx_modification_feature.symmetry 
_pdbx_modification_feature.modified_residue_auth_comp_id 
_pdbx_modification_feature.modified_residue_auth_asym_id 
_pdbx_modification_feature.modified_residue_auth_seq_id 
_pdbx_modification_feature.modified_residue_PDB_ins_code 
_pdbx_modification_feature.modified_residue_symmetry 
_pdbx_modification_feature.comp_id_linking_atom 
_pdbx_modification_feature.modified_residue_id_linking_atom 
_pdbx_modification_feature.modified_residue_id 
_pdbx_modification_feature.ref_pcm_id 
_pdbx_modification_feature.ref_comp_id 
_pdbx_modification_feature.type 
_pdbx_modification_feature.category 
1 CYS A 3  ? CYS A 12  ? CYS A 112 ? 1_555 CYS A 121 ? 1_555 SG SG . . . None 'Disulfide bridge' 
2 CYS A 6  ? CYS A 17  ? CYS A 115 ? 1_555 CYS A 126 ? 1_555 SG SG . . . None 'Disulfide bridge' 
3 CYS A 34 ? CYS A 118 ? CYS A 143 ? 1_555 CYS A 227 ? 1_555 SG SG . . . None 'Disulfide bridge' 
4 CYS A 96 ? CYS A 110 ? CYS A 205 ? 1_555 CYS A 219 ? 1_555 SG SG . . . None 'Disulfide bridge' 
# 
_struct_mon_prot_cis.pdbx_id                1 
_struct_mon_prot_cis.label_comp_id          GLY 
_struct_mon_prot_cis.label_seq_id           4 
_struct_mon_prot_cis.label_asym_id          A 
_struct_mon_prot_cis.label_alt_id           . 
_struct_mon_prot_cis.pdbx_PDB_ins_code      ? 
_struct_mon_prot_cis.auth_comp_id           GLY 
_struct_mon_prot_cis.auth_seq_id            113 
_struct_mon_prot_cis.auth_asym_id           A 
_struct_mon_prot_cis.pdbx_label_comp_id_2   PRO 
_struct_mon_prot_cis.pdbx_label_seq_id_2    5 
_struct_mon_prot_cis.pdbx_label_asym_id_2   A 
_struct_mon_prot_cis.pdbx_PDB_ins_code_2    ? 
_struct_mon_prot_cis.pdbx_auth_comp_id_2    PRO 
_struct_mon_prot_cis.pdbx_auth_seq_id_2     114 
_struct_mon_prot_cis.pdbx_auth_asym_id_2    A 
_struct_mon_prot_cis.pdbx_PDB_model_num     1 
_struct_mon_prot_cis.pdbx_omega_angle       -0.33 
# 
_struct_sheet.id               A 
_struct_sheet.type             ? 
_struct_sheet.number_strands   11 
_struct_sheet.details          ? 
# 
loop_
_struct_sheet_order.sheet_id 
_struct_sheet_order.range_id_1 
_struct_sheet_order.range_id_2 
_struct_sheet_order.offset 
_struct_sheet_order.sense 
A 1  2  ? anti-parallel 
A 2  3  ? anti-parallel 
A 3  4  ? anti-parallel 
A 4  5  ? anti-parallel 
A 5  6  ? parallel      
A 6  7  ? anti-parallel 
A 7  8  ? anti-parallel 
A 8  9  ? anti-parallel 
A 9  10 ? anti-parallel 
A 10 11 ? parallel      
# 
loop_
_struct_sheet_range.sheet_id 
_struct_sheet_range.id 
_struct_sheet_range.beg_label_comp_id 
_struct_sheet_range.beg_label_asym_id 
_struct_sheet_range.beg_label_seq_id 
_struct_sheet_range.pdbx_beg_PDB_ins_code 
_struct_sheet_range.end_label_comp_id 
_struct_sheet_range.end_label_asym_id 
_struct_sheet_range.end_label_seq_id 
_struct_sheet_range.pdbx_end_PDB_ins_code 
_struct_sheet_range.beg_auth_comp_id 
_struct_sheet_range.beg_auth_asym_id 
_struct_sheet_range.beg_auth_seq_id 
_struct_sheet_range.end_auth_comp_id 
_struct_sheet_range.end_auth_asym_id 
_struct_sheet_range.end_auth_seq_id 
A 1  ILE A 11  ? HIS A 13  ? ILE A 120 HIS A 122 
A 2  ASN A 16  ? LYS A 25  ? ASN A 125 LYS A 134 
A 3  ASN A 114 ? LYS A 120 ? ASN A 223 LYS A 229 
A 4  SER A 40  ? LEU A 41  ? SER A 149 LEU A 150 
A 5  ASN A 114 ? LYS A 120 ? ASN A 223 LYS A 229 
A 6  HIS A 60  ? GLN A 66  ? HIS A 169 GLN A 175 
A 7  TRP A 73  ? TRP A 75  ? TRP A 182 TRP A 184 
A 8  HIS A 60  ? GLN A 66  ? HIS A 169 GLN A 175 
A 9  CYS A 96  ? TYR A 99  ? CYS A 205 TYR A 208 
A 10 LYS A 104 ? GLU A 108 ? LYS A 213 GLU A 217 
A 11 THR A 87  ? VAL A 89  ? THR A 196 VAL A 198 
# 
loop_
_pdbx_struct_sheet_hbond.sheet_id 
_pdbx_struct_sheet_hbond.range_id_1 
_pdbx_struct_sheet_hbond.range_id_2 
_pdbx_struct_sheet_hbond.range_1_label_atom_id 
_pdbx_struct_sheet_hbond.range_1_label_comp_id 
_pdbx_struct_sheet_hbond.range_1_label_asym_id 
_pdbx_struct_sheet_hbond.range_1_label_seq_id 
_pdbx_struct_sheet_hbond.range_1_PDB_ins_code 
_pdbx_struct_sheet_hbond.range_1_auth_atom_id 
_pdbx_struct_sheet_hbond.range_1_auth_comp_id 
_pdbx_struct_sheet_hbond.range_1_auth_asym_id 
_pdbx_struct_sheet_hbond.range_1_auth_seq_id 
_pdbx_struct_sheet_hbond.range_2_label_atom_id 
_pdbx_struct_sheet_hbond.range_2_label_comp_id 
_pdbx_struct_sheet_hbond.range_2_label_asym_id 
_pdbx_struct_sheet_hbond.range_2_label_seq_id 
_pdbx_struct_sheet_hbond.range_2_PDB_ins_code 
_pdbx_struct_sheet_hbond.range_2_auth_atom_id 
_pdbx_struct_sheet_hbond.range_2_auth_comp_id 
_pdbx_struct_sheet_hbond.range_2_auth_asym_id 
_pdbx_struct_sheet_hbond.range_2_auth_seq_id 
A 1  2  O HIS A 13  ? O HIS A 122 N ASN A 16  ? N ASN A 125 
A 2  3  N LYS A 25  ? N LYS A 134 O ASN A 114 ? O ASN A 223 
A 3  4  N MET A 119 ? N MET A 228 O SER A 40  ? O SER A 149 
A 4  5  O SER A 40  ? O SER A 149 N MET A 119 ? N MET A 228 
A 5  6  O THR A 115 ? O THR A 224 N TRP A 61  ? N TRP A 170 
A 6  7  O VAL A 65  ? O VAL A 174 N GLN A 74  ? N GLN A 183 
A 7  8  O GLN A 74  ? O GLN A 183 N VAL A 65  ? N VAL A 174 
A 8  9  N MET A 62  ? N MET A 171 O ALA A 97  ? O ALA A 206 
A 9  10 N VAL A 98  ? N VAL A 207 O TYR A 106 ? O TYR A 215 
A 10 11 N ALA A 105 ? N ALA A 214 O THR A 87  ? O THR A 196 
# 
_pdbx_entry_details.entry_id                   1HQ8 
_pdbx_entry_details.compound_details           ? 
_pdbx_entry_details.source_details             ? 
_pdbx_entry_details.nonpolymer_details         ? 
_pdbx_entry_details.sequence_details           ? 
_pdbx_entry_details.has_ligand_of_interest     ? 
_pdbx_entry_details.has_protein_modification   Y 
# 
loop_
_pdbx_validate_close_contact.id 
_pdbx_validate_close_contact.PDB_model_num 
_pdbx_validate_close_contact.auth_atom_id_1 
_pdbx_validate_close_contact.auth_asym_id_1 
_pdbx_validate_close_contact.auth_comp_id_1 
_pdbx_validate_close_contact.auth_seq_id_1 
_pdbx_validate_close_contact.PDB_ins_code_1 
_pdbx_validate_close_contact.label_alt_id_1 
_pdbx_validate_close_contact.auth_atom_id_2 
_pdbx_validate_close_contact.auth_asym_id_2 
_pdbx_validate_close_contact.auth_comp_id_2 
_pdbx_validate_close_contact.auth_seq_id_2 
_pdbx_validate_close_contact.PDB_ins_code_2 
_pdbx_validate_close_contact.label_alt_id_2 
_pdbx_validate_close_contact.dist 
1 1 O A HOH 53 ? ? O A HOH 69 ? ? 2.14 
2 1 O A HOH 39 ? ? O A HOH 50 ? ? 2.15 
# 
_pdbx_validate_rmsd_angle.id                         1 
_pdbx_validate_rmsd_angle.PDB_model_num              1 
_pdbx_validate_rmsd_angle.auth_atom_id_1             C 
_pdbx_validate_rmsd_angle.auth_asym_id_1             A 
_pdbx_validate_rmsd_angle.auth_comp_id_1             ILE 
_pdbx_validate_rmsd_angle.auth_seq_id_1              200 
_pdbx_validate_rmsd_angle.PDB_ins_code_1             ? 
_pdbx_validate_rmsd_angle.label_alt_id_1             ? 
_pdbx_validate_rmsd_angle.auth_atom_id_2             N 
_pdbx_validate_rmsd_angle.auth_asym_id_2             A 
_pdbx_validate_rmsd_angle.auth_comp_id_2             PRO 
_pdbx_validate_rmsd_angle.auth_seq_id_2              201 
_pdbx_validate_rmsd_angle.PDB_ins_code_2             ? 
_pdbx_validate_rmsd_angle.label_alt_id_2             ? 
_pdbx_validate_rmsd_angle.auth_atom_id_3             CA 
_pdbx_validate_rmsd_angle.auth_asym_id_3             A 
_pdbx_validate_rmsd_angle.auth_comp_id_3             PRO 
_pdbx_validate_rmsd_angle.auth_seq_id_3              201 
_pdbx_validate_rmsd_angle.PDB_ins_code_3             ? 
_pdbx_validate_rmsd_angle.label_alt_id_3             ? 
_pdbx_validate_rmsd_angle.angle_value                128.48 
_pdbx_validate_rmsd_angle.angle_target_value         119.30 
_pdbx_validate_rmsd_angle.angle_deviation            9.18 
_pdbx_validate_rmsd_angle.angle_standard_deviation   1.50 
_pdbx_validate_rmsd_angle.linker_flag                Y 
# 
loop_
_pdbx_validate_torsion.id 
_pdbx_validate_torsion.PDB_model_num 
_pdbx_validate_torsion.auth_comp_id 
_pdbx_validate_torsion.auth_asym_id 
_pdbx_validate_torsion.auth_seq_id 
_pdbx_validate_torsion.PDB_ins_code 
_pdbx_validate_torsion.label_alt_id 
_pdbx_validate_torsion.phi 
_pdbx_validate_torsion.psi 
1 1 SER A 155 ? ? -164.08 114.84  
2 1 SER A 167 ? ? 67.66   -161.99 
3 1 ALA A 178 ? ? -71.61  -93.73  
4 1 PRO A 201 ? ? -25.64  128.99  
5 1 LYS A 202 ? ? 83.09   -37.05  
6 1 SER A 210 ? ? 74.16   169.63  
# 
loop_
_chem_comp_atom.comp_id 
_chem_comp_atom.atom_id 
_chem_comp_atom.type_symbol 
_chem_comp_atom.pdbx_aromatic_flag 
_chem_comp_atom.pdbx_stereo_config 
_chem_comp_atom.pdbx_ordinal 
ALA N    N N N 1   
ALA CA   C N S 2   
ALA C    C N N 3   
ALA O    O N N 4   
ALA CB   C N N 5   
ALA OXT  O N N 6   
ALA H    H N N 7   
ALA H2   H N N 8   
ALA HA   H N N 9   
ALA HB1  H N N 10  
ALA HB2  H N N 11  
ALA HB3  H N N 12  
ALA HXT  H N N 13  
ARG N    N N N 14  
ARG CA   C N S 15  
ARG C    C N N 16  
ARG O    O N N 17  
ARG CB   C N N 18  
ARG CG   C N N 19  
ARG CD   C N N 20  
ARG NE   N N N 21  
ARG CZ   C N N 22  
ARG NH1  N N N 23  
ARG NH2  N N N 24  
ARG OXT  O N N 25  
ARG H    H N N 26  
ARG H2   H N N 27  
ARG HA   H N N 28  
ARG HB2  H N N 29  
ARG HB3  H N N 30  
ARG HG2  H N N 31  
ARG HG3  H N N 32  
ARG HD2  H N N 33  
ARG HD3  H N N 34  
ARG HE   H N N 35  
ARG HH11 H N N 36  
ARG HH12 H N N 37  
ARG HH21 H N N 38  
ARG HH22 H N N 39  
ARG HXT  H N N 40  
ASN N    N N N 41  
ASN CA   C N S 42  
ASN C    C N N 43  
ASN O    O N N 44  
ASN CB   C N N 45  
ASN CG   C N N 46  
ASN OD1  O N N 47  
ASN ND2  N N N 48  
ASN OXT  O N N 49  
ASN H    H N N 50  
ASN H2   H N N 51  
ASN HA   H N N 52  
ASN HB2  H N N 53  
ASN HB3  H N N 54  
ASN HD21 H N N 55  
ASN HD22 H N N 56  
ASN HXT  H N N 57  
ASP N    N N N 58  
ASP CA   C N S 59  
ASP C    C N N 60  
ASP O    O N N 61  
ASP CB   C N N 62  
ASP CG   C N N 63  
ASP OD1  O N N 64  
ASP OD2  O N N 65  
ASP OXT  O N N 66  
ASP H    H N N 67  
ASP H2   H N N 68  
ASP HA   H N N 69  
ASP HB2  H N N 70  
ASP HB3  H N N 71  
ASP HD2  H N N 72  
ASP HXT  H N N 73  
CYS N    N N N 74  
CYS CA   C N R 75  
CYS C    C N N 76  
CYS O    O N N 77  
CYS CB   C N N 78  
CYS SG   S N N 79  
CYS OXT  O N N 80  
CYS H    H N N 81  
CYS H2   H N N 82  
CYS HA   H N N 83  
CYS HB2  H N N 84  
CYS HB3  H N N 85  
CYS HG   H N N 86  
CYS HXT  H N N 87  
GLN N    N N N 88  
GLN CA   C N S 89  
GLN C    C N N 90  
GLN O    O N N 91  
GLN CB   C N N 92  
GLN CG   C N N 93  
GLN CD   C N N 94  
GLN OE1  O N N 95  
GLN NE2  N N N 96  
GLN OXT  O N N 97  
GLN H    H N N 98  
GLN H2   H N N 99  
GLN HA   H N N 100 
GLN HB2  H N N 101 
GLN HB3  H N N 102 
GLN HG2  H N N 103 
GLN HG3  H N N 104 
GLN HE21 H N N 105 
GLN HE22 H N N 106 
GLN HXT  H N N 107 
GLU N    N N N 108 
GLU CA   C N S 109 
GLU C    C N N 110 
GLU O    O N N 111 
GLU CB   C N N 112 
GLU CG   C N N 113 
GLU CD   C N N 114 
GLU OE1  O N N 115 
GLU OE2  O N N 116 
GLU OXT  O N N 117 
GLU H    H N N 118 
GLU H2   H N N 119 
GLU HA   H N N 120 
GLU HB2  H N N 121 
GLU HB3  H N N 122 
GLU HG2  H N N 123 
GLU HG3  H N N 124 
GLU HE2  H N N 125 
GLU HXT  H N N 126 
GLY N    N N N 127 
GLY CA   C N N 128 
GLY C    C N N 129 
GLY O    O N N 130 
GLY OXT  O N N 131 
GLY H    H N N 132 
GLY H2   H N N 133 
GLY HA2  H N N 134 
GLY HA3  H N N 135 
GLY HXT  H N N 136 
HIS N    N N N 137 
HIS CA   C N S 138 
HIS C    C N N 139 
HIS O    O N N 140 
HIS CB   C N N 141 
HIS CG   C Y N 142 
HIS ND1  N Y N 143 
HIS CD2  C Y N 144 
HIS CE1  C Y N 145 
HIS NE2  N Y N 146 
HIS OXT  O N N 147 
HIS H    H N N 148 
HIS H2   H N N 149 
HIS HA   H N N 150 
HIS HB2  H N N 151 
HIS HB3  H N N 152 
HIS HD1  H N N 153 
HIS HD2  H N N 154 
HIS HE1  H N N 155 
HIS HE2  H N N 156 
HIS HXT  H N N 157 
HOH O    O N N 158 
HOH H1   H N N 159 
HOH H2   H N N 160 
ILE N    N N N 161 
ILE CA   C N S 162 
ILE C    C N N 163 
ILE O    O N N 164 
ILE CB   C N S 165 
ILE CG1  C N N 166 
ILE CG2  C N N 167 
ILE CD1  C N N 168 
ILE OXT  O N N 169 
ILE H    H N N 170 
ILE H2   H N N 171 
ILE HA   H N N 172 
ILE HB   H N N 173 
ILE HG12 H N N 174 
ILE HG13 H N N 175 
ILE HG21 H N N 176 
ILE HG22 H N N 177 
ILE HG23 H N N 178 
ILE HD11 H N N 179 
ILE HD12 H N N 180 
ILE HD13 H N N 181 
ILE HXT  H N N 182 
LEU N    N N N 183 
LEU CA   C N S 184 
LEU C    C N N 185 
LEU O    O N N 186 
LEU CB   C N N 187 
LEU CG   C N N 188 
LEU CD1  C N N 189 
LEU CD2  C N N 190 
LEU OXT  O N N 191 
LEU H    H N N 192 
LEU H2   H N N 193 
LEU HA   H N N 194 
LEU HB2  H N N 195 
LEU HB3  H N N 196 
LEU HG   H N N 197 
LEU HD11 H N N 198 
LEU HD12 H N N 199 
LEU HD13 H N N 200 
LEU HD21 H N N 201 
LEU HD22 H N N 202 
LEU HD23 H N N 203 
LEU HXT  H N N 204 
LYS N    N N N 205 
LYS CA   C N S 206 
LYS C    C N N 207 
LYS O    O N N 208 
LYS CB   C N N 209 
LYS CG   C N N 210 
LYS CD   C N N 211 
LYS CE   C N N 212 
LYS NZ   N N N 213 
LYS OXT  O N N 214 
LYS H    H N N 215 
LYS H2   H N N 216 
LYS HA   H N N 217 
LYS HB2  H N N 218 
LYS HB3  H N N 219 
LYS HG2  H N N 220 
LYS HG3  H N N 221 
LYS HD2  H N N 222 
LYS HD3  H N N 223 
LYS HE2  H N N 224 
LYS HE3  H N N 225 
LYS HZ1  H N N 226 
LYS HZ2  H N N 227 
LYS HZ3  H N N 228 
LYS HXT  H N N 229 
MET N    N N N 230 
MET CA   C N S 231 
MET C    C N N 232 
MET O    O N N 233 
MET CB   C N N 234 
MET CG   C N N 235 
MET SD   S N N 236 
MET CE   C N N 237 
MET OXT  O N N 238 
MET H    H N N 239 
MET H2   H N N 240 
MET HA   H N N 241 
MET HB2  H N N 242 
MET HB3  H N N 243 
MET HG2  H N N 244 
MET HG3  H N N 245 
MET HE1  H N N 246 
MET HE2  H N N 247 
MET HE3  H N N 248 
MET HXT  H N N 249 
PHE N    N N N 250 
PHE CA   C N S 251 
PHE C    C N N 252 
PHE O    O N N 253 
PHE CB   C N N 254 
PHE CG   C Y N 255 
PHE CD1  C Y N 256 
PHE CD2  C Y N 257 
PHE CE1  C Y N 258 
PHE CE2  C Y N 259 
PHE CZ   C Y N 260 
PHE OXT  O N N 261 
PHE H    H N N 262 
PHE H2   H N N 263 
PHE HA   H N N 264 
PHE HB2  H N N 265 
PHE HB3  H N N 266 
PHE HD1  H N N 267 
PHE HD2  H N N 268 
PHE HE1  H N N 269 
PHE HE2  H N N 270 
PHE HZ   H N N 271 
PHE HXT  H N N 272 
PRO N    N N N 273 
PRO CA   C N S 274 
PRO C    C N N 275 
PRO O    O N N 276 
PRO CB   C N N 277 
PRO CG   C N N 278 
PRO CD   C N N 279 
PRO OXT  O N N 280 
PRO H    H N N 281 
PRO HA   H N N 282 
PRO HB2  H N N 283 
PRO HB3  H N N 284 
PRO HG2  H N N 285 
PRO HG3  H N N 286 
PRO HD2  H N N 287 
PRO HD3  H N N 288 
PRO HXT  H N N 289 
SER N    N N N 290 
SER CA   C N S 291 
SER C    C N N 292 
SER O    O N N 293 
SER CB   C N N 294 
SER OG   O N N 295 
SER OXT  O N N 296 
SER H    H N N 297 
SER H2   H N N 298 
SER HA   H N N 299 
SER HB2  H N N 300 
SER HB3  H N N 301 
SER HG   H N N 302 
SER HXT  H N N 303 
THR N    N N N 304 
THR CA   C N S 305 
THR C    C N N 306 
THR O    O N N 307 
THR CB   C N R 308 
THR OG1  O N N 309 
THR CG2  C N N 310 
THR OXT  O N N 311 
THR H    H N N 312 
THR H2   H N N 313 
THR HA   H N N 314 
THR HB   H N N 315 
THR HG1  H N N 316 
THR HG21 H N N 317 
THR HG22 H N N 318 
THR HG23 H N N 319 
THR HXT  H N N 320 
TRP N    N N N 321 
TRP CA   C N S 322 
TRP C    C N N 323 
TRP O    O N N 324 
TRP CB   C N N 325 
TRP CG   C Y N 326 
TRP CD1  C Y N 327 
TRP CD2  C Y N 328 
TRP NE1  N Y N 329 
TRP CE2  C Y N 330 
TRP CE3  C Y N 331 
TRP CZ2  C Y N 332 
TRP CZ3  C Y N 333 
TRP CH2  C Y N 334 
TRP OXT  O N N 335 
TRP H    H N N 336 
TRP H2   H N N 337 
TRP HA   H N N 338 
TRP HB2  H N N 339 
TRP HB3  H N N 340 
TRP HD1  H N N 341 
TRP HE1  H N N 342 
TRP HE3  H N N 343 
TRP HZ2  H N N 344 
TRP HZ3  H N N 345 
TRP HH2  H N N 346 
TRP HXT  H N N 347 
TYR N    N N N 348 
TYR CA   C N S 349 
TYR C    C N N 350 
TYR O    O N N 351 
TYR CB   C N N 352 
TYR CG   C Y N 353 
TYR CD1  C Y N 354 
TYR CD2  C Y N 355 
TYR CE1  C Y N 356 
TYR CE2  C Y N 357 
TYR CZ   C Y N 358 
TYR OH   O N N 359 
TYR OXT  O N N 360 
TYR H    H N N 361 
TYR H2   H N N 362 
TYR HA   H N N 363 
TYR HB2  H N N 364 
TYR HB3  H N N 365 
TYR HD1  H N N 366 
TYR HD2  H N N 367 
TYR HE1  H N N 368 
TYR HE2  H N N 369 
TYR HH   H N N 370 
TYR HXT  H N N 371 
VAL N    N N N 372 
VAL CA   C N S 373 
VAL C    C N N 374 
VAL O    O N N 375 
VAL CB   C N N 376 
VAL CG1  C N N 377 
VAL CG2  C N N 378 
VAL OXT  O N N 379 
VAL H    H N N 380 
VAL H2   H N N 381 
VAL HA   H N N 382 
VAL HB   H N N 383 
VAL HG11 H N N 384 
VAL HG12 H N N 385 
VAL HG13 H N N 386 
VAL HG21 H N N 387 
VAL HG22 H N N 388 
VAL HG23 H N N 389 
VAL HXT  H N N 390 
# 
loop_
_chem_comp_bond.comp_id 
_chem_comp_bond.atom_id_1 
_chem_comp_bond.atom_id_2 
_chem_comp_bond.value_order 
_chem_comp_bond.pdbx_aromatic_flag 
_chem_comp_bond.pdbx_stereo_config 
_chem_comp_bond.pdbx_ordinal 
ALA N   CA   sing N N 1   
ALA N   H    sing N N 2   
ALA N   H2   sing N N 3   
ALA CA  C    sing N N 4   
ALA CA  CB   sing N N 5   
ALA CA  HA   sing N N 6   
ALA C   O    doub N N 7   
ALA C   OXT  sing N N 8   
ALA CB  HB1  sing N N 9   
ALA CB  HB2  sing N N 10  
ALA CB  HB3  sing N N 11  
ALA OXT HXT  sing N N 12  
ARG N   CA   sing N N 13  
ARG N   H    sing N N 14  
ARG N   H2   sing N N 15  
ARG CA  C    sing N N 16  
ARG CA  CB   sing N N 17  
ARG CA  HA   sing N N 18  
ARG C   O    doub N N 19  
ARG C   OXT  sing N N 20  
ARG CB  CG   sing N N 21  
ARG CB  HB2  sing N N 22  
ARG CB  HB3  sing N N 23  
ARG CG  CD   sing N N 24  
ARG CG  HG2  sing N N 25  
ARG CG  HG3  sing N N 26  
ARG CD  NE   sing N N 27  
ARG CD  HD2  sing N N 28  
ARG CD  HD3  sing N N 29  
ARG NE  CZ   sing N N 30  
ARG NE  HE   sing N N 31  
ARG CZ  NH1  sing N N 32  
ARG CZ  NH2  doub N N 33  
ARG NH1 HH11 sing N N 34  
ARG NH1 HH12 sing N N 35  
ARG NH2 HH21 sing N N 36  
ARG NH2 HH22 sing N N 37  
ARG OXT HXT  sing N N 38  
ASN N   CA   sing N N 39  
ASN N   H    sing N N 40  
ASN N   H2   sing N N 41  
ASN CA  C    sing N N 42  
ASN CA  CB   sing N N 43  
ASN CA  HA   sing N N 44  
ASN C   O    doub N N 45  
ASN C   OXT  sing N N 46  
ASN CB  CG   sing N N 47  
ASN CB  HB2  sing N N 48  
ASN CB  HB3  sing N N 49  
ASN CG  OD1  doub N N 50  
ASN CG  ND2  sing N N 51  
ASN ND2 HD21 sing N N 52  
ASN ND2 HD22 sing N N 53  
ASN OXT HXT  sing N N 54  
ASP N   CA   sing N N 55  
ASP N   H    sing N N 56  
ASP N   H2   sing N N 57  
ASP CA  C    sing N N 58  
ASP CA  CB   sing N N 59  
ASP CA  HA   sing N N 60  
ASP C   O    doub N N 61  
ASP C   OXT  sing N N 62  
ASP CB  CG   sing N N 63  
ASP CB  HB2  sing N N 64  
ASP CB  HB3  sing N N 65  
ASP CG  OD1  doub N N 66  
ASP CG  OD2  sing N N 67  
ASP OD2 HD2  sing N N 68  
ASP OXT HXT  sing N N 69  
CYS N   CA   sing N N 70  
CYS N   H    sing N N 71  
CYS N   H2   sing N N 72  
CYS CA  C    sing N N 73  
CYS CA  CB   sing N N 74  
CYS CA  HA   sing N N 75  
CYS C   O    doub N N 76  
CYS C   OXT  sing N N 77  
CYS CB  SG   sing N N 78  
CYS CB  HB2  sing N N 79  
CYS CB  HB3  sing N N 80  
CYS SG  HG   sing N N 81  
CYS OXT HXT  sing N N 82  
GLN N   CA   sing N N 83  
GLN N   H    sing N N 84  
GLN N   H2   sing N N 85  
GLN CA  C    sing N N 86  
GLN CA  CB   sing N N 87  
GLN CA  HA   sing N N 88  
GLN C   O    doub N N 89  
GLN C   OXT  sing N N 90  
GLN CB  CG   sing N N 91  
GLN CB  HB2  sing N N 92  
GLN CB  HB3  sing N N 93  
GLN CG  CD   sing N N 94  
GLN CG  HG2  sing N N 95  
GLN CG  HG3  sing N N 96  
GLN CD  OE1  doub N N 97  
GLN CD  NE2  sing N N 98  
GLN NE2 HE21 sing N N 99  
GLN NE2 HE22 sing N N 100 
GLN OXT HXT  sing N N 101 
GLU N   CA   sing N N 102 
GLU N   H    sing N N 103 
GLU N   H2   sing N N 104 
GLU CA  C    sing N N 105 
GLU CA  CB   sing N N 106 
GLU CA  HA   sing N N 107 
GLU C   O    doub N N 108 
GLU C   OXT  sing N N 109 
GLU CB  CG   sing N N 110 
GLU CB  HB2  sing N N 111 
GLU CB  HB3  sing N N 112 
GLU CG  CD   sing N N 113 
GLU CG  HG2  sing N N 114 
GLU CG  HG3  sing N N 115 
GLU CD  OE1  doub N N 116 
GLU CD  OE2  sing N N 117 
GLU OE2 HE2  sing N N 118 
GLU OXT HXT  sing N N 119 
GLY N   CA   sing N N 120 
GLY N   H    sing N N 121 
GLY N   H2   sing N N 122 
GLY CA  C    sing N N 123 
GLY CA  HA2  sing N N 124 
GLY CA  HA3  sing N N 125 
GLY C   O    doub N N 126 
GLY C   OXT  sing N N 127 
GLY OXT HXT  sing N N 128 
HIS N   CA   sing N N 129 
HIS N   H    sing N N 130 
HIS N   H2   sing N N 131 
HIS CA  C    sing N N 132 
HIS CA  CB   sing N N 133 
HIS CA  HA   sing N N 134 
HIS C   O    doub N N 135 
HIS C   OXT  sing N N 136 
HIS CB  CG   sing N N 137 
HIS CB  HB2  sing N N 138 
HIS CB  HB3  sing N N 139 
HIS CG  ND1  sing Y N 140 
HIS CG  CD2  doub Y N 141 
HIS ND1 CE1  doub Y N 142 
HIS ND1 HD1  sing N N 143 
HIS CD2 NE2  sing Y N 144 
HIS CD2 HD2  sing N N 145 
HIS CE1 NE2  sing Y N 146 
HIS CE1 HE1  sing N N 147 
HIS NE2 HE2  sing N N 148 
HIS OXT HXT  sing N N 149 
HOH O   H1   sing N N 150 
HOH O   H2   sing N N 151 
ILE N   CA   sing N N 152 
ILE N   H    sing N N 153 
ILE N   H2   sing N N 154 
ILE CA  C    sing N N 155 
ILE CA  CB   sing N N 156 
ILE CA  HA   sing N N 157 
ILE C   O    doub N N 158 
ILE C   OXT  sing N N 159 
ILE CB  CG1  sing N N 160 
ILE CB  CG2  sing N N 161 
ILE CB  HB   sing N N 162 
ILE CG1 CD1  sing N N 163 
ILE CG1 HG12 sing N N 164 
ILE CG1 HG13 sing N N 165 
ILE CG2 HG21 sing N N 166 
ILE CG2 HG22 sing N N 167 
ILE CG2 HG23 sing N N 168 
ILE CD1 HD11 sing N N 169 
ILE CD1 HD12 sing N N 170 
ILE CD1 HD13 sing N N 171 
ILE OXT HXT  sing N N 172 
LEU N   CA   sing N N 173 
LEU N   H    sing N N 174 
LEU N   H2   sing N N 175 
LEU CA  C    sing N N 176 
LEU CA  CB   sing N N 177 
LEU CA  HA   sing N N 178 
LEU C   O    doub N N 179 
LEU C   OXT  sing N N 180 
LEU CB  CG   sing N N 181 
LEU CB  HB2  sing N N 182 
LEU CB  HB3  sing N N 183 
LEU CG  CD1  sing N N 184 
LEU CG  CD2  sing N N 185 
LEU CG  HG   sing N N 186 
LEU CD1 HD11 sing N N 187 
LEU CD1 HD12 sing N N 188 
LEU CD1 HD13 sing N N 189 
LEU CD2 HD21 sing N N 190 
LEU CD2 HD22 sing N N 191 
LEU CD2 HD23 sing N N 192 
LEU OXT HXT  sing N N 193 
LYS N   CA   sing N N 194 
LYS N   H    sing N N 195 
LYS N   H2   sing N N 196 
LYS CA  C    sing N N 197 
LYS CA  CB   sing N N 198 
LYS CA  HA   sing N N 199 
LYS C   O    doub N N 200 
LYS C   OXT  sing N N 201 
LYS CB  CG   sing N N 202 
LYS CB  HB2  sing N N 203 
LYS CB  HB3  sing N N 204 
LYS CG  CD   sing N N 205 
LYS CG  HG2  sing N N 206 
LYS CG  HG3  sing N N 207 
LYS CD  CE   sing N N 208 
LYS CD  HD2  sing N N 209 
LYS CD  HD3  sing N N 210 
LYS CE  NZ   sing N N 211 
LYS CE  HE2  sing N N 212 
LYS CE  HE3  sing N N 213 
LYS NZ  HZ1  sing N N 214 
LYS NZ  HZ2  sing N N 215 
LYS NZ  HZ3  sing N N 216 
LYS OXT HXT  sing N N 217 
MET N   CA   sing N N 218 
MET N   H    sing N N 219 
MET N   H2   sing N N 220 
MET CA  C    sing N N 221 
MET CA  CB   sing N N 222 
MET CA  HA   sing N N 223 
MET C   O    doub N N 224 
MET C   OXT  sing N N 225 
MET CB  CG   sing N N 226 
MET CB  HB2  sing N N 227 
MET CB  HB3  sing N N 228 
MET CG  SD   sing N N 229 
MET CG  HG2  sing N N 230 
MET CG  HG3  sing N N 231 
MET SD  CE   sing N N 232 
MET CE  HE1  sing N N 233 
MET CE  HE2  sing N N 234 
MET CE  HE3  sing N N 235 
MET OXT HXT  sing N N 236 
PHE N   CA   sing N N 237 
PHE N   H    sing N N 238 
PHE N   H2   sing N N 239 
PHE CA  C    sing N N 240 
PHE CA  CB   sing N N 241 
PHE CA  HA   sing N N 242 
PHE C   O    doub N N 243 
PHE C   OXT  sing N N 244 
PHE CB  CG   sing N N 245 
PHE CB  HB2  sing N N 246 
PHE CB  HB3  sing N N 247 
PHE CG  CD1  doub Y N 248 
PHE CG  CD2  sing Y N 249 
PHE CD1 CE1  sing Y N 250 
PHE CD1 HD1  sing N N 251 
PHE CD2 CE2  doub Y N 252 
PHE CD2 HD2  sing N N 253 
PHE CE1 CZ   doub Y N 254 
PHE CE1 HE1  sing N N 255 
PHE CE2 CZ   sing Y N 256 
PHE CE2 HE2  sing N N 257 
PHE CZ  HZ   sing N N 258 
PHE OXT HXT  sing N N 259 
PRO N   CA   sing N N 260 
PRO N   CD   sing N N 261 
PRO N   H    sing N N 262 
PRO CA  C    sing N N 263 
PRO CA  CB   sing N N 264 
PRO CA  HA   sing N N 265 
PRO C   O    doub N N 266 
PRO C   OXT  sing N N 267 
PRO CB  CG   sing N N 268 
PRO CB  HB2  sing N N 269 
PRO CB  HB3  sing N N 270 
PRO CG  CD   sing N N 271 
PRO CG  HG2  sing N N 272 
PRO CG  HG3  sing N N 273 
PRO CD  HD2  sing N N 274 
PRO CD  HD3  sing N N 275 
PRO OXT HXT  sing N N 276 
SER N   CA   sing N N 277 
SER N   H    sing N N 278 
SER N   H2   sing N N 279 
SER CA  C    sing N N 280 
SER CA  CB   sing N N 281 
SER CA  HA   sing N N 282 
SER C   O    doub N N 283 
SER C   OXT  sing N N 284 
SER CB  OG   sing N N 285 
SER CB  HB2  sing N N 286 
SER CB  HB3  sing N N 287 
SER OG  HG   sing N N 288 
SER OXT HXT  sing N N 289 
THR N   CA   sing N N 290 
THR N   H    sing N N 291 
THR N   H2   sing N N 292 
THR CA  C    sing N N 293 
THR CA  CB   sing N N 294 
THR CA  HA   sing N N 295 
THR C   O    doub N N 296 
THR C   OXT  sing N N 297 
THR CB  OG1  sing N N 298 
THR CB  CG2  sing N N 299 
THR CB  HB   sing N N 300 
THR OG1 HG1  sing N N 301 
THR CG2 HG21 sing N N 302 
THR CG2 HG22 sing N N 303 
THR CG2 HG23 sing N N 304 
THR OXT HXT  sing N N 305 
TRP N   CA   sing N N 306 
TRP N   H    sing N N 307 
TRP N   H2   sing N N 308 
TRP CA  C    sing N N 309 
TRP CA  CB   sing N N 310 
TRP CA  HA   sing N N 311 
TRP C   O    doub N N 312 
TRP C   OXT  sing N N 313 
TRP CB  CG   sing N N 314 
TRP CB  HB2  sing N N 315 
TRP CB  HB3  sing N N 316 
TRP CG  CD1  doub Y N 317 
TRP CG  CD2  sing Y N 318 
TRP CD1 NE1  sing Y N 319 
TRP CD1 HD1  sing N N 320 
TRP CD2 CE2  doub Y N 321 
TRP CD2 CE3  sing Y N 322 
TRP NE1 CE2  sing Y N 323 
TRP NE1 HE1  sing N N 324 
TRP CE2 CZ2  sing Y N 325 
TRP CE3 CZ3  doub Y N 326 
TRP CE3 HE3  sing N N 327 
TRP CZ2 CH2  doub Y N 328 
TRP CZ2 HZ2  sing N N 329 
TRP CZ3 CH2  sing Y N 330 
TRP CZ3 HZ3  sing N N 331 
TRP CH2 HH2  sing N N 332 
TRP OXT HXT  sing N N 333 
TYR N   CA   sing N N 334 
TYR N   H    sing N N 335 
TYR N   H2   sing N N 336 
TYR CA  C    sing N N 337 
TYR CA  CB   sing N N 338 
TYR CA  HA   sing N N 339 
TYR C   O    doub N N 340 
TYR C   OXT  sing N N 341 
TYR CB  CG   sing N N 342 
TYR CB  HB2  sing N N 343 
TYR CB  HB3  sing N N 344 
TYR CG  CD1  doub Y N 345 
TYR CG  CD2  sing Y N 346 
TYR CD1 CE1  sing Y N 347 
TYR CD1 HD1  sing N N 348 
TYR CD2 CE2  doub Y N 349 
TYR CD2 HD2  sing N N 350 
TYR CE1 CZ   doub Y N 351 
TYR CE1 HE1  sing N N 352 
TYR CE2 CZ   sing Y N 353 
TYR CE2 HE2  sing N N 354 
TYR CZ  OH   sing N N 355 
TYR OH  HH   sing N N 356 
TYR OXT HXT  sing N N 357 
VAL N   CA   sing N N 358 
VAL N   H    sing N N 359 
VAL N   H2   sing N N 360 
VAL CA  C    sing N N 361 
VAL CA  CB   sing N N 362 
VAL CA  HA   sing N N 363 
VAL C   O    doub N N 364 
VAL C   OXT  sing N N 365 
VAL CB  CG1  sing N N 366 
VAL CB  CG2  sing N N 367 
VAL CB  HB   sing N N 368 
VAL CG1 HG11 sing N N 369 
VAL CG1 HG12 sing N N 370 
VAL CG1 HG13 sing N N 371 
VAL CG2 HG21 sing N N 372 
VAL CG2 HG22 sing N N 373 
VAL CG2 HG23 sing N N 374 
VAL OXT HXT  sing N N 375 
# 
_atom_sites.entry_id                    1HQ8 
_atom_sites.fract_transf_matrix[1][1]   0.01116855 
_atom_sites.fract_transf_matrix[1][2]   0.00910477 
_atom_sites.fract_transf_matrix[1][3]   0.01395026 
_atom_sites.fract_transf_matrix[2][1]   -0.00703136 
_atom_sites.fract_transf_matrix[2][2]   -0.00423282 
_atom_sites.fract_transf_matrix[2][3]   0.00839189 
_atom_sites.fract_transf_matrix[3][1]   0.00656973 
_atom_sites.fract_transf_matrix[3][2]   -0.00930322 
_atom_sites.fract_transf_matrix[3][3]   0.00081213 
_atom_sites.fract_transf_vector[1]      0.225934 
_atom_sites.fract_transf_vector[2]      0.340758 
_atom_sites.fract_transf_vector[3]      0.182506 
# 
loop_
_atom_type.symbol 
C 
N 
O 
S 
# 
loop_
_atom_site.group_PDB 
_atom_site.id 
_atom_site.type_symbol 
_atom_site.label_atom_id 
_atom_site.label_alt_id 
_atom_site.label_comp_id 
_atom_site.label_asym_id 
_atom_site.label_entity_id 
_atom_site.label_seq_id 
_atom_site.pdbx_PDB_ins_code 
_atom_site.Cartn_x 
_atom_site.Cartn_y 
_atom_site.Cartn_z 
_atom_site.occupancy 
_atom_site.B_iso_or_equiv 
_atom_site.pdbx_formal_charge 
_atom_site.auth_seq_id 
_atom_site.auth_comp_id 
_atom_site.auth_asym_id 
_atom_site.auth_atom_id 
_atom_site.pdbx_PDB_model_num 
ATOM   1    N N   . GLY A 1 1   ? 13.717  -14.331 -17.734 1.00 39.06 ? 110 GLY A N   1 
ATOM   2    C CA  . GLY A 1 1   ? 13.774  -15.183 -16.509 1.00 38.72 ? 110 GLY A CA  1 
ATOM   3    C C   . GLY A 1 1   ? 12.422  -15.362 -15.850 1.00 38.55 ? 110 GLY A C   1 
ATOM   4    O O   . GLY A 1 1   ? 11.399  -14.932 -16.381 1.00 39.91 ? 110 GLY A O   1 
ATOM   5    N N   . TYR A 1 2   ? 12.414  -16.005 -14.689 1.00 38.03 ? 111 TYR A N   1 
ATOM   6    C CA  . TYR A 1 2   ? 11.180  -16.232 -13.956 1.00 37.84 ? 111 TYR A CA  1 
ATOM   7    C C   . TYR A 1 2   ? 11.025  -15.213 -12.838 1.00 37.23 ? 111 TYR A C   1 
ATOM   8    O O   . TYR A 1 2   ? 12.003  -14.640 -12.353 1.00 37.46 ? 111 TYR A O   1 
ATOM   9    C CB  . TYR A 1 2   ? 11.151  -17.655 -13.398 1.00 39.28 ? 111 TYR A CB  1 
ATOM   10   C CG  . TYR A 1 2   ? 10.949  -18.696 -14.477 1.00 40.94 ? 111 TYR A CG  1 
ATOM   11   C CD1 . TYR A 1 2   ? 9.690   -19.240 -14.722 1.00 40.96 ? 111 TYR A CD1 1 
ATOM   12   C CD2 . TYR A 1 2   ? 12.012  -19.097 -15.291 1.00 41.38 ? 111 TYR A CD2 1 
ATOM   13   C CE1 . TYR A 1 2   ? 9.490   -20.160 -15.753 1.00 42.92 ? 111 TYR A CE1 1 
ATOM   14   C CE2 . TYR A 1 2   ? 11.826  -20.015 -16.324 1.00 42.47 ? 111 TYR A CE2 1 
ATOM   15   C CZ  . TYR A 1 2   ? 10.564  -20.540 -16.551 1.00 43.43 ? 111 TYR A CZ  1 
ATOM   16   O OH  . TYR A 1 2   ? 10.372  -21.442 -17.573 1.00 45.07 ? 111 TYR A OH  1 
ATOM   17   N N   . CYS A 1 3   ? 9.783   -14.993 -12.433 1.00 35.83 ? 112 CYS A N   1 
ATOM   18   C CA  . CYS A 1 3   ? 9.481   -14.023 -11.396 1.00 33.38 ? 112 CYS A CA  1 
ATOM   19   C C   . CYS A 1 3   ? 8.766   -14.734 -10.260 1.00 32.50 ? 112 CYS A C   1 
ATOM   20   O O   . CYS A 1 3   ? 7.888   -15.557 -10.495 1.00 32.75 ? 112 CYS A O   1 
ATOM   21   C CB  . CYS A 1 3   ? 8.591   -12.926 -12.000 1.00 33.56 ? 112 CYS A CB  1 
ATOM   22   S SG  . CYS A 1 3   ? 8.278   -11.468 -10.961 1.00 31.22 ? 112 CYS A SG  1 
ATOM   23   N N   . GLY A 1 4   ? 9.154   -14.430 -9.024  1.00 32.49 ? 113 GLY A N   1 
ATOM   24   C CA  . GLY A 1 4   ? 8.513   -15.065 -7.889  1.00 32.86 ? 113 GLY A CA  1 
ATOM   25   C C   . GLY A 1 4   ? 9.471   -15.393 -6.761  1.00 33.40 ? 113 GLY A C   1 
ATOM   26   O O   . GLY A 1 4   ? 10.587  -14.872 -6.729  1.00 33.89 ? 113 GLY A O   1 
ATOM   27   N N   . PRO A 1 5   ? 9.068   -16.254 -5.816  1.00 33.07 ? 114 PRO A N   1 
ATOM   28   C CA  . PRO A 1 5   ? 7.761   -16.914 -5.765  1.00 33.94 ? 114 PRO A CA  1 
ATOM   29   C C   . PRO A 1 5   ? 6.628   -15.983 -5.319  1.00 33.50 ? 114 PRO A C   1 
ATOM   30   O O   . PRO A 1 5   ? 6.860   -15.001 -4.614  1.00 33.48 ? 114 PRO A O   1 
ATOM   31   C CB  . PRO A 1 5   ? 7.992   -18.045 -4.769  1.00 33.60 ? 114 PRO A CB  1 
ATOM   32   C CG  . PRO A 1 5   ? 8.912   -17.412 -3.792  1.00 32.93 ? 114 PRO A CG  1 
ATOM   33   C CD  . PRO A 1 5   ? 9.907   -16.683 -4.680  1.00 33.91 ? 114 PRO A CD  1 
ATOM   34   N N   . CYS A 1 6   ? 5.406   -16.309 -5.726  1.00 32.81 ? 115 CYS A N   1 
ATOM   35   C CA  . CYS A 1 6   ? 4.245   -15.504 -5.375  1.00 33.13 ? 115 CYS A CA  1 
ATOM   36   C C   . CYS A 1 6   ? 2.998   -16.336 -5.188  1.00 33.40 ? 115 CYS A C   1 
ATOM   37   O O   . CYS A 1 6   ? 2.880   -17.430 -5.734  1.00 34.42 ? 115 CYS A O   1 
ATOM   38   C CB  . CYS A 1 6   ? 3.947   -14.482 -6.474  1.00 31.30 ? 115 CYS A CB  1 
ATOM   39   S SG  . CYS A 1 6   ? 5.144   -13.135 -6.682  1.00 30.77 ? 115 CYS A SG  1 
ATOM   40   N N   . PRO A 1 7   ? 2.039   -15.821 -4.414  1.00 33.92 ? 116 PRO A N   1 
ATOM   41   C CA  . PRO A 1 7   ? 0.800   -16.568 -4.207  1.00 34.00 ? 116 PRO A CA  1 
ATOM   42   C C   . PRO A 1 7   ? 0.203   -16.785 -5.589  1.00 34.91 ? 116 PRO A C   1 
ATOM   43   O O   . PRO A 1 7   ? 0.465   -16.005 -6.512  1.00 34.13 ? 116 PRO A O   1 
ATOM   44   C CB  . PRO A 1 7   ? -0.032  -15.614 -3.364  1.00 32.97 ? 116 PRO A CB  1 
ATOM   45   C CG  . PRO A 1 7   ? 0.986   -14.895 -2.579  1.00 32.79 ? 116 PRO A CG  1 
ATOM   46   C CD  . PRO A 1 7   ? 2.063   -14.602 -3.590  1.00 33.47 ? 116 PRO A CD  1 
ATOM   47   N N   . ASN A 1 8   ? -0.577  -17.850 -5.738  1.00 35.77 ? 117 ASN A N   1 
ATOM   48   C CA  . ASN A 1 8   ? -1.169  -18.157 -7.021  1.00 36.60 ? 117 ASN A CA  1 
ATOM   49   C C   . ASN A 1 8   ? -2.042  -17.026 -7.594  1.00 35.42 ? 117 ASN A C   1 
ATOM   50   O O   . ASN A 1 8   ? -2.881  -16.447 -6.901  1.00 34.88 ? 117 ASN A O   1 
ATOM   51   C CB  . ASN A 1 8   ? -1.990  -19.443 -6.926  1.00 40.24 ? 117 ASN A CB  1 
ATOM   52   C CG  . ASN A 1 8   ? -2.402  -19.964 -8.296  1.00 42.93 ? 117 ASN A CG  1 
ATOM   53   O OD1 . ASN A 1 8   ? -1.550  -20.232 -9.149  1.00 44.90 ? 117 ASN A OD1 1 
ATOM   54   N ND2 . ASN A 1 8   ? -3.708  -20.111 -8.513  1.00 44.34 ? 117 ASN A ND2 1 
ATOM   55   N N   . ASN A 1 9   ? -1.832  -16.737 -8.876  1.00 33.83 ? 118 ASN A N   1 
ATOM   56   C CA  . ASN A 1 9   ? -2.565  -15.706 -9.609  1.00 32.77 ? 118 ASN A CA  1 
ATOM   57   C C   . ASN A 1 9   ? -2.267  -14.252 -9.233  1.00 30.58 ? 118 ASN A C   1 
ATOM   58   O O   . ASN A 1 9   ? -2.996  -13.346 -9.633  1.00 30.86 ? 118 ASN A O   1 
ATOM   59   C CB  . ASN A 1 9   ? -4.071  -15.967 -9.514  1.00 34.88 ? 118 ASN A CB  1 
ATOM   60   C CG  . ASN A 1 9   ? -4.490  -17.211 -10.279 1.00 37.72 ? 118 ASN A CG  1 
ATOM   61   O OD1 . ASN A 1 9   ? -3.682  -17.822 -10.986 1.00 39.14 ? 118 ASN A OD1 1 
ATOM   62   N ND2 . ASN A 1 9   ? -5.758  -17.585 -10.154 1.00 38.49 ? 118 ASN A ND2 1 
ATOM   63   N N   . TRP A 1 10  ? -1.204  -14.017 -8.470  1.00 28.85 ? 119 TRP A N   1 
ATOM   64   C CA  . TRP A 1 10  ? -0.845  -12.651 -8.099  1.00 25.28 ? 119 TRP A CA  1 
ATOM   65   C C   . TRP A 1 10  ? 0.016   -12.098 -9.221  1.00 24.11 ? 119 TRP A C   1 
ATOM   66   O O   . TRP A 1 10  ? 0.574   -12.857 -10.023 1.00 24.33 ? 119 TRP A O   1 
ATOM   67   C CB  . TRP A 1 10  ? -0.074  -12.631 -6.765  1.00 23.33 ? 119 TRP A CB  1 
ATOM   68   C CG  . TRP A 1 10  ? -0.958  -12.740 -5.547  1.00 21.16 ? 119 TRP A CG  1 
ATOM   69   C CD1 . TRP A 1 10  ? -2.097  -13.482 -5.430  1.00 22.54 ? 119 TRP A CD1 1 
ATOM   70   C CD2 . TRP A 1 10  ? -0.778  -12.085 -4.286  1.00 20.67 ? 119 TRP A CD2 1 
ATOM   71   N NE1 . TRP A 1 10  ? -2.638  -13.328 -4.180  1.00 21.49 ? 119 TRP A NE1 1 
ATOM   72   C CE2 . TRP A 1 10  ? -1.848  -12.478 -3.455  1.00 20.41 ? 119 TRP A CE2 1 
ATOM   73   C CE3 . TRP A 1 10  ? 0.187   -11.202 -3.777  1.00 19.68 ? 119 TRP A CE3 1 
ATOM   74   C CZ2 . TRP A 1 10  ? -1.988  -12.020 -2.135  1.00 21.63 ? 119 TRP A CZ2 1 
ATOM   75   C CZ3 . TRP A 1 10  ? 0.047   -10.744 -2.461  1.00 19.64 ? 119 TRP A CZ3 1 
ATOM   76   C CH2 . TRP A 1 10  ? -1.032  -11.155 -1.659  1.00 19.71 ? 119 TRP A CH2 1 
ATOM   77   N N   . ILE A 1 11  ? 0.113   -10.776 -9.305  1.00 23.09 ? 120 ILE A N   1 
ATOM   78   C CA  . ILE A 1 11  ? 0.933   -10.146 -10.330 1.00 22.41 ? 120 ILE A CA  1 
ATOM   79   C C   . ILE A 1 11  ? 2.367   -10.115 -9.797  1.00 22.72 ? 120 ILE A C   1 
ATOM   80   O O   . ILE A 1 11  ? 2.579   -9.774  -8.641  1.00 24.02 ? 120 ILE A O   1 
ATOM   81   C CB  . ILE A 1 11  ? 0.450   -8.694  -10.633 1.00 21.63 ? 120 ILE A CB  1 
ATOM   82   C CG1 . ILE A 1 11  ? -0.886  -8.727  -11.388 1.00 19.69 ? 120 ILE A CG1 1 
ATOM   83   C CG2 . ILE A 1 11  ? 1.478   -7.959  -11.467 1.00 21.10 ? 120 ILE A CG2 1 
ATOM   84   C CD1 . ILE A 1 11  ? -2.091  -9.122  -10.538 1.00 31.19 ? 120 ILE A CD1 1 
ATOM   85   N N   . CYS A 1 12  ? 3.344   -10.462 -10.633 1.00 22.92 ? 121 CYS A N   1 
ATOM   86   C CA  . CYS A 1 12  ? 4.740   -10.483 -10.196 1.00 24.65 ? 121 CYS A CA  1 
ATOM   87   C C   . CYS A 1 12  ? 5.583   -9.516  -11.002 1.00 23.36 ? 121 CYS A C   1 
ATOM   88   O O   . CYS A 1 12  ? 5.444   -9.415  -12.223 1.00 24.67 ? 121 CYS A O   1 
ATOM   89   C CB  . CYS A 1 12  ? 5.322   -11.908 -10.316 1.00 27.19 ? 121 CYS A CB  1 
ATOM   90   S SG  . CYS A 1 12  ? 6.980   -12.162 -9.574  1.00 30.75 ? 121 CYS A SG  1 
ATOM   91   N N   . HIS A 1 13  ? 6.459   -8.796  -10.312 1.00 23.35 ? 122 HIS A N   1 
ATOM   92   C CA  . HIS A 1 13  ? 7.333   -7.826  -10.962 1.00 24.21 ? 122 HIS A CA  1 
ATOM   93   C C   . HIS A 1 13  ? 8.585   -7.658  -10.107 1.00 24.26 ? 122 HIS A C   1 
ATOM   94   O O   . HIS A 1 13  ? 8.484   -7.324  -8.934  1.00 23.01 ? 122 HIS A O   1 
ATOM   95   C CB  . HIS A 1 13  ? 6.604   -6.478  -11.108 1.00 23.89 ? 122 HIS A CB  1 
ATOM   96   C CG  . HIS A 1 13  ? 7.396   -5.440  -11.837 1.00 22.17 ? 122 HIS A CG  1 
ATOM   97   N ND1 . HIS A 1 13  ? 7.888   -4.309  -11.221 1.00 22.56 ? 122 HIS A ND1 1 
ATOM   98   C CD2 . HIS A 1 13  ? 7.805   -5.371  -13.127 1.00 22.31 ? 122 HIS A CD2 1 
ATOM   99   C CE1 . HIS A 1 13  ? 8.565   -3.591  -12.097 1.00 20.51 ? 122 HIS A CE1 1 
ATOM   100  N NE2 . HIS A 1 13  ? 8.530   -4.212  -13.261 1.00 22.46 ? 122 HIS A NE2 1 
ATOM   101  N N   . ARG A 1 14  ? 9.758   -7.896  -10.694 1.00 26.82 ? 123 ARG A N   1 
ATOM   102  C CA  . ARG A 1 14  ? 11.020  -7.794  -9.960  1.00 28.24 ? 123 ARG A CA  1 
ATOM   103  C C   . ARG A 1 14  ? 10.935  -8.625  -8.688  1.00 28.77 ? 123 ARG A C   1 
ATOM   104  O O   . ARG A 1 14  ? 11.501  -8.266  -7.653  1.00 29.48 ? 123 ARG A O   1 
ATOM   105  C CB  . ARG A 1 14  ? 11.316  -6.341  -9.593  1.00 29.85 ? 123 ARG A CB  1 
ATOM   106  C CG  . ARG A 1 14  ? 11.572  -5.429  -10.782 1.00 32.14 ? 123 ARG A CG  1 
ATOM   107  C CD  . ARG A 1 14  ? 11.725  -3.988  -10.317 1.00 35.18 ? 123 ARG A CD  1 
ATOM   108  N NE  . ARG A 1 14  ? 12.202  -3.104  -11.376 1.00 38.52 ? 123 ARG A NE  1 
ATOM   109  C CZ  . ARG A 1 14  ? 13.477  -2.981  -11.733 1.00 41.39 ? 123 ARG A CZ  1 
ATOM   110  N NH1 . ARG A 1 14  ? 14.411  -3.689  -11.114 1.00 43.12 ? 123 ARG A NH1 1 
ATOM   111  N NH2 . ARG A 1 14  ? 13.815  -2.145  -12.707 1.00 43.45 ? 123 ARG A NH2 1 
ATOM   112  N N   . ASN A 1 15  ? 10.204  -9.731  -8.773  1.00 29.45 ? 124 ASN A N   1 
ATOM   113  C CA  . ASN A 1 15  ? 9.998   -10.649 -7.655  1.00 30.08 ? 124 ASN A CA  1 
ATOM   114  C C   . ASN A 1 15  ? 9.100   -10.122 -6.547  1.00 30.06 ? 124 ASN A C   1 
ATOM   115  O O   . ASN A 1 15  ? 8.982   -10.744 -5.488  1.00 29.26 ? 124 ASN A O   1 
ATOM   116  C CB  . ASN A 1 15  ? 11.336  -11.117 -7.064  1.00 33.08 ? 124 ASN A CB  1 
ATOM   117  C CG  . ASN A 1 15  ? 12.119  -11.988 -8.030  1.00 33.78 ? 124 ASN A CG  1 
ATOM   118  O OD1 . ASN A 1 15  ? 11.531  -12.736 -8.824  1.00 34.48 ? 124 ASN A OD1 1 
ATOM   119  N ND2 . ASN A 1 15  ? 13.438  -11.902 -7.972  1.00 35.07 ? 124 ASN A ND2 1 
ATOM   120  N N   . ASN A 1 16  ? 8.479   -8.968  -6.771  1.00 28.80 ? 125 ASN A N   1 
ATOM   121  C CA  . ASN A 1 16  ? 7.549   -8.429  -5.785  1.00 26.84 ? 125 ASN A CA  1 
ATOM   122  C C   . ASN A 1 16  ? 6.204   -9.010  -6.203  1.00 25.44 ? 125 ASN A C   1 
ATOM   123  O O   . ASN A 1 16  ? 5.953   -9.206  -7.392  1.00 25.16 ? 125 ASN A O   1 
ATOM   124  C CB  . ASN A 1 16  ? 7.502   -6.900  -5.853  1.00 27.25 ? 125 ASN A CB  1 
ATOM   125  C CG  . ASN A 1 16  ? 8.828   -6.257  -5.497  1.00 27.63 ? 125 ASN A CG  1 
ATOM   126  O OD1 . ASN A 1 16  ? 9.386   -6.504  -4.426  1.00 29.71 ? 125 ASN A OD1 1 
ATOM   127  N ND2 . ASN A 1 16  ? 9.340   -5.424  -6.390  1.00 29.74 ? 125 ASN A ND2 1 
ATOM   128  N N   . CYS A 1 17  ? 5.336   -9.294  -5.241  1.00 25.04 ? 126 CYS A N   1 
ATOM   129  C CA  . CYS A 1 17  ? 4.040   -9.876  -5.556  1.00 24.80 ? 126 CYS A CA  1 
ATOM   130  C C   . CYS A 1 17  ? 2.920   -8.923  -5.188  1.00 24.02 ? 126 CYS A C   1 
ATOM   131  O O   . CYS A 1 17  ? 2.908   -8.383  -4.087  1.00 24.55 ? 126 CYS A O   1 
ATOM   132  C CB  . CYS A 1 17  ? 3.841   -11.175 -4.782  1.00 26.58 ? 126 CYS A CB  1 
ATOM   133  S SG  . CYS A 1 17  ? 5.273   -12.307 -4.835  1.00 29.79 ? 126 CYS A SG  1 
ATOM   134  N N   . TYR A 1 18  ? 1.972   -8.745  -6.102  1.00 22.17 ? 127 TYR A N   1 
ATOM   135  C CA  . TYR A 1 18  ? 0.838   -7.852  -5.858  1.00 21.02 ? 127 TYR A CA  1 
ATOM   136  C C   . TYR A 1 18  ? -0.493  -8.474  -6.222  1.00 20.34 ? 127 TYR A C   1 
ATOM   137  O O   . TYR A 1 18  ? -0.585  -9.292  -7.141  1.00 20.27 ? 127 TYR A O   1 
ATOM   138  C CB  . TYR A 1 18  ? 0.938   -6.573  -6.693  1.00 20.50 ? 127 TYR A CB  1 
ATOM   139  C CG  . TYR A 1 18  ? 2.228   -5.809  -6.623  1.00 21.12 ? 127 TYR A CG  1 
ATOM   140  C CD1 . TYR A 1 18  ? 3.295   -6.136  -7.458  1.00 20.28 ? 127 TYR A CD1 1 
ATOM   141  C CD2 . TYR A 1 18  ? 2.366   -4.707  -5.774  1.00 20.74 ? 127 TYR A CD2 1 
ATOM   142  C CE1 . TYR A 1 18  ? 4.462   -5.392  -7.459  1.00 22.63 ? 127 TYR A CE1 1 
ATOM   143  C CE2 . TYR A 1 18  ? 3.538   -3.950  -5.765  1.00 19.98 ? 127 TYR A CE2 1 
ATOM   144  C CZ  . TYR A 1 18  ? 4.579   -4.296  -6.609  1.00 21.27 ? 127 TYR A CZ  1 
ATOM   145  O OH  . TYR A 1 18  ? 5.732   -3.549  -6.617  1.00 21.38 ? 127 TYR A OH  1 
ATOM   146  N N   . GLN A 1 19  ? -1.529  -8.084  -5.495  1.00 20.47 ? 128 GLN A N   1 
ATOM   147  C CA  . GLN A 1 19  ? -2.868  -8.534  -5.809  1.00 21.10 ? 128 GLN A CA  1 
ATOM   148  C C   . GLN A 1 19  ? -3.804  -7.387  -5.448  1.00 21.66 ? 128 GLN A C   1 
ATOM   149  O O   . GLN A 1 19  ? -3.593  -6.685  -4.449  1.00 19.99 ? 128 GLN A O   1 
ATOM   150  C CB  . GLN A 1 19  ? -3.264  -9.799  -5.038  1.00 20.72 ? 128 GLN A CB  1 
ATOM   151  C CG  . GLN A 1 19  ? -4.617  -10.348 -5.482  1.00 21.56 ? 128 GLN A CG  1 
ATOM   152  C CD  . GLN A 1 19  ? -4.713  -10.517 -6.996  1.00 24.44 ? 128 GLN A CD  1 
ATOM   153  O OE1 . GLN A 1 19  ? -4.872  -9.541  -7.743  1.00 21.04 ? 128 GLN A OE1 1 
ATOM   154  N NE2 . GLN A 1 19  ? -4.603  -11.765 -7.458  1.00 24.52 ? 128 GLN A NE2 1 
ATOM   155  N N   . PHE A 1 20  ? -4.836  -7.213  -6.267  1.00 22.14 ? 129 PHE A N   1 
ATOM   156  C CA  . PHE A 1 20  ? -5.815  -6.146  -6.084  1.00 23.08 ? 129 PHE A CA  1 
ATOM   157  C C   . PHE A 1 20  ? -7.139  -6.732  -5.635  1.00 23.77 ? 129 PHE A C   1 
ATOM   158  O O   . PHE A 1 20  ? -7.720  -7.565  -6.329  1.00 25.26 ? 129 PHE A O   1 
ATOM   159  C CB  . PHE A 1 20  ? -6.002  -5.399  -7.406  1.00 21.80 ? 129 PHE A CB  1 
ATOM   160  C CG  . PHE A 1 20  ? -4.714  -4.964  -8.037  1.00 22.16 ? 129 PHE A CG  1 
ATOM   161  C CD1 . PHE A 1 20  ? -3.949  -5.860  -8.778  1.00 20.88 ? 129 PHE A CD1 1 
ATOM   162  C CD2 . PHE A 1 20  ? -4.240  -3.665  -7.853  1.00 21.18 ? 129 PHE A CD2 1 
ATOM   163  C CE1 . PHE A 1 20  ? -2.729  -5.472  -9.325  1.00 22.10 ? 129 PHE A CE1 1 
ATOM   164  C CE2 . PHE A 1 20  ? -3.022  -3.263  -8.392  1.00 21.93 ? 129 PHE A CE2 1 
ATOM   165  C CZ  . PHE A 1 20  ? -2.259  -4.167  -9.130  1.00 24.59 ? 129 PHE A CZ  1 
ATOM   166  N N   . PHE A 1 21  ? -7.619  -6.299  -4.475  1.00 22.91 ? 130 PHE A N   1 
ATOM   167  C CA  . PHE A 1 21  ? -8.872  -6.809  -3.957  1.00 23.90 ? 130 PHE A CA  1 
ATOM   168  C C   . PHE A 1 21  ? -9.977  -5.753  -4.022  1.00 26.41 ? 130 PHE A C   1 
ATOM   169  O O   . PHE A 1 21  ? -9.844  -4.655  -3.462  1.00 24.90 ? 130 PHE A O   1 
ATOM   170  C CB  . PHE A 1 21  ? -8.674  -7.298  -2.515  1.00 23.78 ? 130 PHE A CB  1 
ATOM   171  C CG  . PHE A 1 21  ? -7.631  -8.386  -2.379  1.00 23.81 ? 130 PHE A CG  1 
ATOM   172  C CD1 . PHE A 1 21  ? -6.278  -8.067  -2.297  1.00 24.13 ? 130 PHE A CD1 1 
ATOM   173  C CD2 . PHE A 1 21  ? -8.006  -9.730  -2.341  1.00 24.09 ? 130 PHE A CD2 1 
ATOM   174  C CE1 . PHE A 1 21  ? -5.309  -9.070  -2.178  1.00 24.41 ? 130 PHE A CE1 1 
ATOM   175  C CE2 . PHE A 1 21  ? -7.048  -10.743 -2.221  1.00 24.11 ? 130 PHE A CE2 1 
ATOM   176  C CZ  . PHE A 1 21  ? -5.700  -10.412 -2.138  1.00 23.20 ? 130 PHE A CZ  1 
ATOM   177  N N   . ASN A 1 22  ? -11.065 -6.080  -4.715  1.00 28.03 ? 131 ASN A N   1 
ATOM   178  C CA  . ASN A 1 22  ? -12.170 -5.140  -4.829  1.00 31.52 ? 131 ASN A CA  1 
ATOM   179  C C   . ASN A 1 22  ? -13.228 -5.263  -3.735  1.00 30.90 ? 131 ASN A C   1 
ATOM   180  O O   . ASN A 1 22  ? -14.205 -4.518  -3.741  1.00 30.55 ? 131 ASN A O   1 
ATOM   181  C CB  . ASN A 1 22  ? -12.830 -5.236  -6.209  1.00 34.33 ? 131 ASN A CB  1 
ATOM   182  C CG  . ASN A 1 22  ? -13.152 -6.654  -6.604  1.00 38.19 ? 131 ASN A CG  1 
ATOM   183  O OD1 . ASN A 1 22  ? -13.637 -7.445  -5.789  1.00 39.77 ? 131 ASN A OD1 1 
ATOM   184  N ND2 . ASN A 1 22  ? -12.899 -6.988  -7.868  1.00 40.65 ? 131 ASN A ND2 1 
ATOM   185  N N   . GLU A 1 23  ? -13.060 -6.197  -2.804  1.00 32.03 ? 132 GLU A N   1 
ATOM   186  C CA  . GLU A 1 23  ? -14.028 -6.293  -1.715  1.00 34.03 ? 132 GLU A CA  1 
ATOM   187  C C   . GLU A 1 23  ? -13.576 -5.179  -0.772  1.00 34.24 ? 132 GLU A C   1 
ATOM   188  O O   . GLU A 1 23  ? -12.408 -5.122  -0.389  1.00 34.78 ? 132 GLU A O   1 
ATOM   189  C CB  . GLU A 1 23  ? -13.959 -7.643  -1.001  1.00 37.39 ? 132 GLU A CB  1 
ATOM   190  C CG  . GLU A 1 23  ? -15.230 -7.932  -0.221  1.00 42.79 ? 132 GLU A CG  1 
ATOM   191  C CD  . GLU A 1 23  ? -14.985 -8.675  1.075   1.00 46.17 ? 132 GLU A CD  1 
ATOM   192  O OE1 . GLU A 1 23  ? -13.865 -8.573  1.615   1.00 48.87 ? 132 GLU A OE1 1 
ATOM   193  O OE2 . GLU A 1 23  ? -15.918 -9.344  1.567   1.00 48.24 ? 132 GLU A OE2 1 
ATOM   194  N N   . GLU A 1 24  ? -14.486 -4.285  -0.413  1.00 32.54 ? 133 GLU A N   1 
ATOM   195  C CA  . GLU A 1 24  ? -14.120 -3.157  0.432   1.00 32.46 ? 133 GLU A CA  1 
ATOM   196  C C   . GLU A 1 24  ? -14.061 -3.435  1.917   1.00 30.28 ? 133 GLU A C   1 
ATOM   197  O O   . GLU A 1 24  ? -14.943 -4.067  2.479   1.00 31.00 ? 133 GLU A O   1 
ATOM   198  C CB  . GLU A 1 24  ? -15.059 -1.994  0.141   1.00 33.45 ? 133 GLU A CB  1 
ATOM   199  C CG  . GLU A 1 24  ? -15.015 -1.584  -1.323  1.00 36.40 ? 133 GLU A CG  1 
ATOM   200  C CD  . GLU A 1 24  ? -15.912 -0.408  -1.616  1.00 38.71 ? 133 GLU A CD  1 
ATOM   201  O OE1 . GLU A 1 24  ? -15.887 0.113   -2.754  1.00 40.56 ? 133 GLU A OE1 1 
ATOM   202  O OE2 . GLU A 1 24  ? -16.647 -0.012  -0.692  1.00 39.46 ? 133 GLU A OE2 1 
ATOM   203  N N   . LYS A 1 25  ? -13.001 -2.942  2.548   1.00 29.25 ? 134 LYS A N   1 
ATOM   204  C CA  . LYS A 1 25  ? -12.788 -3.140  3.973   1.00 28.45 ? 134 LYS A CA  1 
ATOM   205  C C   . LYS A 1 25  ? -12.135 -1.911  4.608   1.00 26.96 ? 134 LYS A C   1 
ATOM   206  O O   . LYS A 1 25  ? -11.614 -1.034  3.919   1.00 26.88 ? 134 LYS A O   1 
ATOM   207  C CB  . LYS A 1 25  ? -11.878 -4.356  4.208   1.00 28.23 ? 134 LYS A CB  1 
ATOM   208  C CG  . LYS A 1 25  ? -12.416 -5.703  3.725   1.00 28.38 ? 134 LYS A CG  1 
ATOM   209  C CD  . LYS A 1 25  ? -11.295 -6.749  3.754   1.00 29.33 ? 134 LYS A CD  1 
ATOM   210  C CE  . LYS A 1 25  ? -11.789 -8.175  3.492   1.00 28.23 ? 134 LYS A CE  1 
ATOM   211  N NZ  . LYS A 1 25  ? -12.576 -8.681  4.651   1.00 30.57 ? 134 LYS A NZ  1 
ATOM   212  N N   . THR A 1 26  ? -12.163 -1.860  5.932   1.00 25.82 ? 135 THR A N   1 
ATOM   213  C CA  . THR A 1 26  ? -11.545 -0.761  6.654   1.00 25.87 ? 135 THR A CA  1 
ATOM   214  C C   . THR A 1 26  ? -10.040 -0.929  6.467   1.00 26.07 ? 135 THR A C   1 
ATOM   215  O O   . THR A 1 26  ? -9.591  -1.941  5.905   1.00 24.84 ? 135 THR A O   1 
ATOM   216  C CB  . THR A 1 26  ? -11.864 -0.842  8.155   1.00 26.45 ? 135 THR A CB  1 
ATOM   217  O OG1 . THR A 1 26  ? -11.284 -2.042  8.689   1.00 26.24 ? 135 THR A OG1 1 
ATOM   218  C CG2 . THR A 1 26  ? -13.378 -0.853  8.390   1.00 24.71 ? 135 THR A CG2 1 
ATOM   219  N N   . TRP A 1 27  ? -9.249  0.043   6.916   1.00 24.37 ? 136 TRP A N   1 
ATOM   220  C CA  . TRP A 1 27  ? -7.806  -0.094  6.769   1.00 25.08 ? 136 TRP A CA  1 
ATOM   221  C C   . TRP A 1 27  ? -7.311  -1.306  7.571   1.00 25.51 ? 136 TRP A C   1 
ATOM   222  O O   . TRP A 1 27  ? -6.520  -2.103  7.072   1.00 25.17 ? 136 TRP A O   1 
ATOM   223  C CB  . TRP A 1 27  ? -7.064  1.153   7.258   1.00 23.16 ? 136 TRP A CB  1 
ATOM   224  C CG  . TRP A 1 27  ? -5.584  1.053   7.034   1.00 22.12 ? 136 TRP A CG  1 
ATOM   225  C CD1 . TRP A 1 27  ? -4.896  1.436   5.921   1.00 22.52 ? 136 TRP A CD1 1 
ATOM   226  C CD2 . TRP A 1 27  ? -4.624  0.449   7.910   1.00 22.39 ? 136 TRP A CD2 1 
ATOM   227  N NE1 . TRP A 1 27  ? -3.564  1.111   6.051   1.00 24.05 ? 136 TRP A NE1 1 
ATOM   228  C CE2 . TRP A 1 27  ? -3.374  0.506   7.266   1.00 22.17 ? 136 TRP A CE2 1 
ATOM   229  C CE3 . TRP A 1 27  ? -4.703  -0.131  9.186   1.00 22.77 ? 136 TRP A CE3 1 
ATOM   230  C CZ2 . TRP A 1 27  ? -2.208  -0.005  7.845   1.00 25.25 ? 136 TRP A CZ2 1 
ATOM   231  C CZ3 . TRP A 1 27  ? -3.543  -0.640  9.762   1.00 24.17 ? 136 TRP A CZ3 1 
ATOM   232  C CH2 . TRP A 1 27  ? -2.313  -0.571  9.092   1.00 24.52 ? 136 TRP A CH2 1 
ATOM   233  N N   . ASN A 1 28  ? -7.759  -1.432  8.815   1.00 26.44 ? 137 ASN A N   1 
ATOM   234  C CA  . ASN A 1 28  ? -7.335  -2.551  9.653   1.00 28.70 ? 137 ASN A CA  1 
ATOM   235  C C   . ASN A 1 28  ? -7.713  -3.903  9.053   1.00 27.55 ? 137 ASN A C   1 
ATOM   236  O O   . ASN A 1 28  ? -6.898  -4.823  9.034   1.00 27.53 ? 137 ASN A O   1 
ATOM   237  C CB  . ASN A 1 28  ? -7.928  -2.436  11.060  1.00 31.52 ? 137 ASN A CB  1 
ATOM   238  C CG  . ASN A 1 28  ? -7.116  -1.524  11.963  1.00 34.99 ? 137 ASN A CG  1 
ATOM   239  O OD1 . ASN A 1 28  ? -5.904  -1.692  12.111  1.00 38.16 ? 137 ASN A OD1 1 
ATOM   240  N ND2 . ASN A 1 28  ? -7.782  -0.562  12.583  1.00 35.91 ? 137 ASN A ND2 1 
ATOM   241  N N   . GLN A 1 29  ? -8.944  -4.026  8.567   1.00 26.08 ? 138 GLN A N   1 
ATOM   242  C CA  . GLN A 1 29  ? -9.387  -5.284  7.980   1.00 25.27 ? 138 GLN A CA  1 
ATOM   243  C C   . GLN A 1 29  ? -8.599  -5.590  6.717   1.00 24.57 ? 138 GLN A C   1 
ATOM   244  O O   . GLN A 1 29  ? -8.325  -6.756  6.426   1.00 23.42 ? 138 GLN A O   1 
ATOM   245  C CB  . GLN A 1 29  ? -10.874 -5.235  7.653   1.00 25.55 ? 138 GLN A CB  1 
ATOM   246  C CG  . GLN A 1 29  ? -11.757 -4.968  8.848   1.00 29.83 ? 138 GLN A CG  1 
ATOM   247  C CD  . GLN A 1 29  ? -13.220 -4.869  8.473   1.00 30.74 ? 138 GLN A CD  1 
ATOM   248  O OE1 . GLN A 1 29  ? -13.590 -4.242  7.469   1.00 31.63 ? 138 GLN A OE1 1 
ATOM   249  N NE2 . GLN A 1 29  ? -14.065 -5.476  9.283   1.00 34.25 ? 138 GLN A NE2 1 
ATOM   250  N N   . SER A 1 30  ? -8.243  -4.545  5.971   1.00 22.57 ? 139 SER A N   1 
ATOM   251  C CA  . SER A 1 30  ? -7.473  -4.696  4.744   1.00 21.84 ? 139 SER A CA  1 
ATOM   252  C C   . SER A 1 30  ? -6.067  -5.199  5.058   1.00 21.92 ? 139 SER A C   1 
ATOM   253  O O   . SER A 1 30  ? -5.550  -6.074  4.365   1.00 20.27 ? 139 SER A O   1 
ATOM   254  C CB  . SER A 1 30  ? -7.381  -3.363  3.988   1.00 20.92 ? 139 SER A CB  1 
ATOM   255  O OG  . SER A 1 30  ? -8.655  -2.977  3.499   1.00 20.26 ? 139 SER A OG  1 
ATOM   256  N N   . GLN A 1 31  ? -5.444  -4.623  6.083   1.00 21.74 ? 140 GLN A N   1 
ATOM   257  C CA  . GLN A 1 31  ? -4.105  -5.046  6.489   1.00 23.05 ? 140 GLN A CA  1 
ATOM   258  C C   . GLN A 1 31  ? -4.166  -6.496  6.955   1.00 22.26 ? 140 GLN A C   1 
ATOM   259  O O   . GLN A 1 31  ? -3.302  -7.299  6.609   1.00 22.51 ? 140 GLN A O   1 
ATOM   260  C CB  . GLN A 1 31  ? -3.582  -4.188  7.641   1.00 23.56 ? 140 GLN A CB  1 
ATOM   261  C CG  . GLN A 1 31  ? -2.238  -4.657  8.211   1.00 28.07 ? 140 GLN A CG  1 
ATOM   262  C CD  . GLN A 1 31  ? -1.105  -4.620  7.195   1.00 30.66 ? 140 GLN A CD  1 
ATOM   263  O OE1 . GLN A 1 31  ? -1.310  -4.297  6.026   1.00 33.66 ? 140 GLN A OE1 1 
ATOM   264  N NE2 . GLN A 1 31  ? 0.101   -4.955  7.641   1.00 32.15 ? 140 GLN A NE2 1 
ATOM   265  N N   . ALA A 1 32  ? -5.184  -6.811  7.750   1.00 21.27 ? 141 ALA A N   1 
ATOM   266  C CA  . ALA A 1 32  ? -5.367  -8.162  8.265   1.00 23.61 ? 141 ALA A CA  1 
ATOM   267  C C   . ALA A 1 32  ? -5.552  -9.162  7.121   1.00 23.88 ? 141 ALA A C   1 
ATOM   268  O O   . ALA A 1 32  ? -5.004  -10.261 7.157   1.00 24.91 ? 141 ALA A O   1 
ATOM   269  C CB  . ALA A 1 32  ? -6.566  -8.206  9.203   1.00 21.11 ? 141 ALA A CB  1 
ATOM   270  N N   . SER A 1 33  ? -6.322  -8.778  6.107   1.00 23.49 ? 142 SER A N   1 
ATOM   271  C CA  . SER A 1 33  ? -6.561  -9.638  4.957   1.00 23.88 ? 142 SER A CA  1 
ATOM   272  C C   . SER A 1 33  ? -5.243  -9.930  4.242   1.00 23.56 ? 142 SER A C   1 
ATOM   273  O O   . SER A 1 33  ? -4.988  -11.062 3.835   1.00 22.02 ? 142 SER A O   1 
ATOM   274  C CB  . SER A 1 33  ? -7.549  -8.963  3.992   1.00 25.41 ? 142 SER A CB  1 
ATOM   275  O OG  . SER A 1 33  ? -7.625  -9.652  2.752   1.00 26.31 ? 142 SER A OG  1 
ATOM   276  N N   . CYS A 1 34  ? -4.410  -8.907  4.082   1.00 23.07 ? 143 CYS A N   1 
ATOM   277  C CA  . CYS A 1 34  ? -3.119  -9.092  3.433   1.00 23.17 ? 143 CYS A CA  1 
ATOM   278  C C   . CYS A 1 34  ? -2.228  -10.013 4.279   1.00 24.05 ? 143 CYS A C   1 
ATOM   279  O O   . CYS A 1 34  ? -1.580  -10.923 3.742   1.00 23.29 ? 143 CYS A O   1 
ATOM   280  C CB  . CYS A 1 34  ? -2.398  -7.757  3.250   1.00 22.79 ? 143 CYS A CB  1 
ATOM   281  S SG  . CYS A 1 34  ? -3.156  -6.582  2.084   1.00 22.50 ? 143 CYS A SG  1 
ATOM   282  N N   . LEU A 1 35  ? -2.192  -9.763  5.589   1.00 23.59 ? 144 LEU A N   1 
ATOM   283  C CA  . LEU A 1 35  ? -1.377  -10.570 6.499   1.00 25.03 ? 144 LEU A CA  1 
ATOM   284  C C   . LEU A 1 35  ? -1.772  -12.042 6.465   1.00 25.46 ? 144 LEU A C   1 
ATOM   285  O O   . LEU A 1 35  ? -0.910  -12.915 6.515   1.00 25.65 ? 144 LEU A O   1 
ATOM   286  C CB  . LEU A 1 35  ? -1.476  -10.052 7.942   1.00 24.85 ? 144 LEU A CB  1 
ATOM   287  C CG  . LEU A 1 35  ? -0.817  -8.703  8.259   1.00 24.78 ? 144 LEU A CG  1 
ATOM   288  C CD1 . LEU A 1 35  ? -1.082  -8.336  9.717   1.00 26.09 ? 144 LEU A CD1 1 
ATOM   289  C CD2 . LEU A 1 35  ? 0.688   -8.773  7.986   1.00 25.72 ? 144 LEU A CD2 1 
ATOM   290  N N   . SER A 1 36  ? -3.068  -12.315 6.371   1.00 25.93 ? 145 SER A N   1 
ATOM   291  C CA  . SER A 1 36  ? -3.554  -13.694 6.344   1.00 27.87 ? 145 SER A CA  1 
ATOM   292  C C   . SER A 1 36  ? -3.089  -14.445 5.103   1.00 27.70 ? 145 SER A C   1 
ATOM   293  O O   . SER A 1 36  ? -3.204  -15.665 5.034   1.00 27.79 ? 145 SER A O   1 
ATOM   294  C CB  . SER A 1 36  ? -5.082  -13.722 6.382   1.00 27.82 ? 145 SER A CB  1 
ATOM   295  O OG  . SER A 1 36  ? -5.612  -13.289 5.138   1.00 30.17 ? 145 SER A OG  1 
ATOM   296  N N   . GLN A 1 37  ? -2.584  -13.707 4.121   1.00 27.77 ? 146 GLN A N   1 
ATOM   297  C CA  . GLN A 1 37  ? -2.115  -14.299 2.874   1.00 29.07 ? 146 GLN A CA  1 
ATOM   298  C C   . GLN A 1 37  ? -0.612  -14.096 2.765   1.00 28.04 ? 146 GLN A C   1 
ATOM   299  O O   . GLN A 1 37  ? -0.043  -14.101 1.678   1.00 28.78 ? 146 GLN A O   1 
ATOM   300  C CB  . GLN A 1 37  ? -2.827  -13.649 1.678   1.00 29.37 ? 146 GLN A CB  1 
ATOM   301  C CG  . GLN A 1 37  ? -4.347  -13.743 1.743   1.00 32.32 ? 146 GLN A CG  1 
ATOM   302  C CD  . GLN A 1 37  ? -5.040  -12.939 0.651   1.00 34.63 ? 146 GLN A CD  1 
ATOM   303  O OE1 . GLN A 1 37  ? -5.205  -13.406 -0.480  1.00 35.58 ? 146 GLN A OE1 1 
ATOM   304  N NE2 . GLN A 1 37  ? -5.437  -11.716 0.985   1.00 34.63 ? 146 GLN A NE2 1 
ATOM   305  N N   . ASN A 1 38  ? 0.021   -13.906 3.914   1.00 28.80 ? 147 ASN A N   1 
ATOM   306  C CA  . ASN A 1 38  ? 1.458   -13.704 3.987   1.00 29.47 ? 147 ASN A CA  1 
ATOM   307  C C   . ASN A 1 38  ? 1.972   -12.513 3.212   1.00 29.16 ? 147 ASN A C   1 
ATOM   308  O O   . ASN A 1 38  ? 2.985   -12.610 2.513   1.00 27.99 ? 147 ASN A O   1 
ATOM   309  C CB  . ASN A 1 38  ? 2.210   -14.942 3.506   1.00 33.64 ? 147 ASN A CB  1 
ATOM   310  C CG  . ASN A 1 38  ? 3.162   -15.458 4.542   1.00 35.23 ? 147 ASN A CG  1 
ATOM   311  O OD1 . ASN A 1 38  ? 2.760   -16.176 5.449   1.00 39.23 ? 147 ASN A OD1 1 
ATOM   312  N ND2 . ASN A 1 38  ? 4.425   -15.075 4.436   1.00 37.19 ? 147 ASN A ND2 1 
ATOM   313  N N   . SER A 1 39  ? 1.285   -11.386 3.334   1.00 27.08 ? 148 SER A N   1 
ATOM   314  C CA  . SER A 1 39  ? 1.718   -10.185 2.645   1.00 26.19 ? 148 SER A CA  1 
ATOM   315  C C   . SER A 1 39  ? 1.367   -8.985  3.509   1.00 25.16 ? 148 SER A C   1 
ATOM   316  O O   . SER A 1 39  ? 0.929   -9.127  4.646   1.00 25.46 ? 148 SER A O   1 
ATOM   317  C CB  . SER A 1 39  ? 1.029   -10.065 1.279   1.00 25.45 ? 148 SER A CB  1 
ATOM   318  O OG  . SER A 1 39  ? -0.374  -10.009 1.442   1.00 25.21 ? 148 SER A OG  1 
ATOM   319  N N   . SER A 1 40  ? 1.565   -7.801  2.956   1.00 25.20 ? 149 SER A N   1 
ATOM   320  C CA  . SER A 1 40  ? 1.262   -6.582  3.679   1.00 25.79 ? 149 SER A CA  1 
ATOM   321  C C   . SER A 1 40  ? 0.630   -5.626  2.678   1.00 23.56 ? 149 SER A C   1 
ATOM   322  O O   . SER A 1 40  ? 0.765   -5.825  1.475   1.00 22.40 ? 149 SER A O   1 
ATOM   323  C CB  . SER A 1 40  ? 2.550   -5.983  4.229   1.00 26.37 ? 149 SER A CB  1 
ATOM   324  O OG  . SER A 1 40  ? 2.256   -5.115  5.304   1.00 32.58 ? 149 SER A OG  1 
ATOM   325  N N   . LEU A 1 41  ? -0.069  -4.604  3.166   1.00 23.40 ? 150 LEU A N   1 
ATOM   326  C CA  . LEU A 1 41  ? -0.678  -3.632  2.266   1.00 23.01 ? 150 LEU A CA  1 
ATOM   327  C C   . LEU A 1 41  ? 0.428   -2.981  1.458   1.00 22.81 ? 150 LEU A C   1 
ATOM   328  O O   . LEU A 1 41  ? 1.562   -2.853  1.920   1.00 23.07 ? 150 LEU A O   1 
ATOM   329  C CB  . LEU A 1 41  ? -1.450  -2.558  3.043   1.00 22.79 ? 150 LEU A CB  1 
ATOM   330  C CG  . LEU A 1 41  ? -2.850  -2.939  3.538   1.00 23.92 ? 150 LEU A CG  1 
ATOM   331  C CD1 . LEU A 1 41  ? -3.423  -1.824  4.419   1.00 24.24 ? 150 LEU A CD1 1 
ATOM   332  C CD2 . LEU A 1 41  ? -3.766  -3.203  2.345   1.00 23.14 ? 150 LEU A CD2 1 
ATOM   333  N N   . LEU A 1 42  ? 0.090   -2.578  0.242   1.00 22.24 ? 151 LEU A N   1 
ATOM   334  C CA  . LEU A 1 42  ? 1.028   -1.942  -0.659  1.00 21.83 ? 151 LEU A CA  1 
ATOM   335  C C   . LEU A 1 42  ? 1.986   -0.918  -0.033  1.00 22.54 ? 151 LEU A C   1 
ATOM   336  O O   . LEU A 1 42  ? 1.581   -0.043  0.730   1.00 21.26 ? 151 LEU A O   1 
ATOM   337  C CB  . LEU A 1 42  ? 0.254   -1.267  -1.799  1.00 21.42 ? 151 LEU A CB  1 
ATOM   338  C CG  . LEU A 1 42  ? 1.097   -0.387  -2.725  1.00 22.23 ? 151 LEU A CG  1 
ATOM   339  C CD1 . LEU A 1 42  ? 2.039   -1.253  -3.557  1.00 21.40 ? 151 LEU A CD1 1 
ATOM   340  C CD2 . LEU A 1 42  ? 0.195   0.379   -3.652  1.00 22.03 ? 151 LEU A CD2 1 
ATOM   341  N N   . LYS A 1 43  ? 3.265   -1.049  -0.370  1.00 23.09 ? 152 LYS A N   1 
ATOM   342  C CA  . LYS A 1 43  ? 4.289   -0.122  0.081   1.00 24.02 ? 152 LYS A CA  1 
ATOM   343  C C   . LYS A 1 43  ? 5.022   0.325   -1.168  1.00 24.06 ? 152 LYS A C   1 
ATOM   344  O O   . LYS A 1 43  ? 5.345   -0.493  -2.023  1.00 23.03 ? 152 LYS A O   1 
ATOM   345  C CB  . LYS A 1 43  ? 5.298   -0.789  1.021   1.00 26.21 ? 152 LYS A CB  1 
ATOM   346  C CG  . LYS A 1 43  ? 6.507   0.111   1.301   1.00 28.13 ? 152 LYS A CG  1 
ATOM   347  C CD  . LYS A 1 43  ? 7.618   -0.602  2.073   1.00 30.10 ? 152 LYS A CD  1 
ATOM   348  C CE  . LYS A 1 43  ? 8.813   0.327   2.285   1.00 31.55 ? 152 LYS A CE  1 
ATOM   349  N NZ  . LYS A 1 43  ? 10.005  -0.385  2.838   1.00 32.83 ? 152 LYS A NZ  1 
ATOM   350  N N   . ILE A 1 44  ? 5.255   1.625   -1.291  1.00 24.60 ? 153 ILE A N   1 
ATOM   351  C CA  . ILE A 1 44  ? 5.998   2.153   -2.419  1.00 26.30 ? 153 ILE A CA  1 
ATOM   352  C C   . ILE A 1 44  ? 7.394   2.380   -1.857  1.00 28.19 ? 153 ILE A C   1 
ATOM   353  O O   . ILE A 1 44  ? 7.633   3.351   -1.145  1.00 29.45 ? 153 ILE A O   1 
ATOM   354  C CB  . ILE A 1 44  ? 5.434   3.501   -2.916  1.00 25.66 ? 153 ILE A CB  1 
ATOM   355  C CG1 . ILE A 1 44  ? 3.961   3.349   -3.307  1.00 26.02 ? 153 ILE A CG1 1 
ATOM   356  C CG2 . ILE A 1 44  ? 6.245   3.986   -4.107  1.00 25.98 ? 153 ILE A CG2 1 
ATOM   357  C CD1 . ILE A 1 44  ? 3.616   2.333   -4.432  1.00 31.19 ? 153 ILE A CD1 1 
ATOM   358  N N   . TYR A 1 45  ? 8.302   1.457   -2.156  1.00 29.96 ? 154 TYR A N   1 
ATOM   359  C CA  . TYR A 1 45  ? 9.666   1.536   -1.661  1.00 30.78 ? 154 TYR A CA  1 
ATOM   360  C C   . TYR A 1 45  ? 10.565  2.165   -2.705  1.00 31.69 ? 154 TYR A C   1 
ATOM   361  O O   . TYR A 1 45  ? 11.660  2.626   -2.390  1.00 32.86 ? 154 TYR A O   1 
ATOM   362  C CB  . TYR A 1 45  ? 10.173  0.132   -1.308  1.00 30.99 ? 154 TYR A CB  1 
ATOM   363  C CG  . TYR A 1 45  ? 10.423  -0.753  -2.507  1.00 30.91 ? 154 TYR A CG  1 
ATOM   364  C CD1 . TYR A 1 45  ? 11.639  -0.710  -3.188  1.00 31.56 ? 154 TYR A CD1 1 
ATOM   365  C CD2 . TYR A 1 45  ? 9.432   -1.611  -2.980  1.00 31.83 ? 154 TYR A CD2 1 
ATOM   366  C CE1 . TYR A 1 45  ? 11.860  -1.498  -4.314  1.00 32.10 ? 154 TYR A CE1 1 
ATOM   367  C CE2 . TYR A 1 45  ? 9.639   -2.402  -4.103  1.00 31.51 ? 154 TYR A CE2 1 
ATOM   368  C CZ  . TYR A 1 45  ? 10.853  -2.339  -4.766  1.00 30.98 ? 154 TYR A CZ  1 
ATOM   369  O OH  . TYR A 1 45  ? 11.055  -3.098  -5.893  1.00 31.08 ? 154 TYR A OH  1 
ATOM   370  N N   . SER A 1 46  ? 10.099  2.189   -3.950  1.00 31.30 ? 155 SER A N   1 
ATOM   371  C CA  . SER A 1 46  ? 10.878  2.765   -5.045  1.00 32.12 ? 155 SER A CA  1 
ATOM   372  C C   . SER A 1 46  ? 10.025  3.041   -6.281  1.00 32.36 ? 155 SER A C   1 
ATOM   373  O O   . SER A 1 46  ? 9.534   2.111   -6.916  1.00 31.73 ? 155 SER A O   1 
ATOM   374  C CB  . SER A 1 46  ? 12.019  1.821   -5.420  1.00 31.47 ? 155 SER A CB  1 
ATOM   375  O OG  . SER A 1 46  ? 12.654  2.211   -6.623  1.00 31.87 ? 155 SER A OG  1 
ATOM   376  N N   . LYS A 1 47  ? 9.877   4.316   -6.636  1.00 33.97 ? 156 LYS A N   1 
ATOM   377  C CA  . LYS A 1 47  ? 9.070   4.702   -7.796  1.00 35.74 ? 156 LYS A CA  1 
ATOM   378  C C   . LYS A 1 47  ? 9.670   4.144   -9.058  1.00 36.24 ? 156 LYS A C   1 
ATOM   379  O O   . LYS A 1 47  ? 8.948   3.738   -9.966  1.00 36.07 ? 156 LYS A O   1 
ATOM   380  C CB  . LYS A 1 47  ? 8.955   6.233   -7.933  1.00 37.09 ? 156 LYS A CB  1 
ATOM   381  C CG  . LYS A 1 47  ? 8.175   6.899   -6.827  1.00 38.86 ? 156 LYS A CG  1 
ATOM   382  C CD  . LYS A 1 47  ? 7.833   8.342   -7.185  1.00 40.23 ? 156 LYS A CD  1 
ATOM   383  C CE  . LYS A 1 47  ? 9.074   9.207   -7.322  1.00 42.69 ? 156 LYS A CE  1 
ATOM   384  N NZ  . LYS A 1 47  ? 8.711   10.638  -7.557  1.00 45.10 ? 156 LYS A NZ  1 
ATOM   385  N N   . GLU A 1 48  ? 10.994  4.113   -9.121  1.00 36.19 ? 157 GLU A N   1 
ATOM   386  C CA  . GLU A 1 48  ? 11.678  3.594   -10.298 1.00 37.02 ? 157 GLU A CA  1 
ATOM   387  C C   . GLU A 1 48  ? 11.394  2.101   -10.523 1.00 35.54 ? 157 GLU A C   1 
ATOM   388  O O   . GLU A 1 48  ? 11.118  1.678   -11.654 1.00 36.09 ? 157 GLU A O   1 
ATOM   389  C CB  . GLU A 1 48  ? 13.189  3.839   -10.177 1.00 39.09 ? 157 GLU A CB  1 
ATOM   390  C CG  . GLU A 1 48  ? 14.009  3.459   -11.424 1.00 43.36 ? 157 GLU A CG  1 
ATOM   391  C CD  . GLU A 1 48  ? 15.428  4.012   -11.363 1.00 45.47 ? 157 GLU A CD  1 
ATOM   392  O OE1 . GLU A 1 48  ? 15.916  4.210   -10.232 1.00 46.62 ? 157 GLU A OE1 1 
ATOM   393  O OE2 . GLU A 1 48  ? 16.069  4.258   -12.414 1.00 47.20 ? 157 GLU A OE2 1 
ATOM   394  N N   . GLU A 1 49  ? 11.459  1.302   -9.462  1.00 33.47 ? 158 GLU A N   1 
ATOM   395  C CA  . GLU A 1 49  ? 11.225  -0.134  -9.560  1.00 32.76 ? 158 GLU A CA  1 
ATOM   396  C C   . GLU A 1 49  ? 9.753   -0.544  -9.520  1.00 30.40 ? 158 GLU A C   1 
ATOM   397  O O   . GLU A 1 49  ? 9.442   -1.723  -9.671  1.00 31.97 ? 158 GLU A O   1 
ATOM   398  C CB  . GLU A 1 49  ? 11.956  -0.878  -8.439  1.00 33.55 ? 158 GLU A CB  1 
ATOM   399  C CG  . GLU A 1 49  ? 13.467  -0.806  -8.514  1.00 36.32 ? 158 GLU A CG  1 
ATOM   400  C CD  . GLU A 1 49  ? 14.152  -1.708  -7.498  1.00 38.55 ? 158 GLU A CD  1 
ATOM   401  O OE1 . GLU A 1 49  ? 15.374  -1.541  -7.308  1.00 40.69 ? 158 GLU A OE1 1 
ATOM   402  O OE2 . GLU A 1 49  ? 13.483  -2.582  -6.898  1.00 38.91 ? 158 GLU A OE2 1 
ATOM   403  N N   . GLN A 1 50  ? 8.853   0.406   -9.285  1.00 27.55 ? 159 GLN A N   1 
ATOM   404  C CA  . GLN A 1 50  ? 7.426   0.091   -9.217  1.00 25.86 ? 159 GLN A CA  1 
ATOM   405  C C   . GLN A 1 50  ? 6.661   1.016   -10.164 1.00 25.16 ? 159 GLN A C   1 
ATOM   406  O O   . GLN A 1 50  ? 5.475   1.282   -9.978  1.00 24.01 ? 159 GLN A O   1 
ATOM   407  C CB  . GLN A 1 50  ? 6.924   0.279   -7.781  1.00 24.57 ? 159 GLN A CB  1 
ATOM   408  C CG  . GLN A 1 50  ? 7.559   -0.675  -6.769  1.00 25.03 ? 159 GLN A CG  1 
ATOM   409  C CD  . GLN A 1 50  ? 7.142   -0.397  -5.342  1.00 24.95 ? 159 GLN A CD  1 
ATOM   410  O OE1 . GLN A 1 50  ? 7.626   0.552   -4.713  1.00 26.66 ? 159 GLN A OE1 1 
ATOM   411  N NE2 . GLN A 1 50  ? 6.239   -1.219  -4.818  1.00 22.60 ? 159 GLN A NE2 1 
ATOM   412  N N   . ASP A 1 51  ? 7.358   1.486   -11.188 1.00 24.74 ? 160 ASP A N   1 
ATOM   413  C CA  . ASP A 1 51  ? 6.794   2.417   -12.151 1.00 24.76 ? 160 ASP A CA  1 
ATOM   414  C C   . ASP A 1 51  ? 5.376   2.136   -12.672 1.00 24.54 ? 160 ASP A C   1 
ATOM   415  O O   . ASP A 1 51  ? 4.551   3.054   -12.726 1.00 24.20 ? 160 ASP A O   1 
ATOM   416  C CB  . ASP A 1 51  ? 7.753   2.571   -13.330 1.00 25.60 ? 160 ASP A CB  1 
ATOM   417  C CG  . ASP A 1 51  ? 7.384   3.732   -14.231 1.00 26.71 ? 160 ASP A CG  1 
ATOM   418  O OD1 . ASP A 1 51  ? 7.028   3.493   -15.398 1.00 28.55 ? 160 ASP A OD1 1 
ATOM   419  O OD2 . ASP A 1 51  ? 7.445   4.887   -13.770 1.00 29.52 ? 160 ASP A OD2 1 
ATOM   420  N N   . PHE A 1 52  ? 5.077   0.888   -13.040 1.00 22.85 ? 161 PHE A N   1 
ATOM   421  C CA  . PHE A 1 52  ? 3.752   0.582   -13.587 1.00 21.46 ? 161 PHE A CA  1 
ATOM   422  C C   . PHE A 1 52  ? 2.609   0.918   -12.637 1.00 20.88 ? 161 PHE A C   1 
ATOM   423  O O   . PHE A 1 52  ? 1.470   1.098   -13.071 1.00 20.06 ? 161 PHE A O   1 
ATOM   424  C CB  . PHE A 1 52  ? 3.657   -0.888  -14.034 1.00 22.16 ? 161 PHE A CB  1 
ATOM   425  C CG  . PHE A 1 52  ? 3.468   -1.856  -12.913 1.00 22.47 ? 161 PHE A CG  1 
ATOM   426  C CD1 . PHE A 1 52  ? 2.208   -2.344  -12.609 1.00 24.65 ? 161 PHE A CD1 1 
ATOM   427  C CD2 . PHE A 1 52  ? 4.547   -2.256  -12.143 1.00 23.38 ? 161 PHE A CD2 1 
ATOM   428  C CE1 . PHE A 1 52  ? 2.024   -3.218  -11.547 1.00 26.09 ? 161 PHE A CE1 1 
ATOM   429  C CE2 . PHE A 1 52  ? 4.374   -3.124  -11.082 1.00 24.08 ? 161 PHE A CE2 1 
ATOM   430  C CZ  . PHE A 1 52  ? 3.113   -3.606  -10.781 1.00 25.95 ? 161 PHE A CZ  1 
ATOM   431  N N   . LEU A 1 53  ? 2.905   1.013   -11.345 1.00 19.52 ? 162 LEU A N   1 
ATOM   432  C CA  . LEU A 1 53  ? 1.874   1.339   -10.377 1.00 20.80 ? 162 LEU A CA  1 
ATOM   433  C C   . LEU A 1 53  ? 1.318   2.761   -10.582 1.00 20.50 ? 162 LEU A C   1 
ATOM   434  O O   . LEU A 1 53  ? 0.284   3.106   -10.024 1.00 19.86 ? 162 LEU A O   1 
ATOM   435  C CB  . LEU A 1 53  ? 2.410   1.187   -8.948  1.00 21.91 ? 162 LEU A CB  1 
ATOM   436  C CG  . LEU A 1 53  ? 2.752   -0.240  -8.482  1.00 24.17 ? 162 LEU A CG  1 
ATOM   437  C CD1 . LEU A 1 53  ? 3.251   -0.195  -7.047  1.00 24.57 ? 162 LEU A CD1 1 
ATOM   438  C CD2 . LEU A 1 53  ? 1.533   -1.143  -8.577  1.00 24.27 ? 162 LEU A CD2 1 
ATOM   439  N N   . LYS A 1 54  ? 2.003   3.583   -11.365 1.00 20.81 ? 163 LYS A N   1 
ATOM   440  C CA  . LYS A 1 54  ? 1.520   4.941   -11.616 1.00 21.59 ? 163 LYS A CA  1 
ATOM   441  C C   . LYS A 1 54  ? 0.228   4.855   -12.428 1.00 22.41 ? 163 LYS A C   1 
ATOM   442  O O   . LYS A 1 54  ? -0.609  5.760   -12.394 1.00 22.55 ? 163 LYS A O   1 
ATOM   443  C CB  . LYS A 1 54  ? 2.559   5.740   -12.399 1.00 21.37 ? 163 LYS A CB  1 
ATOM   444  C CG  . LYS A 1 54  ? 2.726   5.291   -13.841 1.00 21.31 ? 163 LYS A CG  1 
ATOM   445  C CD  . LYS A 1 54  ? 3.969   5.884   -14.487 1.00 24.48 ? 163 LYS A CD  1 
ATOM   446  C CE  . LYS A 1 54  ? 4.140   5.341   -15.900 1.00 24.45 ? 163 LYS A CE  1 
ATOM   447  N NZ  . LYS A 1 54  ? 5.476   5.623   -16.502 1.00 25.02 ? 163 LYS A NZ  1 
ATOM   448  N N   . LEU A 1 55  ? 0.066   3.740   -13.136 1.00 20.64 ? 164 LEU A N   1 
ATOM   449  C CA  . LEU A 1 55  ? -1.094  3.536   -13.986 1.00 19.59 ? 164 LEU A CA  1 
ATOM   450  C C   . LEU A 1 55  ? -2.310  2.949   -13.310 1.00 19.14 ? 164 LEU A C   1 
ATOM   451  O O   . LEU A 1 55  ? -3.337  2.784   -13.959 1.00 20.83 ? 164 LEU A O   1 
ATOM   452  C CB  . LEU A 1 55  ? -0.718  2.654   -15.180 1.00 18.74 ? 164 LEU A CB  1 
ATOM   453  C CG  . LEU A 1 55  ? 0.339   3.179   -16.141 1.00 19.30 ? 164 LEU A CG  1 
ATOM   454  C CD1 . LEU A 1 55  ? 0.648   2.100   -17.168 1.00 21.19 ? 164 LEU A CD1 1 
ATOM   455  C CD2 . LEU A 1 55  ? -0.158  4.461   -16.833 1.00 20.00 ? 164 LEU A CD2 1 
ATOM   456  N N   . VAL A 1 56  ? -2.209  2.619   -12.025 1.00 18.27 ? 165 VAL A N   1 
ATOM   457  C CA  . VAL A 1 56  ? -3.338  2.038   -11.311 1.00 18.99 ? 165 VAL A CA  1 
ATOM   458  C C   . VAL A 1 56  ? -4.343  3.112   -10.911 1.00 19.32 ? 165 VAL A C   1 
ATOM   459  O O   . VAL A 1 56  ? -4.033  3.996   -10.119 1.00 21.18 ? 165 VAL A O   1 
ATOM   460  C CB  . VAL A 1 56  ? -2.872  1.276   -10.067 1.00 16.84 ? 165 VAL A CB  1 
ATOM   461  C CG1 . VAL A 1 56  ? -4.068  0.747   -9.290  1.00 17.79 ? 165 VAL A CG1 1 
ATOM   462  C CG2 . VAL A 1 56  ? -1.976  0.117   -10.503 1.00 17.89 ? 165 VAL A CG2 1 
ATOM   463  N N   . LYS A 1 57  ? -5.551  3.018   -11.456 1.00 20.70 ? 166 LYS A N   1 
ATOM   464  C CA  . LYS A 1 57  ? -6.588  4.008   -11.187 1.00 21.04 ? 166 LYS A CA  1 
ATOM   465  C C   . LYS A 1 57  ? -7.365  3.763   -9.910  1.00 20.74 ? 166 LYS A C   1 
ATOM   466  O O   . LYS A 1 57  ? -7.173  2.754   -9.222  1.00 20.34 ? 166 LYS A O   1 
ATOM   467  C CB  . LYS A 1 57  ? -7.567  4.078   -12.360 1.00 22.68 ? 166 LYS A CB  1 
ATOM   468  C CG  . LYS A 1 57  ? -8.564  2.927   -12.393 1.00 25.51 ? 166 LYS A CG  1 
ATOM   469  C CD  . LYS A 1 57  ? -9.487  3.033   -13.589 1.00 27.61 ? 166 LYS A CD  1 
ATOM   470  C CE  . LYS A 1 57  ? -10.496 1.896   -13.579 1.00 29.19 ? 166 LYS A CE  1 
ATOM   471  N NZ  . LYS A 1 57  ? -11.385 1.962   -14.769 1.00 30.23 ? 166 LYS A NZ  1 
ATOM   472  N N   . SER A 1 58  ? -8.260  4.703   -9.611  1.00 20.64 ? 167 SER A N   1 
ATOM   473  C CA  . SER A 1 58  ? -9.104  4.664   -8.427  1.00 20.21 ? 167 SER A CA  1 
ATOM   474  C C   . SER A 1 58  ? -8.257  4.840   -7.170  1.00 19.13 ? 167 SER A C   1 
ATOM   475  O O   . SER A 1 58  ? -7.128  5.325   -7.249  1.00 19.34 ? 167 SER A O   1 
ATOM   476  C CB  . SER A 1 58  ? -9.896  3.361   -8.376  1.00 21.47 ? 167 SER A CB  1 
ATOM   477  O OG  . SER A 1 58  ? -10.856 3.389   -7.337  1.00 24.69 ? 167 SER A OG  1 
ATOM   478  N N   . TYR A 1 59  ? -8.811  4.465   -6.022  1.00 19.60 ? 168 TYR A N   1 
ATOM   479  C CA  . TYR A 1 59  ? -8.134  4.618   -4.737  1.00 19.68 ? 168 TYR A CA  1 
ATOM   480  C C   . TYR A 1 59  ? -8.161  3.309   -3.963  1.00 18.84 ? 168 TYR A C   1 
ATOM   481  O O   . TYR A 1 59  ? -9.172  2.620   -3.940  1.00 20.34 ? 168 TYR A O   1 
ATOM   482  C CB  . TYR A 1 59  ? -8.814  5.715   -3.921  1.00 19.57 ? 168 TYR A CB  1 
ATOM   483  C CG  . TYR A 1 59  ? -8.859  7.039   -4.653  1.00 21.05 ? 168 TYR A CG  1 
ATOM   484  C CD1 . TYR A 1 59  ? -9.793  7.273   -5.668  1.00 21.83 ? 168 TYR A CD1 1 
ATOM   485  C CD2 . TYR A 1 59  ? -7.935  8.042   -4.362  1.00 21.01 ? 168 TYR A CD2 1 
ATOM   486  C CE1 . TYR A 1 59  ? -9.800  8.489   -6.379  1.00 22.36 ? 168 TYR A CE1 1 
ATOM   487  C CE2 . TYR A 1 59  ? -7.933  9.253   -5.066  1.00 23.69 ? 168 TYR A CE2 1 
ATOM   488  C CZ  . TYR A 1 59  ? -8.866  9.468   -6.068  1.00 24.18 ? 168 TYR A CZ  1 
ATOM   489  O OH  . TYR A 1 59  ? -8.846  10.666  -6.757  1.00 27.48 ? 168 TYR A OH  1 
ATOM   490  N N   . HIS A 1 60  ? -7.051  2.986   -3.310  1.00 18.66 ? 169 HIS A N   1 
ATOM   491  C CA  . HIS A 1 60  ? -6.956  1.729   -2.574  1.00 17.50 ? 169 HIS A CA  1 
ATOM   492  C C   . HIS A 1 60  ? -6.134  1.896   -1.316  1.00 16.43 ? 169 HIS A C   1 
ATOM   493  O O   . HIS A 1 60  ? -5.159  2.622   -1.311  1.00 17.06 ? 169 HIS A O   1 
ATOM   494  C CB  . HIS A 1 60  ? -6.266  0.685   -3.455  1.00 15.51 ? 169 HIS A CB  1 
ATOM   495  C CG  . HIS A 1 60  ? -6.733  0.690   -4.873  1.00 14.80 ? 169 HIS A CG  1 
ATOM   496  N ND1 . HIS A 1 60  ? -7.793  -0.074  -5.310  1.00 16.53 ? 169 HIS A ND1 1 
ATOM   497  C CD2 . HIS A 1 60  ? -6.309  1.396   -5.943  1.00 13.12 ? 169 HIS A CD2 1 
ATOM   498  C CE1 . HIS A 1 60  ? -7.998  0.159   -6.594  1.00 13.41 ? 169 HIS A CE1 1 
ATOM   499  N NE2 . HIS A 1 60  ? -7.111  1.048   -7.001  1.00 14.73 ? 169 HIS A NE2 1 
ATOM   500  N N   . TRP A 1 61  ? -6.516  1.200   -0.257  1.00 17.54 ? 170 TRP A N   1 
ATOM   501  C CA  . TRP A 1 61  ? -5.759  1.263   0.975   1.00 19.35 ? 170 TRP A CA  1 
ATOM   502  C C   . TRP A 1 61  ? -4.344  0.754   0.675   1.00 20.40 ? 170 TRP A C   1 
ATOM   503  O O   . TRP A 1 61  ? -4.159  -0.151  -0.154  1.00 18.45 ? 170 TRP A O   1 
ATOM   504  C CB  . TRP A 1 61  ? -6.398  0.369   2.039   1.00 19.39 ? 170 TRP A CB  1 
ATOM   505  C CG  . TRP A 1 61  ? -7.597  0.924   2.750   1.00 20.73 ? 170 TRP A CG  1 
ATOM   506  C CD1 . TRP A 1 61  ? -8.774  0.271   2.996   1.00 18.81 ? 170 TRP A CD1 1 
ATOM   507  C CD2 . TRP A 1 61  ? -7.693  2.192   3.421   1.00 19.55 ? 170 TRP A CD2 1 
ATOM   508  N NE1 . TRP A 1 61  ? -9.588  1.048   3.786   1.00 21.27 ? 170 TRP A NE1 1 
ATOM   509  C CE2 . TRP A 1 61  ? -8.949  2.227   4.068   1.00 20.35 ? 170 TRP A CE2 1 
ATOM   510  C CE3 . TRP A 1 61  ? -6.833  3.291   3.551   1.00 19.49 ? 170 TRP A CE3 1 
ATOM   511  C CZ2 . TRP A 1 61  ? -9.377  3.335   4.826   1.00 19.00 ? 170 TRP A CZ2 1 
ATOM   512  C CZ3 . TRP A 1 61  ? -7.258  4.397   4.308   1.00 19.82 ? 170 TRP A CZ3 1 
ATOM   513  C CH2 . TRP A 1 61  ? -8.520  4.399   4.940   1.00 19.19 ? 170 TRP A CH2 1 
ATOM   514  N N   . MET A 1 62  ? -3.354  1.363   1.325   1.00 21.19 ? 171 MET A N   1 
ATOM   515  C CA  . MET A 1 62  ? -1.959  0.973   1.178   1.00 21.39 ? 171 MET A CA  1 
ATOM   516  C C   . MET A 1 62  ? -1.390  0.920   2.601   1.00 22.11 ? 171 MET A C   1 
ATOM   517  O O   . MET A 1 62  ? -2.072  1.317   3.541   1.00 22.60 ? 171 MET A O   1 
ATOM   518  C CB  . MET A 1 62  ? -1.184  1.950   0.266   1.00 22.65 ? 171 MET A CB  1 
ATOM   519  C CG  . MET A 1 62  ? -0.998  3.377   0.774   1.00 21.67 ? 171 MET A CG  1 
ATOM   520  S SD  . MET A 1 62  ? -0.215  4.477   -0.446  1.00 22.31 ? 171 MET A SD  1 
ATOM   521  C CE  . MET A 1 62  ? 1.127   3.483   -1.115  1.00 22.17 ? 171 MET A CE  1 
ATOM   522  N N   . GLY A 1 63  ? -0.164  0.424   2.771   1.00 22.96 ? 172 GLY A N   1 
ATOM   523  C CA  . GLY A 1 63  ? 0.384   0.277   4.113   1.00 23.67 ? 172 GLY A CA  1 
ATOM   524  C C   . GLY A 1 63  ? 1.024   1.486   4.761   1.00 25.69 ? 172 GLY A C   1 
ATOM   525  O O   . GLY A 1 63  ? 2.046   1.364   5.448   1.00 24.96 ? 172 GLY A O   1 
ATOM   526  N N   . LEU A 1 64  ? 0.414   2.650   4.566   1.00 25.73 ? 173 LEU A N   1 
ATOM   527  C CA  . LEU A 1 64  ? 0.943   3.891   5.116   1.00 26.50 ? 173 LEU A CA  1 
ATOM   528  C C   . LEU A 1 64  ? 0.001   4.402   6.199   1.00 27.83 ? 173 LEU A C   1 
ATOM   529  O O   . LEU A 1 64  ? -1.190  4.613   5.950   1.00 27.94 ? 173 LEU A O   1 
ATOM   530  C CB  . LEU A 1 64  ? 1.083   4.915   3.993   1.00 25.95 ? 173 LEU A CB  1 
ATOM   531  C CG  . LEU A 1 64  ? 1.760   6.247   4.294   1.00 25.78 ? 173 LEU A CG  1 
ATOM   532  C CD1 . LEU A 1 64  ? 3.214   6.025   4.722   1.00 26.04 ? 173 LEU A CD1 1 
ATOM   533  C CD2 . LEU A 1 64  ? 1.695   7.102   3.028   1.00 27.85 ? 173 LEU A CD2 1 
ATOM   534  N N   . VAL A 1 65  ? 0.538   4.591   7.403   1.00 28.99 ? 174 VAL A N   1 
ATOM   535  C CA  . VAL A 1 65  ? -0.257  5.048   8.536   1.00 30.96 ? 174 VAL A CA  1 
ATOM   536  C C   . VAL A 1 65  ? 0.437   6.129   9.352   1.00 32.74 ? 174 VAL A C   1 
ATOM   537  O O   . VAL A 1 65  ? 1.644   6.341   9.250   1.00 32.67 ? 174 VAL A O   1 
ATOM   538  C CB  . VAL A 1 65  ? -0.594  3.887   9.496   1.00 31.40 ? 174 VAL A CB  1 
ATOM   539  C CG1 . VAL A 1 65  ? -1.458  2.868   8.794   1.00 31.60 ? 174 VAL A CG1 1 
ATOM   540  C CG2 . VAL A 1 65  ? 0.685   3.246   9.990   1.00 29.82 ? 174 VAL A CG2 1 
ATOM   541  N N   . GLN A 1 66  ? -0.345  6.790   10.192  1.00 35.06 ? 175 GLN A N   1 
ATOM   542  C CA  . GLN A 1 66  ? 0.172   7.866   11.027  1.00 39.22 ? 175 GLN A CA  1 
ATOM   543  C C   . GLN A 1 66  ? 0.411   7.383   12.456  1.00 41.16 ? 175 GLN A C   1 
ATOM   544  O O   . GLN A 1 66  ? -0.435  6.697   13.019  1.00 41.22 ? 175 GLN A O   1 
ATOM   545  C CB  . GLN A 1 66  ? -0.812  9.049   11.026  1.00 39.11 ? 175 GLN A CB  1 
ATOM   546  C CG  . GLN A 1 66  ? -0.157  10.374  11.440  1.00 40.27 ? 175 GLN A CG  1 
ATOM   547  C CD  . GLN A 1 66  ? -1.148  11.512  11.453  1.00 40.52 ? 175 GLN A CD  1 
ATOM   548  O OE1 . GLN A 1 66  ? -0.811  12.669  11.175  1.00 40.84 ? 175 GLN A OE1 1 
ATOM   549  N NE2 . GLN A 1 66  ? -2.386  11.190  11.786  1.00 40.03 ? 175 GLN A NE2 1 
ATOM   550  N N   . ILE A 1 67  ? 1.560   7.738   13.030  1.00 44.36 ? 176 ILE A N   1 
ATOM   551  C CA  . ILE A 1 67  ? 1.894   7.343   14.400  1.00 48.06 ? 176 ILE A CA  1 
ATOM   552  C C   . ILE A 1 67  ? 1.144   8.238   15.392  1.00 50.21 ? 176 ILE A C   1 
ATOM   553  O O   . ILE A 1 67  ? 1.163   9.460   15.277  1.00 50.50 ? 176 ILE A O   1 
ATOM   554  C CB  . ILE A 1 67  ? 3.392   7.463   14.622  1.00 47.76 ? 176 ILE A CB  1 
ATOM   555  N N   . PRO A 1 68  ? 0.485   7.633   16.391  1.00 52.63 ? 177 PRO A N   1 
ATOM   556  C CA  . PRO A 1 68  ? -0.286  8.339   17.421  1.00 54.50 ? 177 PRO A CA  1 
ATOM   557  C C   . PRO A 1 68  ? 0.432   9.513   18.093  1.00 55.87 ? 177 PRO A C   1 
ATOM   558  O O   . PRO A 1 68  ? -0.108  10.623  18.150  1.00 56.04 ? 177 PRO A O   1 
ATOM   559  C CB  . PRO A 1 68  ? -0.622  7.228   18.411  1.00 54.17 ? 177 PRO A CB  1 
ATOM   560  C CG  . PRO A 1 68  ? -0.772  6.045   17.521  1.00 54.34 ? 177 PRO A CG  1 
ATOM   561  C CD  . PRO A 1 68  ? 0.419   6.177   16.603  1.00 53.50 ? 177 PRO A CD  1 
ATOM   562  N N   . ALA A 1 69  ? 1.641   9.272   18.593  1.00 56.96 ? 178 ALA A N   1 
ATOM   563  C CA  . ALA A 1 69  ? 2.409   10.310  19.277  1.00 58.20 ? 178 ALA A CA  1 
ATOM   564  C C   . ALA A 1 69  ? 2.951   11.387  18.338  1.00 59.06 ? 178 ALA A C   1 
ATOM   565  O O   . ALA A 1 69  ? 2.266   12.373  18.045  1.00 59.56 ? 178 ALA A O   1 
ATOM   566  C CB  . ALA A 1 69  ? 3.555   9.676   20.062  1.00 57.88 ? 178 ALA A CB  1 
ATOM   567  N N   . ASN A 1 70  ? 4.186   11.204  17.882  1.00 59.38 ? 179 ASN A N   1 
ATOM   568  C CA  . ASN A 1 70  ? 4.836   12.157  16.989  1.00 59.94 ? 179 ASN A CA  1 
ATOM   569  C C   . ASN A 1 70  ? 4.037   12.505  15.738  1.00 59.25 ? 179 ASN A C   1 
ATOM   570  O O   . ASN A 1 70  ? 4.266   13.550  15.125  1.00 59.45 ? 179 ASN A O   1 
ATOM   571  C CB  . ASN A 1 70  ? 6.218   11.635  16.577  1.00 61.55 ? 179 ASN A CB  1 
ATOM   572  C CG  . ASN A 1 70  ? 6.169   10.221  16.017  1.00 63.19 ? 179 ASN A CG  1 
ATOM   573  O OD1 . ASN A 1 70  ? 5.289   9.885   15.216  1.00 64.46 ? 179 ASN A OD1 1 
ATOM   574  N ND2 . ASN A 1 70  ? 7.111   9.385   16.435  1.00 63.68 ? 179 ASN A ND2 1 
ATOM   575  N N   . GLY A 1 71  ? 3.118   11.625  15.349  1.00 58.23 ? 180 GLY A N   1 
ATOM   576  C CA  . GLY A 1 71  ? 2.316   11.878  14.165  1.00 56.14 ? 180 GLY A CA  1 
ATOM   577  C C   . GLY A 1 71  ? 3.128   11.780  12.886  1.00 54.86 ? 180 GLY A C   1 
ATOM   578  O O   . GLY A 1 71  ? 2.813   12.429  11.879  1.00 54.23 ? 180 GLY A O   1 
ATOM   579  N N   . SER A 1 72  ? 4.182   10.972  12.925  1.00 52.88 ? 181 SER A N   1 
ATOM   580  C CA  . SER A 1 72  ? 5.038   10.784  11.761  1.00 51.15 ? 181 SER A CA  1 
ATOM   581  C C   . SER A 1 72  ? 4.504   9.632   10.916  1.00 48.87 ? 181 SER A C   1 
ATOM   582  O O   . SER A 1 72  ? 4.186   8.564   11.444  1.00 48.92 ? 181 SER A O   1 
ATOM   583  C CB  . SER A 1 72  ? 6.473   10.465  12.192  1.00 52.43 ? 181 SER A CB  1 
ATOM   584  O OG  . SER A 1 72  ? 6.556   9.175   12.781  1.00 54.15 ? 181 SER A OG  1 
ATOM   585  N N   . TRP A 1 73  ? 4.406   9.854   9.610   1.00 45.51 ? 182 TRP A N   1 
ATOM   586  C CA  . TRP A 1 73  ? 3.925   8.825   8.696   1.00 41.86 ? 182 TRP A CA  1 
ATOM   587  C C   . TRP A 1 73  ? 4.996   7.783   8.429   1.00 40.49 ? 182 TRP A C   1 
ATOM   588  O O   . TRP A 1 73  ? 6.145   8.109   8.132   1.00 40.01 ? 182 TRP A O   1 
ATOM   589  C CB  . TRP A 1 73  ? 3.471   9.445   7.373   1.00 40.78 ? 182 TRP A CB  1 
ATOM   590  C CG  . TRP A 1 73  ? 2.259   10.297  7.521   1.00 38.33 ? 182 TRP A CG  1 
ATOM   591  C CD1 . TRP A 1 73  ? 2.220   11.628  7.813   1.00 37.73 ? 182 TRP A CD1 1 
ATOM   592  C CD2 . TRP A 1 73  ? 0.899   9.856   7.466   1.00 36.76 ? 182 TRP A CD2 1 
ATOM   593  N NE1 . TRP A 1 73  ? 0.920   12.045  7.948   1.00 36.87 ? 182 TRP A NE1 1 
ATOM   594  C CE2 . TRP A 1 73  ? 0.088   10.978  7.742   1.00 36.14 ? 182 TRP A CE2 1 
ATOM   595  C CE3 . TRP A 1 73  ? 0.287   8.622   7.213   1.00 36.43 ? 182 TRP A CE3 1 
ATOM   596  C CZ2 . TRP A 1 73  ? -1.306  10.903  7.774   1.00 35.15 ? 182 TRP A CZ2 1 
ATOM   597  C CZ3 . TRP A 1 73  ? -1.103  8.547   7.246   1.00 35.65 ? 182 TRP A CZ3 1 
ATOM   598  C CH2 . TRP A 1 73  ? -1.882  9.683   7.525   1.00 36.07 ? 182 TRP A CH2 1 
ATOM   599  N N   . GLN A 1 74  ? 4.608   6.519   8.523   1.00 39.27 ? 183 GLN A N   1 
ATOM   600  C CA  . GLN A 1 74  ? 5.545   5.433   8.297   1.00 38.72 ? 183 GLN A CA  1 
ATOM   601  C C   . GLN A 1 74  ? 4.818   4.239   7.697   1.00 36.71 ? 183 GLN A C   1 
ATOM   602  O O   . GLN A 1 74  ? 3.592   4.139   7.774   1.00 35.90 ? 183 GLN A O   1 
ATOM   603  C CB  . GLN A 1 74  ? 6.200   5.039   9.625   1.00 40.96 ? 183 GLN A CB  1 
ATOM   604  C CG  . GLN A 1 74  ? 5.211   4.542   10.664  1.00 43.83 ? 183 GLN A CG  1 
ATOM   605  C CD  . GLN A 1 74  ? 5.761   4.594   12.080  1.00 45.97 ? 183 GLN A CD  1 
ATOM   606  O OE1 . GLN A 1 74  ? 6.889   4.169   12.342  1.00 46.24 ? 183 GLN A OE1 1 
ATOM   607  N NE2 . GLN A 1 74  ? 4.956   5.112   13.004  1.00 46.69 ? 183 GLN A NE2 1 
ATOM   608  N N   . TRP A 1 75  ? 5.576   3.340   7.085   1.00 35.04 ? 184 TRP A N   1 
ATOM   609  C CA  . TRP A 1 75  ? 4.989   2.154   6.499   1.00 33.63 ? 184 TRP A CA  1 
ATOM   610  C C   . TRP A 1 75  ? 4.760   1.125   7.592   1.00 34.72 ? 184 TRP A C   1 
ATOM   611  O O   . TRP A 1 75  ? 5.164   1.325   8.741   1.00 34.31 ? 184 TRP A O   1 
ATOM   612  C CB  . TRP A 1 75  ? 5.906   1.582   5.426   1.00 31.17 ? 184 TRP A CB  1 
ATOM   613  C CG  . TRP A 1 75  ? 6.151   2.532   4.325   1.00 28.74 ? 184 TRP A CG  1 
ATOM   614  C CD1 . TRP A 1 75  ? 7.229   3.350   4.173   1.00 28.11 ? 184 TRP A CD1 1 
ATOM   615  C CD2 . TRP A 1 75  ? 5.274   2.807   3.223   1.00 28.36 ? 184 TRP A CD2 1 
ATOM   616  N NE1 . TRP A 1 75  ? 7.085   4.120   3.041   1.00 28.36 ? 184 TRP A NE1 1 
ATOM   617  C CE2 . TRP A 1 75  ? 5.891   3.806   2.440   1.00 27.05 ? 184 TRP A CE2 1 
ATOM   618  C CE3 . TRP A 1 75  ? 4.027   2.302   2.823   1.00 26.43 ? 184 TRP A CE3 1 
ATOM   619  C CZ2 . TRP A 1 75  ? 5.305   4.317   1.276   1.00 27.13 ? 184 TRP A CZ2 1 
ATOM   620  C CZ3 . TRP A 1 75  ? 3.442   2.808   1.666   1.00 27.04 ? 184 TRP A CZ3 1 
ATOM   621  C CH2 . TRP A 1 75  ? 4.084   3.807   0.906   1.00 26.26 ? 184 TRP A CH2 1 
ATOM   622  N N   . GLU A 1 76  ? 4.109   0.025   7.235   1.00 35.57 ? 185 GLU A N   1 
ATOM   623  C CA  . GLU A 1 76  ? 3.824   -1.024  8.199   1.00 37.22 ? 185 GLU A CA  1 
ATOM   624  C C   . GLU A 1 76  ? 5.062   -1.792  8.651   1.00 36.57 ? 185 GLU A C   1 
ATOM   625  O O   . GLU A 1 76  ? 5.081   -2.340  9.748   1.00 37.77 ? 185 GLU A O   1 
ATOM   626  C CB  . GLU A 1 76  ? 2.793   -2.000  7.628   1.00 38.61 ? 185 GLU A CB  1 
ATOM   627  C CG  . GLU A 1 76  ? 1.351   -1.677  7.983   1.00 42.08 ? 185 GLU A CG  1 
ATOM   628  C CD  . GLU A 1 76  ? 1.087   -1.730  9.476   1.00 44.77 ? 185 GLU A CD  1 
ATOM   629  O OE1 . GLU A 1 76  ? 1.294   -0.705  10.167  1.00 46.66 ? 185 GLU A OE1 1 
ATOM   630  O OE2 . GLU A 1 76  ? 0.674   -2.809  9.957   1.00 47.25 ? 185 GLU A OE2 1 
ATOM   631  N N   . ASP A 1 77  ? 6.089   -1.844  7.811   1.00 36.79 ? 186 ASP A N   1 
ATOM   632  C CA  . ASP A 1 77  ? 7.307   -2.555  8.175   1.00 36.87 ? 186 ASP A CA  1 
ATOM   633  C C   . ASP A 1 77  ? 8.179   -1.686  9.085   1.00 38.32 ? 186 ASP A C   1 
ATOM   634  O O   . ASP A 1 77  ? 9.365   -1.964  9.287   1.00 38.71 ? 186 ASP A O   1 
ATOM   635  C CB  . ASP A 1 77  ? 8.093   -2.955  6.924   1.00 36.15 ? 186 ASP A CB  1 
ATOM   636  C CG  . ASP A 1 77  ? 8.630   -1.762  6.164   1.00 36.14 ? 186 ASP A CG  1 
ATOM   637  O OD1 . ASP A 1 77  ? 8.483   -0.620  6.653   1.00 36.52 ? 186 ASP A OD1 1 
ATOM   638  O OD2 . ASP A 1 77  ? 9.212   -1.968  5.076   1.00 35.82 ? 186 ASP A OD2 1 
ATOM   639  N N   . GLY A 1 78  ? 7.583   -0.625  9.623   1.00 37.66 ? 187 GLY A N   1 
ATOM   640  C CA  . GLY A 1 78  ? 8.318   0.261   10.508  1.00 37.92 ? 187 GLY A CA  1 
ATOM   641  C C   . GLY A 1 78  ? 9.150   1.333   9.829   1.00 37.21 ? 187 GLY A C   1 
ATOM   642  O O   . GLY A 1 78  ? 9.465   2.348   10.449  1.00 37.71 ? 187 GLY A O   1 
ATOM   643  N N   . SER A 1 79  ? 9.519   1.119   8.572   1.00 36.61 ? 188 SER A N   1 
ATOM   644  C CA  . SER A 1 79  ? 10.320  2.107   7.862   1.00 36.85 ? 188 SER A CA  1 
ATOM   645  C C   . SER A 1 79  ? 9.541   3.411   7.757   1.00 36.77 ? 188 SER A C   1 
ATOM   646  O O   . SER A 1 79  ? 8.310   3.419   7.804   1.00 37.31 ? 188 SER A O   1 
ATOM   647  C CB  . SER A 1 79  ? 10.702  1.595   6.465   1.00 37.73 ? 188 SER A CB  1 
ATOM   648  O OG  . SER A 1 79  ? 9.559   1.279   5.695   1.00 38.86 ? 188 SER A OG  1 
ATOM   649  N N   . SER A 1 80  ? 10.252  4.523   7.622   1.00 36.39 ? 189 SER A N   1 
ATOM   650  C CA  . SER A 1 80  ? 9.599   5.818   7.548   1.00 36.53 ? 189 SER A CA  1 
ATOM   651  C C   . SER A 1 80  ? 9.310   6.237   6.103   1.00 34.89 ? 189 SER A C   1 
ATOM   652  O O   . SER A 1 80  ? 10.013  5.845   5.170   1.00 34.55 ? 189 SER A O   1 
ATOM   653  C CB  . SER A 1 80  ? 10.458  6.879   8.233   1.00 37.79 ? 189 SER A CB  1 
ATOM   654  O OG  . SER A 1 80  ? 9.810   8.142   8.218   1.00 40.07 ? 189 SER A OG  1 
ATOM   655  N N   . LEU A 1 81  ? 8.271   7.031   5.925   1.00 34.03 ? 190 LEU A N   1 
ATOM   656  C CA  . LEU A 1 81  ? 7.924   7.512   4.595   1.00 33.06 ? 190 LEU A CA  1 
ATOM   657  C C   . LEU A 1 81  ? 9.043   8.438   4.133   1.00 33.63 ? 190 LEU A C   1 
ATOM   658  O O   . LEU A 1 81  ? 9.496   9.301   4.886   1.00 32.47 ? 190 LEU A O   1 
ATOM   659  C CB  . LEU A 1 81  ? 6.592   8.265   4.632   1.00 31.28 ? 190 LEU A CB  1 
ATOM   660  C CG  . LEU A 1 81  ? 6.187   9.004   3.351   1.00 30.46 ? 190 LEU A CG  1 
ATOM   661  C CD1 . LEU A 1 81  ? 6.093   8.029   2.201   1.00 29.89 ? 190 LEU A CD1 1 
ATOM   662  C CD2 . LEU A 1 81  ? 4.853   9.693   3.568   1.00 30.46 ? 190 LEU A CD2 1 
ATOM   663  N N   . SER A 1 82  ? 9.505   8.228   2.907   1.00 34.19 ? 191 SER A N   1 
ATOM   664  C CA  . SER A 1 82  ? 10.561  9.045   2.329   1.00 36.79 ? 191 SER A CA  1 
ATOM   665  C C   . SER A 1 82  ? 9.948   9.962   1.282   1.00 37.29 ? 191 SER A C   1 
ATOM   666  O O   . SER A 1 82  ? 8.925   9.632   0.687   1.00 37.16 ? 191 SER A O   1 
ATOM   667  C CB  . SER A 1 82  ? 11.625  8.159   1.672   1.00 37.96 ? 191 SER A CB  1 
ATOM   668  O OG  . SER A 1 82  ? 12.311  7.373   2.632   1.00 41.29 ? 191 SER A OG  1 
ATOM   669  N N   . TYR A 1 83  ? 10.579  11.108  1.060   1.00 38.75 ? 192 TYR A N   1 
ATOM   670  C CA  . TYR A 1 83  ? 10.103  12.088  0.084   1.00 40.38 ? 192 TYR A CA  1 
ATOM   671  C C   . TYR A 1 83  ? 10.023  11.547  -1.347  1.00 39.97 ? 192 TYR A C   1 
ATOM   672  O O   . TYR A 1 83  ? 9.055   11.798  -2.060  1.00 40.70 ? 192 TYR A O   1 
ATOM   673  C CB  . TYR A 1 83  ? 11.024  13.314  0.095   1.00 42.81 ? 192 TYR A CB  1 
ATOM   674  C CG  . TYR A 1 83  ? 10.814  14.280  1.244   1.00 44.48 ? 192 TYR A CG  1 
ATOM   675  C CD1 . TYR A 1 83  ? 10.658  13.829  2.556   1.00 44.53 ? 192 TYR A CD1 1 
ATOM   676  C CD2 . TYR A 1 83  ? 10.806  15.659  1.015   1.00 45.86 ? 192 TYR A CD2 1 
ATOM   677  C CE1 . TYR A 1 83  ? 10.499  14.729  3.613   1.00 45.45 ? 192 TYR A CE1 1 
ATOM   678  C CE2 . TYR A 1 83  ? 10.648  16.564  2.060   1.00 47.02 ? 192 TYR A CE2 1 
ATOM   679  C CZ  . TYR A 1 83  ? 10.495  16.097  3.354   1.00 47.31 ? 192 TYR A CZ  1 
ATOM   680  O OH  . TYR A 1 83  ? 10.340  17.013  4.376   1.00 48.47 ? 192 TYR A OH  1 
ATOM   681  N N   . ASN A 1 84  ? 11.040  10.800  -1.762  1.00 39.78 ? 193 ASN A N   1 
ATOM   682  C CA  . ASN A 1 84  ? 11.100  10.264  -3.124  1.00 40.50 ? 193 ASN A CA  1 
ATOM   683  C C   . ASN A 1 84  ? 10.191  9.061   -3.406  1.00 39.44 ? 193 ASN A C   1 
ATOM   684  O O   . ASN A 1 84  ? 10.182  8.539   -4.516  1.00 39.93 ? 193 ASN A O   1 
ATOM   685  C CB  . ASN A 1 84  ? 12.539  9.861   -3.454  1.00 41.99 ? 193 ASN A CB  1 
ATOM   686  C CG  . ASN A 1 84  ? 12.908  8.522   -2.846  1.00 43.84 ? 193 ASN A CG  1 
ATOM   687  O OD1 . ASN A 1 84  ? 12.583  8.255   -1.692  1.00 44.90 ? 193 ASN A OD1 1 
ATOM   688  N ND2 . ASN A 1 84  ? 13.583  7.675   -3.619  1.00 45.45 ? 193 ASN A ND2 1 
ATOM   689  N N   . GLN A 1 85  ? 9.423   8.618   -2.420  1.00 37.95 ? 194 GLN A N   1 
ATOM   690  C CA  . GLN A 1 85  ? 8.560   7.456   -2.631  1.00 37.43 ? 194 GLN A CA  1 
ATOM   691  C C   . GLN A 1 85  ? 7.221   7.835   -3.240  1.00 36.55 ? 194 GLN A C   1 
ATOM   692  O O   . GLN A 1 85  ? 6.727   7.154   -4.133  1.00 36.82 ? 194 GLN A O   1 
ATOM   693  C CB  . GLN A 1 85  ? 8.356   6.718   -1.308  1.00 37.69 ? 194 GLN A CB  1 
ATOM   694  C CG  . GLN A 1 85  ? 9.670   6.341   -0.645  1.00 36.59 ? 194 GLN A CG  1 
ATOM   695  C CD  . GLN A 1 85  ? 9.490   5.518   0.611   1.00 35.26 ? 194 GLN A CD  1 
ATOM   696  O OE1 . GLN A 1 85  ? 8.785   5.920   1.537   1.00 34.82 ? 194 GLN A OE1 1 
ATOM   697  N NE2 . GLN A 1 85  ? 10.140  4.358   0.657   1.00 36.26 ? 194 GLN A NE2 1 
ATOM   698  N N   . LEU A 1 86  ? 6.625   8.914   -2.748  1.00 35.36 ? 195 LEU A N   1 
ATOM   699  C CA  . LEU A 1 86  ? 5.328   9.370   -3.249  1.00 34.43 ? 195 LEU A CA  1 
ATOM   700  C C   . LEU A 1 86  ? 4.958   10.718  -2.696  1.00 33.95 ? 195 LEU A C   1 
ATOM   701  O O   . LEU A 1 86  ? 5.628   11.204  -1.793  1.00 32.25 ? 195 LEU A O   1 
ATOM   702  C CB  . LEU A 1 86  ? 4.246   8.354   -2.938  1.00 34.44 ? 195 LEU A CB  1 
ATOM   703  C CG  . LEU A 1 86  ? 4.006   7.989   -1.469  1.00 34.20 ? 195 LEU A CG  1 
ATOM   704  C CD1 . LEU A 1 86  ? 3.390   9.135   -0.711  1.00 34.39 ? 195 LEU A CD1 1 
ATOM   705  C CD2 . LEU A 1 86  ? 3.069   6.812   -1.417  1.00 34.53 ? 195 LEU A CD2 1 
ATOM   706  N N   . THR A 1 87  ? 3.880   11.309  -3.193  1.00 33.19 ? 196 THR A N   1 
ATOM   707  C CA  . THR A 1 87  ? 3.460   12.629  -2.753  1.00 32.33 ? 196 THR A CA  1 
ATOM   708  C C   . THR A 1 87  ? 2.238   12.393  -1.924  1.00 31.96 ? 196 THR A C   1 
ATOM   709  O O   . THR A 1 87  ? 1.198   12.001  -2.459  1.00 31.32 ? 196 THR A O   1 
ATOM   710  C CB  . THR A 1 87  ? 3.098   13.536  -3.960  1.00 32.57 ? 196 THR A CB  1 
ATOM   711  O OG1 . THR A 1 87  ? 4.240   13.675  -4.806  1.00 33.00 ? 196 THR A OG1 1 
ATOM   712  C CG2 . THR A 1 87  ? 2.633   14.917  -3.501  1.00 32.96 ? 196 THR A CG2 1 
ATOM   713  N N   . LEU A 1 88  ? 2.358   12.598  -0.625  1.00 30.62 ? 197 LEU A N   1 
ATOM   714  C CA  . LEU A 1 88  ? 1.239   12.383  0.265   1.00 30.64 ? 197 LEU A CA  1 
ATOM   715  C C   . LEU A 1 88  ? 0.426   13.651  0.462   1.00 31.16 ? 197 LEU A C   1 
ATOM   716  O O   . LEU A 1 88  ? 0.967   14.686  0.821   1.00 31.83 ? 197 LEU A O   1 
ATOM   717  C CB  . LEU A 1 88  ? 1.733   11.885  1.622   1.00 28.83 ? 197 LEU A CB  1 
ATOM   718  C CG  . LEU A 1 88  ? 0.637   11.665  2.679   1.00 27.49 ? 197 LEU A CG  1 
ATOM   719  C CD1 . LEU A 1 88  ? -0.199  10.440  2.360   1.00 26.58 ? 197 LEU A CD1 1 
ATOM   720  C CD2 . LEU A 1 88  ? 1.254   11.486  4.038   1.00 27.89 ? 197 LEU A CD2 1 
ATOM   721  N N   . VAL A 1 89  ? -0.873  13.565  0.217   1.00 31.65 ? 198 VAL A N   1 
ATOM   722  C CA  . VAL A 1 89  ? -1.772  14.711  0.387   1.00 32.30 ? 198 VAL A CA  1 
ATOM   723  C C   . VAL A 1 89  ? -2.470  14.539  1.735   1.00 33.17 ? 198 VAL A C   1 
ATOM   724  O O   . VAL A 1 89  ? -3.394  13.741  1.876   1.00 32.19 ? 198 VAL A O   1 
ATOM   725  C CB  . VAL A 1 89  ? -2.829  14.764  -0.744  1.00 32.22 ? 198 VAL A CB  1 
ATOM   726  C CG1 . VAL A 1 89  ? -3.749  15.971  -0.569  1.00 31.66 ? 198 VAL A CG1 1 
ATOM   727  C CG2 . VAL A 1 89  ? -2.125  14.833  -2.087  1.00 31.56 ? 198 VAL A CG2 1 
ATOM   728  N N   . GLU A 1 90  ? -2.008  15.287  2.728   1.00 34.98 ? 199 GLU A N   1 
ATOM   729  C CA  . GLU A 1 90  ? -2.556  15.198  4.072   1.00 37.59 ? 199 GLU A CA  1 
ATOM   730  C C   . GLU A 1 90  ? -3.851  15.973  4.310   1.00 38.18 ? 199 GLU A C   1 
ATOM   731  O O   . GLU A 1 90  ? -3.832  17.108  4.779   1.00 39.43 ? 199 GLU A O   1 
ATOM   732  C CB  . GLU A 1 90  ? -1.487  15.641  5.069   1.00 38.34 ? 199 GLU A CB  1 
ATOM   733  C CG  . GLU A 1 90  ? -0.234  14.778  5.014   1.00 41.18 ? 199 GLU A CG  1 
ATOM   734  C CD  . GLU A 1 90  ? 0.789   15.178  6.054   1.00 42.15 ? 199 GLU A CD  1 
ATOM   735  O OE1 . GLU A 1 90  ? 0.374   15.659  7.131   1.00 43.19 ? 199 GLU A OE1 1 
ATOM   736  O OE2 . GLU A 1 90  ? 2.004   15.004  5.803   1.00 44.10 ? 199 GLU A OE2 1 
ATOM   737  N N   . ILE A 1 91  ? -4.976  15.349  3.986   1.00 39.16 ? 200 ILE A N   1 
ATOM   738  C CA  . ILE A 1 91  ? -6.289  15.946  4.190   1.00 39.71 ? 200 ILE A CA  1 
ATOM   739  C C   . ILE A 1 91  ? -6.689  15.677  5.644   1.00 41.18 ? 200 ILE A C   1 
ATOM   740  O O   . ILE A 1 91  ? -6.737  14.528  6.079   1.00 40.46 ? 200 ILE A O   1 
ATOM   741  C CB  . ILE A 1 91  ? -7.323  15.306  3.251   1.00 40.10 ? 200 ILE A CB  1 
ATOM   742  C CG1 . ILE A 1 91  ? -6.854  15.451  1.798   1.00 39.84 ? 200 ILE A CG1 1 
ATOM   743  C CG2 . ILE A 1 91  ? -8.684  15.938  3.469   1.00 39.43 ? 200 ILE A CG2 1 
ATOM   744  C CD1 . ILE A 1 91  ? -6.123  14.248  1.268   1.00 31.19 ? 200 ILE A CD1 1 
ATOM   745  N N   . PRO A 1 92  ? -6.993  16.742  6.406   1.00 41.74 ? 201 PRO A N   1 
ATOM   746  C CA  . PRO A 1 92  ? -7.392  16.770  7.815   1.00 42.44 ? 201 PRO A CA  1 
ATOM   747  C C   . PRO A 1 92  ? -8.064  15.577  8.488   1.00 42.98 ? 201 PRO A C   1 
ATOM   748  O O   . PRO A 1 92  ? -9.060  15.044  8.000   1.00 41.80 ? 201 PRO A O   1 
ATOM   749  C CB  . PRO A 1 92  ? -8.267  18.016  7.886   1.00 42.45 ? 201 PRO A CB  1 
ATOM   750  C CG  . PRO A 1 92  ? -7.518  18.947  6.994   1.00 42.57 ? 201 PRO A CG  1 
ATOM   751  C CD  . PRO A 1 92  ? -7.225  18.065  5.793   1.00 42.43 ? 201 PRO A CD  1 
ATOM   752  N N   . LYS A 1 93  ? -7.489  15.204  9.633   1.00 44.04 ? 202 LYS A N   1 
ATOM   753  C CA  . LYS A 1 93  ? -7.985  14.157  10.523  1.00 44.38 ? 202 LYS A CA  1 
ATOM   754  C C   . LYS A 1 93  ? -7.652  12.684  10.243  1.00 43.69 ? 202 LYS A C   1 
ATOM   755  O O   . LYS A 1 93  ? -7.419  11.923  11.184  1.00 45.09 ? 202 LYS A O   1 
ATOM   756  C CB  . LYS A 1 93  ? -9.500  14.340  10.695  1.00 46.35 ? 202 LYS A CB  1 
ATOM   757  C CG  . LYS A 1 93  ? -9.929  15.814  10.838  1.00 47.34 ? 202 LYS A CG  1 
ATOM   758  C CD  . LYS A 1 93  ? -10.348 16.182  12.245  1.00 48.53 ? 202 LYS A CD  1 
ATOM   759  C CE  . LYS A 1 93  ? -10.680 17.661  12.327  1.00 48.12 ? 202 LYS A CE  1 
ATOM   760  N NZ  . LYS A 1 93  ? -11.230 17.972  13.663  1.00 49.55 ? 202 LYS A NZ  1 
ATOM   761  N N   . GLY A 1 94  ? -7.614  12.274  8.979   1.00 41.40 ? 203 GLY A N   1 
ATOM   762  C CA  . GLY A 1 94  ? -7.314  10.881  8.668   1.00 38.44 ? 203 GLY A CA  1 
ATOM   763  C C   . GLY A 1 94  ? -5.942  10.369  9.086   1.00 35.44 ? 203 GLY A C   1 
ATOM   764  O O   . GLY A 1 94  ? -4.931  11.055  8.923   1.00 34.26 ? 203 GLY A O   1 
ATOM   765  N N   . SER A 1 95  ? -5.905  9.145   9.611   1.00 33.93 ? 204 SER A N   1 
ATOM   766  C CA  . SER A 1 95  ? -4.652  8.536   10.056  1.00 32.96 ? 204 SER A CA  1 
ATOM   767  C C   . SER A 1 95  ? -4.170  7.372   9.179   1.00 32.05 ? 204 SER A C   1 
ATOM   768  O O   . SER A 1 95  ? -3.174  6.715   9.490   1.00 32.06 ? 204 SER A O   1 
ATOM   769  C CB  . SER A 1 95  ? -4.778  8.073   11.511  1.00 35.17 ? 204 SER A CB  1 
ATOM   770  O OG  . SER A 1 95  ? -4.806  9.183   12.399  1.00 36.75 ? 204 SER A OG  1 
ATOM   771  N N   . CYS A 1 96  ? -4.882  7.121   8.088   1.00 30.44 ? 205 CYS A N   1 
ATOM   772  C CA  . CYS A 1 96  ? -4.517  6.068   7.152   1.00 28.70 ? 205 CYS A CA  1 
ATOM   773  C C   . CYS A 1 96  ? -4.464  6.683   5.759   1.00 28.11 ? 205 CYS A C   1 
ATOM   774  O O   . CYS A 1 96  ? -4.990  7.773   5.547   1.00 29.29 ? 205 CYS A O   1 
ATOM   775  C CB  . CYS A 1 96  ? -5.539  4.928   7.229   1.00 29.29 ? 205 CYS A CB  1 
ATOM   776  S SG  . CYS A 1 96  ? -5.343  3.952   8.757   1.00 28.59 ? 205 CYS A SG  1 
ATOM   777  N N   . ALA A 1 97  ? -3.820  6.015   4.811   1.00 26.40 ? 206 ALA A N   1 
ATOM   778  C CA  . ALA A 1 97  ? -3.722  6.574   3.472   1.00 25.46 ? 206 ALA A CA  1 
ATOM   779  C C   . ALA A 1 97  ? -4.110  5.610   2.369   1.00 25.39 ? 206 ALA A C   1 
ATOM   780  O O   . ALA A 1 97  ? -3.819  4.410   2.454   1.00 25.25 ? 206 ALA A O   1 
ATOM   781  C CB  . ALA A 1 97  ? -2.308  7.076   3.226   1.00 23.85 ? 206 ALA A CB  1 
ATOM   782  N N   . VAL A 1 98  ? -4.778  6.143   1.344   1.00 23.76 ? 207 VAL A N   1 
ATOM   783  C CA  . VAL A 1 98  ? -5.160  5.359   0.177   1.00 23.78 ? 207 VAL A CA  1 
ATOM   784  C C   . VAL A 1 98  ? -4.219  5.751   -0.951  1.00 24.04 ? 207 VAL A C   1 
ATOM   785  O O   . VAL A 1 98  ? -3.812  6.915   -1.050  1.00 24.95 ? 207 VAL A O   1 
ATOM   786  C CB  . VAL A 1 98  ? -6.617  5.649   -0.293  1.00 23.50 ? 207 VAL A CB  1 
ATOM   787  C CG1 . VAL A 1 98  ? -7.612  5.131   0.733   1.00 22.03 ? 207 VAL A CG1 1 
ATOM   788  C CG2 . VAL A 1 98  ? -6.809  7.160   -0.530  1.00 24.33 ? 207 VAL A CG2 1 
ATOM   789  N N   . TYR A 1 99  ? -3.842  4.785   -1.785  1.00 21.56 ? 208 TYR A N   1 
ATOM   790  C CA  . TYR A 1 99  ? -2.981  5.072   -2.919  1.00 20.24 ? 208 TYR A CA  1 
ATOM   791  C C   . TYR A 1 99  ? -3.962  5.600   -3.962  1.00 20.61 ? 208 TYR A C   1 
ATOM   792  O O   . TYR A 1 99  ? -5.041  5.046   -4.123  1.00 20.07 ? 208 TYR A O   1 
ATOM   793  C CB  . TYR A 1 99  ? -2.298  3.794   -3.429  1.00 16.88 ? 208 TYR A CB  1 
ATOM   794  C CG  . TYR A 1 99  ? -1.464  4.008   -4.666  1.00 16.04 ? 208 TYR A CG  1 
ATOM   795  C CD1 . TYR A 1 99  ? -0.289  4.755   -4.619  1.00 15.16 ? 208 TYR A CD1 1 
ATOM   796  C CD2 . TYR A 1 99  ? -1.878  3.512   -5.905  1.00 15.11 ? 208 TYR A CD2 1 
ATOM   797  C CE1 . TYR A 1 99  ? 0.445   5.009   -5.773  1.00 15.52 ? 208 TYR A CE1 1 
ATOM   798  C CE2 . TYR A 1 99  ? -1.147  3.766   -7.055  1.00 14.66 ? 208 TYR A CE2 1 
ATOM   799  C CZ  . TYR A 1 99  ? 0.011   4.517   -6.980  1.00 13.51 ? 208 TYR A CZ  1 
ATOM   800  O OH  . TYR A 1 99  ? 0.716   4.825   -8.116  1.00 16.06 ? 208 TYR A OH  1 
ATOM   801  N N   . GLY A 1 100 ? -3.604  6.666   -4.668  1.00 21.60 ? 209 GLY A N   1 
ATOM   802  C CA  . GLY A 1 100 ? -4.536  7.217   -5.635  1.00 22.60 ? 209 GLY A CA  1 
ATOM   803  C C   . GLY A 1 100 ? -3.964  7.417   -7.015  1.00 24.15 ? 209 GLY A C   1 
ATOM   804  O O   . GLY A 1 100 ? -4.285  8.406   -7.689  1.00 24.49 ? 209 GLY A O   1 
ATOM   805  N N   . SER A 1 101 ? -3.116  6.476   -7.432  1.00 23.44 ? 210 SER A N   1 
ATOM   806  C CA  . SER A 1 101 ? -2.493  6.525   -8.746  1.00 23.33 ? 210 SER A CA  1 
ATOM   807  C C   . SER A 1 101 ? -1.394  7.582   -8.814  1.00 23.21 ? 210 SER A C   1 
ATOM   808  O O   . SER A 1 101 ? -1.234  8.375   -7.880  1.00 23.83 ? 210 SER A O   1 
ATOM   809  C CB  . SER A 1 101 ? -3.561  6.826   -9.789  1.00 24.19 ? 210 SER A CB  1 
ATOM   810  O OG  . SER A 1 101 ? -3.003  6.918   -11.073 1.00 25.36 ? 210 SER A OG  1 
ATOM   811  N N   . SER A 1 102 ? -0.619  7.565   -9.898  1.00 22.26 ? 211 SER A N   1 
ATOM   812  C CA  . SER A 1 102 ? 0.438   8.553   -10.126 1.00 24.18 ? 211 SER A CA  1 
ATOM   813  C C   . SER A 1 102 ? 1.359   8.801   -8.947  1.00 24.65 ? 211 SER A C   1 
ATOM   814  O O   . SER A 1 102 ? 1.864   9.911   -8.779  1.00 23.47 ? 211 SER A O   1 
ATOM   815  C CB  . SER A 1 102 ? -0.195  9.887   -10.542 1.00 25.21 ? 211 SER A CB  1 
ATOM   816  O OG  . SER A 1 102 ? -1.008  9.728   -11.693 1.00 27.73 ? 211 SER A OG  1 
ATOM   817  N N   . PHE A 1 103 ? 1.567   7.776   -8.128  1.00 23.51 ? 212 PHE A N   1 
ATOM   818  C CA  . PHE A 1 103 ? 2.429   7.893   -6.961  1.00 24.12 ? 212 PHE A CA  1 
ATOM   819  C C   . PHE A 1 103 ? 2.013   9.024   -6.019  1.00 24.67 ? 212 PHE A C   1 
ATOM   820  O O   . PHE A 1 103 ? 2.840   9.797   -5.537  1.00 23.72 ? 212 PHE A O   1 
ATOM   821  C CB  . PHE A 1 103 ? 3.886   8.066   -7.389  1.00 24.92 ? 212 PHE A CB  1 
ATOM   822  C CG  . PHE A 1 103 ? 4.464   6.848   -8.071  1.00 27.06 ? 212 PHE A CG  1 
ATOM   823  C CD1 . PHE A 1 103 ? 4.836   6.900   -9.404  1.00 27.53 ? 212 PHE A CD1 1 
ATOM   824  C CD2 . PHE A 1 103 ? 4.591   5.639   -7.388  1.00 28.48 ? 212 PHE A CD2 1 
ATOM   825  C CE1 . PHE A 1 103 ? 5.321   5.773   -10.058 1.00 29.68 ? 212 PHE A CE1 1 
ATOM   826  C CE2 . PHE A 1 103 ? 5.077   4.500   -8.034  1.00 29.43 ? 212 PHE A CE2 1 
ATOM   827  C CZ  . PHE A 1 103 ? 5.442   4.571   -9.373  1.00 29.06 ? 212 PHE A CZ  1 
ATOM   828  N N   . LYS A 1 104 ? 0.712   9.112   -5.784  1.00 24.46 ? 213 LYS A N   1 
ATOM   829  C CA  . LYS A 1 104 ? 0.151   10.088  -4.876  1.00 27.16 ? 213 LYS A CA  1 
ATOM   830  C C   . LYS A 1 104 ? -0.709  9.318   -3.906  1.00 26.37 ? 213 LYS A C   1 
ATOM   831  O O   . LYS A 1 104 ? -1.333  8.318   -4.267  1.00 27.93 ? 213 LYS A O   1 
ATOM   832  C CB  . LYS A 1 104 ? -0.719  11.110  -5.621  1.00 29.49 ? 213 LYS A CB  1 
ATOM   833  C CG  . LYS A 1 104 ? 0.027   11.928  -6.655  1.00 33.49 ? 213 LYS A CG  1 
ATOM   834  C CD  . LYS A 1 104 ? -0.814  13.106  -7.142  1.00 37.43 ? 213 LYS A CD  1 
ATOM   835  C CE  . LYS A 1 104 ? -1.118  14.080  -6.012  1.00 39.00 ? 213 LYS A CE  1 
ATOM   836  N NZ  . LYS A 1 104 ? -1.935  15.240  -6.483  1.00 42.45 ? 213 LYS A NZ  1 
ATOM   837  N N   . ALA A 1 105 ? -0.739  9.777   -2.665  1.00 26.16 ? 214 ALA A N   1 
ATOM   838  C CA  . ALA A 1 105 ? -1.547  9.131   -1.652  1.00 25.48 ? 214 ALA A CA  1 
ATOM   839  C C   . ALA A 1 105 ? -2.388  10.191  -0.950  1.00 25.96 ? 214 ALA A C   1 
ATOM   840  O O   . ALA A 1 105 ? -2.016  11.366  -0.916  1.00 26.07 ? 214 ALA A O   1 
ATOM   841  C CB  . ALA A 1 105 ? -0.654  8.410   -0.650  1.00 25.18 ? 214 ALA A CB  1 
ATOM   842  N N   . TYR A 1 106 ? -3.520  9.772   -0.401  1.00 25.28 ? 215 TYR A N   1 
ATOM   843  C CA  . TYR A 1 106 ? -4.408  10.685  0.301   1.00 26.09 ? 215 TYR A CA  1 
ATOM   844  C C   . TYR A 1 106 ? -4.776  10.123  1.663   1.00 26.54 ? 215 TYR A C   1 
ATOM   845  O O   . TYR A 1 106 ? -5.140  8.952   1.777   1.00 27.44 ? 215 TYR A O   1 
ATOM   846  C CB  . TYR A 1 106 ? -5.687  10.910  -0.513  1.00 24.35 ? 215 TYR A CB  1 
ATOM   847  C CG  . TYR A 1 106 ? -5.419  11.423  -1.902  1.00 25.01 ? 215 TYR A CG  1 
ATOM   848  C CD1 . TYR A 1 106 ? -5.196  10.541  -2.962  1.00 24.73 ? 215 TYR A CD1 1 
ATOM   849  C CD2 . TYR A 1 106 ? -5.336  12.793  -2.154  1.00 24.15 ? 215 TYR A CD2 1 
ATOM   850  C CE1 . TYR A 1 106 ? -4.893  11.016  -4.236  1.00 24.72 ? 215 TYR A CE1 1 
ATOM   851  C CE2 . TYR A 1 106 ? -5.037  13.277  -3.420  1.00 23.14 ? 215 TYR A CE2 1 
ATOM   852  C CZ  . TYR A 1 106 ? -4.818  12.390  -4.451  1.00 24.26 ? 215 TYR A CZ  1 
ATOM   853  O OH  . TYR A 1 106 ? -4.526  12.873  -5.695  1.00 23.34 ? 215 TYR A OH  1 
ATOM   854  N N   . THR A 1 107 ? -4.684  10.951  2.697   1.00 26.56 ? 216 THR A N   1 
ATOM   855  C CA  . THR A 1 107 ? -5.039  10.513  4.038   1.00 27.46 ? 216 THR A CA  1 
ATOM   856  C C   . THR A 1 107 ? -6.566  10.404  4.155   1.00 28.61 ? 216 THR A C   1 
ATOM   857  O O   . THR A 1 107 ? -7.303  11.177  3.538   1.00 29.23 ? 216 THR A O   1 
ATOM   858  C CB  . THR A 1 107 ? -4.480  11.487  5.093   1.00 28.64 ? 216 THR A CB  1 
ATOM   859  O OG1 . THR A 1 107 ? -4.948  12.815  4.829   1.00 28.64 ? 216 THR A OG1 1 
ATOM   860  C CG2 . THR A 1 107 ? -2.966  11.504  5.025   1.00 27.37 ? 216 THR A CG2 1 
ATOM   861  N N   . GLU A 1 108 ? -7.022  9.427   4.935   1.00 28.24 ? 217 GLU A N   1 
ATOM   862  C CA  . GLU A 1 108 ? -8.444  9.154   5.149   1.00 29.36 ? 217 GLU A CA  1 
ATOM   863  C C   . GLU A 1 108 ? -8.660  8.568   6.531   1.00 29.40 ? 217 GLU A C   1 
ATOM   864  O O   . GLU A 1 108 ? -7.712  8.144   7.190   1.00 30.08 ? 217 GLU A O   1 
ATOM   865  C CB  . GLU A 1 108 ? -8.964  8.114   4.155   1.00 29.80 ? 217 GLU A CB  1 
ATOM   866  C CG  . GLU A 1 108 ? -9.527  8.668   2.880   1.00 30.81 ? 217 GLU A CG  1 
ATOM   867  C CD  . GLU A 1 108 ? -10.122 7.583   2.008   1.00 30.33 ? 217 GLU A CD  1 
ATOM   868  O OE1 . GLU A 1 108 ? -11.046 6.865   2.461   1.00 30.68 ? 217 GLU A OE1 1 
ATOM   869  O OE2 . GLU A 1 108 ? -9.652  7.456   0.861   1.00 32.14 ? 217 GLU A OE2 1 
ATOM   870  N N   . ASP A 1 109 ? -9.919  8.532   6.947   1.00 29.46 ? 218 ASP A N   1 
ATOM   871  C CA  . ASP A 1 109 ? -10.278 7.957   8.228   1.00 30.23 ? 218 ASP A CA  1 
ATOM   872  C C   . ASP A 1 109 ? -10.058 6.459   8.024   1.00 29.46 ? 218 ASP A C   1 
ATOM   873  O O   . ASP A 1 109 ? -10.532 5.903   7.039   1.00 27.23 ? 218 ASP A O   1 
ATOM   874  C CB  . ASP A 1 109 ? -11.749 8.271   8.537   1.00 31.08 ? 218 ASP A CB  1 
ATOM   875  C CG  . ASP A 1 109 ? -12.297 7.465   9.717   1.00 34.45 ? 218 ASP A CG  1 
ATOM   876  O OD1 . ASP A 1 109 ? -11.539 6.695   10.349  1.00 36.48 ? 218 ASP A OD1 1 
ATOM   877  O OD2 . ASP A 1 109 ? -13.500 7.599   10.023  1.00 36.50 ? 218 ASP A OD2 1 
ATOM   878  N N   . CYS A 1 110 ? -9.340  5.818   8.948   1.00 28.56 ? 219 CYS A N   1 
ATOM   879  C CA  . CYS A 1 110 ? -9.052  4.392   8.836   1.00 28.31 ? 219 CYS A CA  1 
ATOM   880  C C   . CYS A 1 110 ? -10.307 3.523   8.782   1.00 28.08 ? 219 CYS A C   1 
ATOM   881  O O   . CYS A 1 110 ? -10.269 2.407   8.264   1.00 28.04 ? 219 CYS A O   1 
ATOM   882  C CB  . CYS A 1 110 ? -8.147  3.938   9.989   1.00 27.90 ? 219 CYS A CB  1 
ATOM   883  S SG  . CYS A 1 110 ? -6.567  4.842   10.115  1.00 30.78 ? 219 CYS A SG  1 
ATOM   884  N N   . ALA A 1 111 ? -11.425 4.025   9.303   1.00 27.13 ? 220 ALA A N   1 
ATOM   885  C CA  . ALA A 1 111 ? -12.664 3.255   9.282   1.00 26.02 ? 220 ALA A CA  1 
ATOM   886  C C   . ALA A 1 111 ? -13.384 3.269   7.937   1.00 25.79 ? 220 ALA A C   1 
ATOM   887  O O   . ALA A 1 111 ? -14.384 2.583   7.770   1.00 26.25 ? 220 ALA A O   1 
ATOM   888  C CB  . ALA A 1 111 ? -13.616 3.739   10.384  1.00 26.50 ? 220 ALA A CB  1 
ATOM   889  N N   . ASN A 1 112 ? -12.882 4.034   6.972   1.00 26.16 ? 221 ASN A N   1 
ATOM   890  C CA  . ASN A 1 112 ? -13.525 4.089   5.664   1.00 27.06 ? 221 ASN A CA  1 
ATOM   891  C C   . ASN A 1 112 ? -13.367 2.766   4.929   1.00 27.17 ? 221 ASN A C   1 
ATOM   892  O O   . ASN A 1 112 ? -12.360 2.072   5.097   1.00 28.11 ? 221 ASN A O   1 
ATOM   893  C CB  . ASN A 1 112 ? -12.918 5.195   4.795   1.00 28.31 ? 221 ASN A CB  1 
ATOM   894  C CG  . ASN A 1 112 ? -13.262 6.598   5.284   1.00 31.07 ? 221 ASN A CG  1 
ATOM   895  O OD1 . ASN A 1 112 ? -14.028 6.773   6.232   1.00 31.84 ? 221 ASN A OD1 1 
ATOM   896  N ND2 . ASN A 1 112 ? -12.693 7.605   4.625   1.00 31.42 ? 221 ASN A ND2 1 
ATOM   897  N N   . LEU A 1 113 ? -14.358 2.423   4.113   1.00 26.93 ? 222 LEU A N   1 
ATOM   898  C CA  . LEU A 1 113 ? -14.305 1.195   3.337   1.00 26.27 ? 222 LEU A CA  1 
ATOM   899  C C   . LEU A 1 113 ? -13.671 1.475   1.985   1.00 26.06 ? 222 LEU A C   1 
ATOM   900  O O   . LEU A 1 113 ? -14.129 2.346   1.232   1.00 25.90 ? 222 LEU A O   1 
ATOM   901  C CB  . LEU A 1 113 ? -15.707 0.616   3.129   1.00 27.73 ? 222 LEU A CB  1 
ATOM   902  C CG  . LEU A 1 113 ? -16.499 0.163   4.359   1.00 28.09 ? 222 LEU A CG  1 
ATOM   903  C CD1 . LEU A 1 113 ? -17.700 -0.653  3.897   1.00 29.08 ? 222 LEU A CD1 1 
ATOM   904  C CD2 . LEU A 1 113 ? -15.618 -0.671  5.279   1.00 29.23 ? 222 LEU A CD2 1 
ATOM   905  N N   . ASN A 1 114 ? -12.604 0.744   1.678   1.00 23.46 ? 223 ASN A N   1 
ATOM   906  C CA  . ASN A 1 114 ? -11.919 0.906   0.408   1.00 22.12 ? 223 ASN A CA  1 
ATOM   907  C C   . ASN A 1 114 ? -11.441 -0.427  -0.127  1.00 21.73 ? 223 ASN A C   1 
ATOM   908  O O   . ASN A 1 114 ? -11.313 -1.395  0.622   1.00 21.27 ? 223 ASN A O   1 
ATOM   909  C CB  . ASN A 1 114 ? -10.697 1.808   0.566   1.00 22.77 ? 223 ASN A CB  1 
ATOM   910  C CG  . ASN A 1 114 ? -11.059 3.272   0.633   1.00 23.88 ? 223 ASN A CG  1 
ATOM   911  O OD1 . ASN A 1 114 ? -11.562 3.839   -0.338  1.00 22.88 ? 223 ASN A OD1 1 
ATOM   912  N ND2 . ASN A 1 114 ? -10.807 3.891   1.778   1.00 22.70 ? 223 ASN A ND2 1 
ATOM   913  N N   . THR A 1 115 ? -11.198 -0.464  -1.429  1.00 21.32 ? 224 THR A N   1 
ATOM   914  C CA  . THR A 1 115 ? -10.652 -1.652  -2.048  1.00 21.99 ? 224 THR A CA  1 
ATOM   915  C C   . THR A 1 115 ? -9.209  -1.556  -1.569  1.00 21.54 ? 224 THR A C   1 
ATOM   916  O O   . THR A 1 115 ? -8.807  -0.526  -1.015  1.00 21.02 ? 224 THR A O   1 
ATOM   917  C CB  . THR A 1 115 ? -10.705 -1.566  -3.565  1.00 20.41 ? 224 THR A CB  1 
ATOM   918  O OG1 . THR A 1 115 ? -10.134 -0.326  -3.997  1.00 22.27 ? 224 THR A OG1 1 
ATOM   919  C CG2 . THR A 1 115 ? -12.142 -1.675  -4.043  1.00 22.35 ? 224 THR A CG2 1 
ATOM   920  N N   . TYR A 1 116 ? -8.416  -2.598  -1.770  1.00 21.18 ? 225 TYR A N   1 
ATOM   921  C CA  . TYR A 1 116 ? -7.049  -2.536  -1.285  1.00 19.59 ? 225 TYR A CA  1 
ATOM   922  C C   . TYR A 1 116 ? -6.089  -3.367  -2.106  1.00 19.35 ? 225 TYR A C   1 
ATOM   923  O O   . TYR A 1 116 ? -6.508  -4.246  -2.865  1.00 17.75 ? 225 TYR A O   1 
ATOM   924  C CB  . TYR A 1 116 ? -7.001  -2.960  0.187   1.00 18.85 ? 225 TYR A CB  1 
ATOM   925  C CG  . TYR A 1 116 ? -7.584  -4.327  0.461   1.00 18.69 ? 225 TYR A CG  1 
ATOM   926  C CD1 . TYR A 1 116 ? -8.968  -4.527  0.506   1.00 19.45 ? 225 TYR A CD1 1 
ATOM   927  C CD2 . TYR A 1 116 ? -6.747  -5.431  0.660   1.00 20.09 ? 225 TYR A CD2 1 
ATOM   928  C CE1 . TYR A 1 116 ? -9.504  -5.805  0.746   1.00 20.63 ? 225 TYR A CE1 1 
ATOM   929  C CE2 . TYR A 1 116 ? -7.266  -6.701  0.900   1.00 19.06 ? 225 TYR A CE2 1 
ATOM   930  C CZ  . TYR A 1 116 ? -8.632  -6.885  0.938   1.00 21.12 ? 225 TYR A CZ  1 
ATOM   931  O OH  . TYR A 1 116 ? -9.122  -8.150  1.152   1.00 20.78 ? 225 TYR A OH  1 
ATOM   932  N N   . ILE A 1 117 ? -4.801  -3.066  -1.961  1.00 19.08 ? 226 ILE A N   1 
ATOM   933  C CA  . ILE A 1 117 ? -3.753  -3.759  -2.701  1.00 19.26 ? 226 ILE A CA  1 
ATOM   934  C C   . ILE A 1 117 ? -2.756  -4.366  -1.719  1.00 20.77 ? 226 ILE A C   1 
ATOM   935  O O   . ILE A 1 117 ? -2.263  -3.683  -0.818  1.00 18.60 ? 226 ILE A O   1 
ATOM   936  C CB  . ILE A 1 117 ? -3.005  -2.783  -3.622  1.00 18.63 ? 226 ILE A CB  1 
ATOM   937  C CG1 . ILE A 1 117 ? -3.998  -2.136  -4.602  1.00 17.93 ? 226 ILE A CG1 1 
ATOM   938  C CG2 . ILE A 1 117 ? -1.869  -3.512  -4.361  1.00 17.06 ? 226 ILE A CG2 1 
ATOM   939  C CD1 . ILE A 1 117 ? -3.458  -0.926  -5.358  1.00 31.19 ? 226 ILE A CD1 1 
ATOM   940  N N   . CYS A 1 118 ? -2.484  -5.660  -1.873  1.00 22.28 ? 227 CYS A N   1 
ATOM   941  C CA  . CYS A 1 118 ? -1.526  -6.319  -0.992  1.00 22.72 ? 227 CYS A CA  1 
ATOM   942  C C   . CYS A 1 118 ? -0.250  -6.502  -1.779  1.00 23.00 ? 227 CYS A C   1 
ATOM   943  O O   . CYS A 1 118 ? -0.271  -6.585  -3.008  1.00 21.01 ? 227 CYS A O   1 
ATOM   944  C CB  . CYS A 1 118 ? -2.031  -7.693  -0.533  1.00 22.54 ? 227 CYS A CB  1 
ATOM   945  S SG  . CYS A 1 118 ? -3.562  -7.704  0.441   1.00 25.84 ? 227 CYS A SG  1 
ATOM   946  N N   . MET A 1 119 ? 0.870   -6.561  -1.073  1.00 25.23 ? 228 MET A N   1 
ATOM   947  C CA  . MET A 1 119 ? 2.152   -6.756  -1.726  1.00 27.14 ? 228 MET A CA  1 
ATOM   948  C C   . MET A 1 119 ? 3.074   -7.587  -0.854  1.00 27.89 ? 228 MET A C   1 
ATOM   949  O O   . MET A 1 119 ? 3.034   -7.497  0.365   1.00 26.45 ? 228 MET A O   1 
ATOM   950  C CB  . MET A 1 119 ? 2.833   -5.414  -2.008  1.00 27.62 ? 228 MET A CB  1 
ATOM   951  C CG  . MET A 1 119 ? 4.229   -5.562  -2.595  1.00 31.49 ? 228 MET A CG  1 
ATOM   952  S SD  . MET A 1 119 ? 5.169   -4.018  -2.763  1.00 36.00 ? 228 MET A SD  1 
ATOM   953  C CE  . MET A 1 119 ? 4.232   -2.998  -1.794  1.00 36.70 ? 228 MET A CE  1 
ATOM   954  N N   . LYS A 1 120 ? 3.894   -8.407  -1.497  1.00 30.62 ? 229 LYS A N   1 
ATOM   955  C CA  . LYS A 1 120 ? 4.884   -9.221  -0.807  1.00 33.00 ? 229 LYS A CA  1 
ATOM   956  C C   . LYS A 1 120 ? 6.201   -8.688  -1.321  1.00 33.01 ? 229 LYS A C   1 
ATOM   957  O O   . LYS A 1 120 ? 6.489   -8.803  -2.510  1.00 33.97 ? 229 LYS A O   1 
ATOM   958  C CB  . LYS A 1 120 ? 4.743   -10.703 -1.175  1.00 34.34 ? 229 LYS A CB  1 
ATOM   959  C CG  . LYS A 1 120 ? 3.566   -11.370 -0.507  1.00 36.85 ? 229 LYS A CG  1 
ATOM   960  C CD  . LYS A 1 120 ? 3.578   -12.881 -0.722  1.00 40.89 ? 229 LYS A CD  1 
ATOM   961  C CE  . LYS A 1 120 ? 4.910   -13.492 -0.300  1.00 41.81 ? 229 LYS A CE  1 
ATOM   962  N NZ  . LYS A 1 120 ? 5.435   -12.896 0.970   1.00 43.20 ? 229 LYS A NZ  1 
ATOM   963  N N   . ARG A 1 121 ? 6.980   -8.063  -0.448  1.00 34.31 ? 230 ARG A N   1 
ATOM   964  C CA  . ARG A 1 121 ? 8.269   -7.535  -0.859  1.00 35.36 ? 230 ARG A CA  1 
ATOM   965  C C   . ARG A 1 121 ? 9.152   -8.725  -1.194  1.00 37.75 ? 230 ARG A C   1 
ATOM   966  O O   . ARG A 1 121 ? 9.064   -9.776  -0.561  1.00 37.05 ? 230 ARG A O   1 
ATOM   967  C CB  . ARG A 1 121 ? 8.901   -6.707  0.266   1.00 34.76 ? 230 ARG A CB  1 
ATOM   968  C CG  . ARG A 1 121 ? 10.245  -6.086  -0.100  1.00 33.85 ? 230 ARG A CG  1 
ATOM   969  C CD  . ARG A 1 121 ? 10.120  -4.970  -1.138  1.00 33.33 ? 230 ARG A CD  1 
ATOM   970  N NE  . ARG A 1 121 ? 11.411  -4.341  -1.417  1.00 33.09 ? 230 ARG A NE  1 
ATOM   971  C CZ  . ARG A 1 121 ? 12.154  -4.580  -2.496  1.00 32.74 ? 230 ARG A CZ  1 
ATOM   972  N NH1 . ARG A 1 121 ? 11.743  -5.439  -3.422  1.00 32.60 ? 230 ARG A NH1 1 
ATOM   973  N NH2 . ARG A 1 121 ? 13.322  -3.969  -2.645  1.00 33.19 ? 230 ARG A NH2 1 
ATOM   974  N N   . ALA A 1 122 ? 9.997   -8.560  -2.197  1.00 40.16 ? 231 ALA A N   1 
ATOM   975  C CA  . ALA A 1 122 ? 10.878  -9.635  -2.589  1.00 43.16 ? 231 ALA A CA  1 
ATOM   976  C C   . ALA A 1 122 ? 11.850  -9.974  -1.474  1.00 44.95 ? 231 ALA A C   1 
ATOM   977  O O   . ALA A 1 122 ? 11.984  -9.231  -0.497  1.00 45.41 ? 231 ALA A O   1 
ATOM   978  C CB  . ALA A 1 122 ? 11.645  -9.240  -3.825  1.00 42.22 ? 231 ALA A CB  1 
ATOM   979  N N   . VAL A 1 123 ? 12.526  -11.108 -1.640  1.00 47.37 ? 232 VAL A N   1 
ATOM   980  C CA  . VAL A 1 123 ? 13.534  -11.562 -0.685  1.00 49.40 ? 232 VAL A CA  1 
ATOM   981  C C   . VAL A 1 123 ? 14.870  -11.756 -1.403  1.00 50.36 ? 232 VAL A C   1 
ATOM   982  O O   . VAL A 1 123 ? 14.918  -12.496 -2.409  1.00 31.19 ? 232 VAL A O   1 
ATOM   983  C CB  . VAL A 1 123 ? 13.114  -12.889 0.021   1.00 49.78 ? 232 VAL A CB  1 
ATOM   984  C CG1 . VAL A 1 123 ? 11.847  -12.660 0.817   1.00 50.02 ? 232 VAL A CG1 1 
ATOM   985  C CG2 . VAL A 1 123 ? 12.921  -13.998 -1.011  1.00 49.73 ? 232 VAL A CG2 1 
ATOM   986  O OXT . VAL A 1 123 ? 15.852  -11.141 -0.943  1.00 51.64 ? 232 VAL A OXT 1 
HETATM 987  O O   . HOH B 2 .   ? 7.495   -3.724  -8.347  1.00 17.24 ? 1   HOH A O   1 
HETATM 988  O O   . HOH B 2 .   ? -11.745 2.266   -2.585  1.00 28.56 ? 2   HOH A O   1 
HETATM 989  O O   . HOH B 2 .   ? -7.848  -3.126  -5.375  1.00 25.16 ? 3   HOH A O   1 
HETATM 990  O O   . HOH B 2 .   ? -4.803  4.034   -7.252  1.00 20.64 ? 4   HOH A O   1 
HETATM 991  O O   . HOH B 2 .   ? -11.522 1.064   -6.015  1.00 23.34 ? 5   HOH A O   1 
HETATM 992  O O   . HOH B 2 .   ? -11.709 -9.063  -2.706  1.00 25.32 ? 6   HOH A O   1 
HETATM 993  O O   . HOH B 2 .   ? 10.875  -2.597  1.164   1.00 32.58 ? 7   HOH A O   1 
HETATM 994  O O   . HOH B 2 .   ? 5.396   -2.140  4.850   1.00 27.97 ? 8   HOH A O   1 
HETATM 995  O O   . HOH B 2 .   ? 7.381   -0.940  -13.774 1.00 29.93 ? 9   HOH A O   1 
HETATM 996  O O   . HOH B 2 .   ? -11.919 -2.011  11.609  1.00 36.87 ? 10  HOH A O   1 
HETATM 997  O O   . HOH B 2 .   ? -12.962 5.721   -8.099  1.00 29.51 ? 11  HOH A O   1 
HETATM 998  O O   . HOH B 2 .   ? -14.140 2.383   -3.253  1.00 35.34 ? 12  HOH A O   1 
HETATM 999  O O   . HOH B 2 .   ? -9.075  0.515   10.341  1.00 28.33 ? 13  HOH A O   1 
HETATM 1000 O O   . HOH B 2 .   ? 4.805   11.583  -6.684  1.00 37.26 ? 14  HOH A O   1 
HETATM 1001 O O   . HOH B 2 .   ? -9.124  -12.210 2.904   1.00 37.88 ? 15  HOH A O   1 
HETATM 1002 O O   . HOH B 2 .   ? 12.904  5.447   -7.069  1.00 37.82 ? 16  HOH A O   1 
HETATM 1003 O O   . HOH B 2 .   ? 11.261  6.322   -4.774  1.00 35.37 ? 17  HOH A O   1 
HETATM 1004 O O   . HOH B 2 .   ? -11.782 10.549  5.798   1.00 37.58 ? 18  HOH A O   1 
HETATM 1005 O O   . HOH B 2 .   ? -4.535  -16.596 -4.300  1.00 41.37 ? 19  HOH A O   1 
HETATM 1006 O O   . HOH B 2 .   ? -10.813 11.309  -8.810  1.00 34.96 ? 20  HOH A O   1 
HETATM 1007 O O   . HOH B 2 .   ? 0.408   -15.206 -11.669 1.00 38.28 ? 21  HOH A O   1 
HETATM 1008 O O   . HOH B 2 .   ? -8.899  12.828  5.887   1.00 51.02 ? 22  HOH A O   1 
HETATM 1009 O O   . HOH B 2 .   ? 2.544   -2.425  4.474   1.00 40.37 ? 23  HOH A O   1 
HETATM 1010 O O   . HOH B 2 .   ? 13.235  4.170   7.912   1.00 35.79 ? 24  HOH A O   1 
HETATM 1011 O O   . HOH B 2 .   ? -9.602  -3.569  -6.974  1.00 21.31 ? 25  HOH A O   1 
HETATM 1012 O O   . HOH B 2 .   ? -11.140 -1.132  -8.003  1.00 36.06 ? 26  HOH A O   1 
HETATM 1013 O O   . HOH B 2 .   ? 13.790  -1.942  -0.132  1.00 41.74 ? 27  HOH A O   1 
HETATM 1014 O O   . HOH B 2 .   ? 5.772   -4.323  2.910   1.00 44.47 ? 28  HOH A O   1 
HETATM 1015 O O   . HOH B 2 .   ? 6.731   -0.647  -16.340 1.00 29.14 ? 29  HOH A O   1 
HETATM 1016 O O   . HOH B 2 .   ? -10.980 12.261  8.725   1.00 38.32 ? 30  HOH A O   1 
HETATM 1017 O O   . HOH B 2 .   ? -11.053 6.624   -0.763  1.00 27.42 ? 31  HOH A O   1 
HETATM 1018 O O   . HOH B 2 .   ? -8.374  7.780   11.414  1.00 23.63 ? 32  HOH A O   1 
HETATM 1019 O O   . HOH B 2 .   ? 2.017   -16.945 -9.815  1.00 64.03 ? 33  HOH A O   1 
HETATM 1020 O O   . HOH B 2 .   ? 10.113  -0.941  -13.162 1.00 44.30 ? 34  HOH A O   1 
HETATM 1021 O O   . HOH B 2 .   ? -17.211 3.956   4.047   1.00 40.90 ? 35  HOH A O   1 
HETATM 1022 O O   . HOH B 2 .   ? 8.823   -13.395 -4.046  1.00 40.54 ? 36  HOH A O   1 
HETATM 1023 O O   . HOH B 2 .   ? 5.097   -15.641 -9.308  1.00 38.88 ? 37  HOH A O   1 
HETATM 1024 O O   . HOH B 2 .   ? 14.745  -13.555 -20.295 1.00 49.06 ? 38  HOH A O   1 
HETATM 1025 O O   . HOH B 2 .   ? 4.551   -16.946 -1.932  1.00 38.73 ? 39  HOH A O   1 
HETATM 1026 O O   . HOH B 2 .   ? 13.358  -6.482  -6.241  1.00 48.13 ? 40  HOH A O   1 
HETATM 1027 O O   . HOH B 2 .   ? -8.536  -10.492 -6.601  1.00 51.18 ? 41  HOH A O   1 
HETATM 1028 O O   . HOH B 2 .   ? -9.776  -6.024  -8.234  1.00 30.38 ? 42  HOH A O   1 
HETATM 1029 O O   . HOH B 2 .   ? -14.152 0.987   -6.739  1.00 39.70 ? 43  HOH A O   1 
HETATM 1030 O O   . HOH B 2 .   ? -15.562 -2.321  -4.956  1.00 44.35 ? 44  HOH A O   1 
HETATM 1031 O O   . HOH B 2 .   ? -17.548 -4.915  -1.280  1.00 35.01 ? 45  HOH A O   1 
HETATM 1032 O O   . HOH B 2 .   ? -3.074  19.290  6.338   1.00 56.75 ? 46  HOH A O   1 
HETATM 1033 O O   . HOH B 2 .   ? 2.356   -14.838 7.179   1.00 45.00 ? 47  HOH A O   1 
HETATM 1034 O O   . HOH B 2 .   ? 6.470   -7.875  2.343   1.00 43.84 ? 48  HOH A O   1 
HETATM 1035 O O   . HOH B 2 .   ? -3.606  -15.552 -1.472  1.00 47.36 ? 49  HOH A O   1 
HETATM 1036 O O   . HOH B 2 .   ? 3.747   -16.642 0.042   1.00 54.29 ? 50  HOH A O   1 
HETATM 1037 O O   . HOH B 2 .   ? 8.809   5.776   -12.165 1.00 48.99 ? 51  HOH A O   1 
HETATM 1038 O O   . HOH B 2 .   ? 11.751  2.841   -14.479 1.00 48.89 ? 52  HOH A O   1 
HETATM 1039 O O   . HOH B 2 .   ? 1.389   9.064   -13.776 1.00 37.35 ? 53  HOH A O   1 
HETATM 1040 O O   . HOH B 2 .   ? 5.472   1.672   -16.398 1.00 33.00 ? 54  HOH A O   1 
HETATM 1041 O O   . HOH B 2 .   ? -5.953  -14.005 -5.432  1.00 41.24 ? 55  HOH A O   1 
HETATM 1042 O O   . HOH B 2 .   ? 10.086  -1.902  -15.377 1.00 43.86 ? 56  HOH A O   1 
HETATM 1043 O O   . HOH B 2 .   ? -12.240 13.501  -10.255 1.00 40.02 ? 57  HOH A O   1 
HETATM 1044 O O   . HOH B 2 .   ? 15.377  2.699   -6.506  1.00 46.76 ? 58  HOH A O   1 
HETATM 1045 O O   . HOH B 2 .   ? -0.435  -18.098 -10.426 1.00 49.29 ? 59  HOH A O   1 
HETATM 1046 O O   . HOH B 2 .   ? -7.147  7.807   -8.855  1.00 34.99 ? 60  HOH A O   1 
HETATM 1047 O O   . HOH B 2 .   ? 9.904   2.481   13.559  1.00 53.04 ? 61  HOH A O   1 
HETATM 1048 O O   . HOH B 2 .   ? 3.049   15.441  2.945   1.00 51.33 ? 62  HOH A O   1 
HETATM 1049 O O   . HOH B 2 .   ? -6.510  11.363  -7.906  1.00 55.90 ? 63  HOH A O   1 
HETATM 1050 O O   . HOH B 2 .   ? 10.933  3.204   3.422   1.00 47.29 ? 64  HOH A O   1 
HETATM 1051 O O   . HOH B 2 .   ? -16.164 1.282   9.362   1.00 43.79 ? 65  HOH A O   1 
HETATM 1052 O O   . HOH B 2 .   ? 4.008   -4.355  0.947   1.00 44.61 ? 66  HOH A O   1 
HETATM 1053 O O   . HOH B 2 .   ? 2.191   15.651  9.538   1.00 55.00 ? 67  HOH A O   1 
HETATM 1054 O O   . HOH B 2 .   ? -17.523 -5.059  1.868   1.00 62.08 ? 68  HOH A O   1 
HETATM 1055 O O   . HOH B 2 .   ? 3.026   9.388   -12.430 1.00 41.27 ? 69  HOH A O   1 
HETATM 1056 O O   . HOH B 2 .   ? 13.252  6.338   -0.763  1.00 43.84 ? 70  HOH A O   1 
HETATM 1057 O O   . HOH B 2 .   ? -11.029 -9.518  -0.224  1.00 52.38 ? 71  HOH A O   1 
HETATM 1058 O O   . HOH B 2 .   ? 7.660   8.296   -11.766 1.00 49.47 ? 72  HOH A O   1 
HETATM 1059 O O   . HOH B 2 .   ? -8.773  7.407   -10.767 1.00 47.27 ? 73  HOH A O   1 
HETATM 1060 O O   . HOH B 2 .   ? -11.157 13.343  5.014   1.00 47.30 ? 74  HOH A O   1 
HETATM 1061 O O   . HOH B 2 .   ? 9.313   10.920  -5.208  1.00 65.66 ? 75  HOH A O   1 
HETATM 1062 O O   . HOH B 2 .   ? 1.117   8.354   -16.082 1.00 55.15 ? 76  HOH A O   1 
HETATM 1063 O O   . HOH B 2 .   ? 7.724   2.000   14.748  1.00 58.42 ? 77  HOH A O   1 
# 
